data_7LDW
#
_entry.id   7LDW
#
_cell.length_a   84.595
_cell.length_b   79.177
_cell.length_c   152.648
_cell.angle_alpha   90.000
_cell.angle_beta   93.720
_cell.angle_gamma   90.000
#
_symmetry.space_group_name_H-M   'P 1 21 1'
#
loop_
_entity.id
_entity.type
_entity.pdbx_description
1 polymer 'Acetyl-CoA acetyltransferase'
2 non-polymer 'SULFATE ION'
3 non-polymer 'COENZYME A'
4 non-polymer 'AMMONIUM ION'
5 non-polymer GLYCEROL
6 water water
#
_entity_poly.entity_id   1
_entity_poly.type   'polypeptide(L)'
_entity_poly.pdbx_seq_one_letter_code
;MHHHHHHSTPSIVIASAARTAVGSFNGAFANTPAHELGATVISAVLERAGVAAGEVNEVILGQVLPAGEGQNPARQAAMK
AGVPQEATAWGMNQL(SCY)GSGLRAVALGMQQIATGDASIIVAGGMESMSMAPHCAHLRGGVKMGDFKMIDTMIKDGLT
DAFYGYHMGTTAENVAKQWQLSRDEQDAFAVASYNKAEAAQKDGRFKDEIVPFIVKGRKGDITVDADEEIRGATLDKMAK
LRPAFDKEGTVTAGNASTLNDGAAAALLMSEAEASRRGIQPLGRIVSWATVGVDPKVMGTGPIPASRKALERAGWKIGDL
DLVEANEAFAAQACAVNKDLGWDPSIVNVNGGAIAIGHPIGASGARILNTLLFEMKRRGARKGLATLCIGGGMGVAMCIE
SL
;
_entity_poly.pdbx_strand_id   A,B,C,D
#
loop_
_chem_comp.id
_chem_comp.type
_chem_comp.name
_chem_comp.formula
COA non-polymer 'COENZYME A' 'C21 H36 N7 O16 P3 S'
GOL non-polymer GLYCEROL 'C3 H8 O3'
NH4 non-polymer 'AMMONIUM ION' 'H4 N 1'
SO4 non-polymer 'SULFATE ION' 'O4 S -2'
#
# COMPACT_ATOMS: atom_id res chain seq x y z
N PRO A 10 31.59 5.48 42.09
CA PRO A 10 32.54 5.98 41.08
C PRO A 10 32.02 7.22 40.35
N SER A 11 32.89 7.84 39.55
CA SER A 11 32.55 9.03 38.78
C SER A 11 32.73 8.73 37.31
N ILE A 12 31.72 9.07 36.51
CA ILE A 12 31.68 8.78 35.07
C ILE A 12 31.83 10.10 34.33
N VAL A 13 32.71 10.11 33.33
CA VAL A 13 32.98 11.32 32.55
C VAL A 13 32.60 11.07 31.10
N ILE A 14 32.44 12.16 30.36
CA ILE A 14 32.21 12.13 28.92
C ILE A 14 33.52 12.50 28.25
N ALA A 15 34.20 11.50 27.68
CA ALA A 15 35.53 11.71 27.12
C ALA A 15 35.49 12.48 25.80
N SER A 16 34.43 12.31 25.02
CA SER A 16 34.32 12.97 23.73
C SER A 16 32.87 12.92 23.28
N ALA A 17 32.54 13.71 22.27
CA ALA A 17 31.19 13.78 21.75
C ALA A 17 31.23 14.23 20.29
N ALA A 18 30.17 13.90 19.55
CA ALA A 18 30.07 14.28 18.16
C ALA A 18 28.61 14.20 17.73
N ARG A 19 28.30 14.89 16.63
CA ARG A 19 26.97 14.85 16.06
C ARG A 19 27.07 15.17 14.57
N THR A 20 26.07 14.73 13.81
CA THR A 20 26.00 15.10 12.42
C THR A 20 25.30 16.44 12.25
N ALA A 21 25.37 16.98 11.05
CA ALA A 21 24.52 18.10 10.69
C ALA A 21 23.07 17.66 10.68
N VAL A 22 22.19 18.50 11.22
CA VAL A 22 20.77 18.18 11.29
C VAL A 22 20.16 18.48 9.92
N GLY A 23 19.75 17.43 9.20
CA GLY A 23 19.20 17.61 7.88
C GLY A 23 17.71 17.91 7.90
N SER A 24 17.25 18.52 6.81
CA SER A 24 15.85 18.88 6.67
C SER A 24 15.01 17.67 6.27
N PHE A 25 13.70 17.78 6.53
CA PHE A 25 12.77 16.72 6.16
C PHE A 25 12.75 16.54 4.64
N ASN A 26 13.03 15.32 4.20
CA ASN A 26 13.17 14.99 2.78
C ASN A 26 14.23 15.86 2.11
N GLY A 27 15.32 16.10 2.84
CA GLY A 27 16.41 16.93 2.35
C GLY A 27 17.69 16.17 2.07
N ALA A 28 18.76 16.53 2.78
CA ALA A 28 20.07 15.93 2.51
C ALA A 28 20.09 14.45 2.83
N PHE A 29 19.42 14.04 3.91
CA PHE A 29 19.39 12.65 4.34
C PHE A 29 18.07 11.98 3.98
N ALA A 30 17.43 12.42 2.89
CA ALA A 30 16.11 11.93 2.53
C ALA A 30 16.09 10.43 2.27
N ASN A 31 17.23 9.85 1.88
CA ASN A 31 17.31 8.42 1.62
C ASN A 31 18.44 7.76 2.41
N THR A 32 18.90 8.40 3.48
CA THR A 32 19.97 7.85 4.30
C THR A 32 19.39 7.21 5.55
N PRO A 33 19.54 5.91 5.73
CA PRO A 33 19.02 5.26 6.95
C PRO A 33 19.73 5.79 8.19
N ALA A 34 19.04 5.63 9.32
CA ALA A 34 19.53 6.23 10.57
C ALA A 34 20.85 5.59 11.01
N HIS A 35 21.03 4.29 10.76
CA HIS A 35 22.24 3.62 11.24
C HIS A 35 23.48 4.07 10.47
N GLU A 36 23.32 4.50 9.21
CA GLU A 36 24.46 5.07 8.50
C GLU A 36 24.88 6.39 9.12
N LEU A 37 23.91 7.22 9.52
CA LEU A 37 24.23 8.42 10.29
C LEU A 37 24.82 8.06 11.65
N GLY A 38 24.29 7.00 12.28
CA GLY A 38 24.80 6.61 13.58
C GLY A 38 26.22 6.07 13.54
N ALA A 39 26.56 5.33 12.48
CA ALA A 39 27.91 4.79 12.36
C ALA A 39 28.94 5.91 12.24
N THR A 40 28.61 6.98 11.51
CA THR A 40 29.53 8.09 11.35
C THR A 40 29.82 8.76 12.69
N VAL A 41 28.82 8.87 13.55
CA VAL A 41 29.03 9.52 14.85
C VAL A 41 29.79 8.60 15.79
N ILE A 42 29.53 7.30 15.73
CA ILE A 42 30.25 6.36 16.60
C ILE A 42 31.73 6.37 16.25
N SER A 43 32.05 6.40 14.97
CA SER A 43 33.46 6.48 14.56
C SER A 43 34.09 7.80 15.01
N ALA A 44 33.30 8.87 15.06
CA ALA A 44 33.85 10.19 15.40
C ALA A 44 34.24 10.28 16.87
N VAL A 45 33.36 9.81 17.77
CA VAL A 45 33.65 9.91 19.20
C VAL A 45 34.86 9.04 19.56
N LEU A 46 35.15 8.01 18.77
CA LEU A 46 36.33 7.19 19.02
C LEU A 46 37.60 7.91 18.59
N GLU A 47 37.56 8.57 17.43
CA GLU A 47 38.73 9.30 16.95
C GLU A 47 39.04 10.51 17.82
N ARG A 48 38.00 11.17 18.32
CA ARG A 48 38.17 12.37 19.15
C ARG A 48 38.66 12.06 20.56
N ALA A 49 38.62 10.80 20.99
CA ALA A 49 39.08 10.43 22.32
C ALA A 49 40.35 9.60 22.31
N GLY A 50 40.84 9.20 21.14
CA GLY A 50 41.99 8.32 21.07
C GLY A 50 41.69 6.92 21.57
N VAL A 51 40.48 6.43 21.31
CA VAL A 51 40.03 5.12 21.76
C VAL A 51 39.68 4.29 20.53
N ALA A 52 40.28 3.12 20.42
CA ALA A 52 39.99 2.22 19.31
C ALA A 52 38.61 1.58 19.50
N ALA A 53 38.00 1.20 18.37
CA ALA A 53 36.68 0.59 18.41
C ALA A 53 36.69 -0.74 19.17
N GLY A 54 37.81 -1.45 19.16
CA GLY A 54 37.92 -2.72 19.85
C GLY A 54 37.83 -2.63 21.36
N GLU A 55 37.81 -1.43 21.92
CA GLU A 55 37.71 -1.26 23.36
C GLU A 55 36.29 -0.97 23.81
N VAL A 56 35.36 -0.73 22.89
CA VAL A 56 33.99 -0.43 23.25
C VAL A 56 33.30 -1.68 23.77
N ASN A 57 32.64 -1.55 24.93
CA ASN A 57 31.88 -2.65 25.51
C ASN A 57 30.45 -2.72 24.97
N GLU A 58 29.77 -1.57 24.90
CA GLU A 58 28.37 -1.56 24.52
C GLU A 58 28.03 -0.25 23.81
N VAL A 59 27.02 -0.32 22.94
CA VAL A 59 26.51 0.83 22.20
C VAL A 59 25.02 0.95 22.48
N ILE A 60 24.60 2.07 23.05
CA ILE A 60 23.20 2.32 23.40
C ILE A 60 22.74 3.51 22.58
N LEU A 61 21.85 3.26 21.61
CA LEU A 61 21.38 4.30 20.70
C LEU A 61 19.87 4.44 20.82
N GLY A 62 19.42 5.61 21.28
CA GLY A 62 18.00 5.88 21.29
C GLY A 62 17.47 6.10 19.89
N GLN A 63 16.31 5.52 19.60
CA GLN A 63 15.67 5.66 18.30
C GLN A 63 14.17 5.44 18.46
N VAL A 64 13.39 6.28 17.79
CA VAL A 64 11.94 6.28 17.96
C VAL A 64 11.23 5.66 16.76
N LEU A 65 11.77 5.80 15.54
CA LEU A 65 11.14 5.31 14.32
C LEU A 65 12.07 4.30 13.65
N PRO A 66 12.16 3.08 14.16
CA PRO A 66 13.02 2.06 13.54
C PRO A 66 12.30 1.13 12.57
N ALA A 67 11.03 1.38 12.26
CA ALA A 67 10.27 0.49 11.42
C ALA A 67 10.84 0.45 10.00
N GLY A 68 11.13 -0.76 9.53
CA GLY A 68 11.65 -0.96 8.19
C GLY A 68 13.15 -0.87 8.05
N GLU A 69 13.89 -0.61 9.13
CA GLU A 69 15.34 -0.50 9.07
C GLU A 69 16.05 -1.83 9.31
N GLY A 70 15.32 -2.87 9.71
CA GLY A 70 15.92 -4.17 9.95
C GLY A 70 16.16 -4.42 11.43
N GLN A 71 16.79 -5.57 11.68
CA GLN A 71 17.02 -6.03 13.04
C GLN A 71 18.00 -5.12 13.78
N ASN A 72 17.52 -4.51 14.87
CA ASN A 72 18.31 -3.75 15.84
C ASN A 72 19.27 -2.78 15.14
N PRO A 73 18.80 -1.61 14.72
CA PRO A 73 19.68 -0.68 13.99
C PRO A 73 20.91 -0.24 14.78
N ALA A 74 20.84 -0.27 16.12
CA ALA A 74 22.02 0.06 16.91
C ALA A 74 23.15 -0.93 16.64
N ARG A 75 22.83 -2.21 16.52
CA ARG A 75 23.84 -3.21 16.19
C ARG A 75 24.42 -2.97 14.79
N GLN A 76 23.57 -2.60 13.84
CA GLN A 76 24.04 -2.31 12.49
C GLN A 76 24.98 -1.12 12.48
N ALA A 77 24.62 -0.06 13.21
CA ALA A 77 25.47 1.12 13.27
C ALA A 77 26.80 0.81 13.95
N ALA A 78 26.77 -0.03 14.98
CA ALA A 78 28.00 -0.37 15.69
C ALA A 78 28.92 -1.22 14.81
N MET A 79 28.36 -2.18 14.08
CA MET A 79 29.17 -3.03 13.20
C MET A 79 29.78 -2.21 12.07
N LYS A 80 28.99 -1.31 11.47
CA LYS A 80 29.52 -0.46 10.39
C LYS A 80 30.60 0.49 10.89
N ALA A 81 30.53 0.90 12.15
CA ALA A 81 31.54 1.76 12.76
C ALA A 81 32.83 1.02 13.13
N GLY A 82 32.85 -0.30 12.99
CA GLY A 82 34.03 -1.07 13.32
C GLY A 82 34.04 -1.66 14.72
N VAL A 83 32.96 -1.50 15.47
CA VAL A 83 32.89 -2.11 16.80
C VAL A 83 32.85 -3.63 16.66
N PRO A 84 33.66 -4.37 17.42
CA PRO A 84 33.73 -5.82 17.22
C PRO A 84 32.45 -6.53 17.63
N GLN A 85 32.27 -7.72 17.07
CA GLN A 85 31.06 -8.50 17.31
C GLN A 85 30.94 -8.96 18.76
N GLU A 86 32.05 -8.99 19.50
CA GLU A 86 31.99 -9.38 20.90
C GLU A 86 31.21 -8.36 21.73
N ALA A 87 31.20 -7.10 21.31
CA ALA A 87 30.47 -6.08 22.03
C ALA A 87 28.97 -6.24 21.80
N THR A 88 28.19 -5.55 22.63
CA THR A 88 26.74 -5.59 22.56
C THR A 88 26.19 -4.22 22.17
N ALA A 89 24.96 -4.23 21.68
CA ALA A 89 24.30 -3.02 21.26
C ALA A 89 22.78 -3.20 21.37
N TRP A 90 22.09 -2.12 21.72
CA TRP A 90 20.64 -2.17 21.81
C TRP A 90 20.08 -0.76 21.69
N GLY A 91 18.82 -0.70 21.28
CA GLY A 91 18.12 0.56 21.18
C GLY A 91 17.13 0.74 22.32
N MET A 92 16.71 1.99 22.50
CA MET A 92 15.74 2.33 23.53
C MET A 92 14.85 3.45 23.01
N ASN A 93 13.63 3.53 23.54
CA ASN A 93 12.65 4.50 23.08
C ASN A 93 11.99 5.15 24.30
N GLN A 94 12.39 6.37 24.59
CA GLN A 94 11.66 7.27 25.47
C GLN A 94 11.35 8.57 24.72
N LEU A 95 10.98 8.43 23.46
CA LEU A 95 10.65 9.53 22.57
C LEU A 95 11.77 10.58 22.50
N SCY A 96 11.42 11.85 22.61
CA SCY A 96 12.38 12.94 22.46
CB SCY A 96 11.69 14.29 22.59
SG SCY A 96 10.42 14.47 21.35
CD SCY A 96 9.01 13.74 21.97
OCD SCY A 96 8.72 13.52 23.15
CE SCY A 96 8.08 13.36 20.86
C SCY A 96 13.59 12.96 23.46
O SCY A 96 14.60 13.65 23.19
N GLY A 97 13.49 12.21 24.56
CA GLY A 97 14.56 12.15 25.53
C GLY A 97 15.42 10.92 25.41
N SER A 98 15.22 10.15 24.34
CA SER A 98 15.95 8.91 24.15
C SER A 98 17.46 9.16 24.06
N GLY A 99 17.86 10.19 23.31
CA GLY A 99 19.28 10.44 23.15
C GLY A 99 19.97 10.79 24.45
N LEU A 100 19.31 11.58 25.31
CA LEU A 100 19.91 11.93 26.59
C LEU A 100 19.75 10.81 27.61
N ARG A 101 18.64 10.07 27.55
CA ARG A 101 18.45 8.96 28.48
C ARG A 101 19.44 7.83 28.22
N ALA A 102 19.79 7.60 26.95
CA ALA A 102 20.76 6.57 26.63
C ALA A 102 22.12 6.87 27.27
N VAL A 103 22.46 8.15 27.39
CA VAL A 103 23.69 8.52 28.10
C VAL A 103 23.56 8.20 29.59
N ALA A 104 22.39 8.46 30.17
CA ALA A 104 22.18 8.14 31.58
C ALA A 104 22.23 6.64 31.81
N LEU A 105 21.67 5.86 30.88
CA LEU A 105 21.75 4.40 31.00
C LEU A 105 23.19 3.91 30.84
N GLY A 106 23.91 4.46 29.86
CA GLY A 106 25.31 4.09 29.70
C GLY A 106 26.17 4.44 30.90
N MET A 107 25.86 5.56 31.56
CA MET A 107 26.57 5.93 32.77
C MET A 107 26.35 4.89 33.88
N GLN A 108 25.16 4.30 33.93
CA GLN A 108 24.86 3.31 34.96
C GLN A 108 25.58 2.00 34.71
N GLN A 109 25.80 1.63 33.45
CA GLN A 109 26.57 0.43 33.15
C GLN A 109 27.97 0.50 33.76
N ILE A 110 28.60 1.67 33.64
CA ILE A 110 29.94 1.86 34.21
C ILE A 110 29.86 1.98 35.72
N ALA A 111 28.80 2.61 36.24
CA ALA A 111 28.68 2.80 37.68
C ALA A 111 28.50 1.47 38.41
N THR A 112 27.72 0.55 37.84
CA THR A 112 27.53 -0.76 38.44
C THR A 112 28.66 -1.73 38.13
N GLY A 113 29.67 -1.30 37.37
CA GLY A 113 30.80 -2.15 37.06
C GLY A 113 30.59 -3.17 35.96
N ASP A 114 29.47 -3.12 35.25
CA ASP A 114 29.17 -4.06 34.19
C ASP A 114 29.79 -3.69 32.85
N ALA A 115 30.46 -2.55 32.77
CA ALA A 115 31.12 -2.13 31.54
C ALA A 115 32.18 -1.09 31.86
N SER A 116 33.07 -0.85 30.91
CA SER A 116 34.16 0.11 31.06
C SER A 116 34.04 1.29 30.11
N ILE A 117 33.66 1.06 28.85
CA ILE A 117 33.56 2.12 27.86
C ILE A 117 32.24 1.95 27.12
N ILE A 118 31.41 2.99 27.12
CA ILE A 118 30.10 2.97 26.49
C ILE A 118 30.05 4.07 25.45
N VAL A 119 29.44 3.77 24.31
CA VAL A 119 29.09 4.79 23.31
C VAL A 119 27.58 4.93 23.37
N ALA A 120 27.12 6.11 23.76
CA ALA A 120 25.69 6.36 23.95
C ALA A 120 25.28 7.60 23.17
N GLY A 121 24.03 7.59 22.72
CA GLY A 121 23.50 8.71 21.95
C GLY A 121 22.16 8.38 21.32
N GLY A 122 21.91 8.91 20.14
CA GLY A 122 20.65 8.64 19.45
C GLY A 122 20.77 8.93 17.98
N MET A 123 19.83 8.38 17.22
CA MET A 123 19.78 8.56 15.78
C MET A 123 18.33 8.48 15.32
N GLU A 124 18.01 9.28 14.31
CA GLU A 124 16.65 9.32 13.78
C GLU A 124 16.67 9.77 12.34
N SER A 125 15.87 9.09 11.51
CA SER A 125 15.68 9.45 10.10
C SER A 125 14.17 9.52 9.86
N MET A 126 13.56 10.65 10.21
CA MET A 126 12.13 10.82 10.03
C MET A 126 11.73 10.86 8.56
N SER A 127 12.68 11.18 7.67
CA SER A 127 12.39 11.12 6.24
C SER A 127 12.17 9.68 5.77
N MET A 128 12.87 8.72 6.38
CA MET A 128 12.79 7.32 5.99
C MET A 128 11.66 6.56 6.68
N ALA A 129 10.85 7.24 7.48
CA ALA A 129 9.75 6.56 8.17
C ALA A 129 8.71 6.14 7.14
N PRO A 130 8.26 4.89 7.15
CA PRO A 130 7.33 4.41 6.12
C PRO A 130 5.86 4.58 6.52
N HIS A 131 5.00 4.33 5.55
CA HIS A 131 3.57 4.18 5.80
C HIS A 131 3.23 2.71 5.99
N CYS A 132 2.31 2.42 6.91
CA CYS A 132 2.04 1.04 7.27
C CYS A 132 0.54 0.81 7.41
N ALA A 133 0.16 -0.47 7.39
CA ALA A 133 -1.21 -0.90 7.59
C ALA A 133 -1.21 -2.38 7.97
N HIS A 134 -2.08 -2.74 8.91
CA HIS A 134 -2.22 -4.12 9.33
C HIS A 134 -3.09 -4.86 8.31
N LEU A 135 -2.51 -5.84 7.63
CA LEU A 135 -3.16 -6.49 6.50
C LEU A 135 -3.24 -8.01 6.63
N ARG A 136 -2.96 -8.56 7.81
CA ARG A 136 -2.95 -10.02 7.95
C ARG A 136 -4.37 -10.58 7.89
N GLY A 137 -5.32 -9.94 8.57
CA GLY A 137 -6.69 -10.42 8.51
C GLY A 137 -7.33 -10.28 7.15
N GLY A 138 -6.89 -9.29 6.37
CA GLY A 138 -7.44 -9.09 5.04
C GLY A 138 -8.62 -8.15 4.99
N VAL A 139 -8.68 -7.32 3.95
CA VAL A 139 -9.76 -6.37 3.74
C VAL A 139 -10.71 -6.99 2.72
N LYS A 140 -11.82 -7.58 3.19
CA LYS A 140 -12.74 -8.23 2.28
C LYS A 140 -13.40 -7.25 1.33
N MET A 141 -13.67 -6.02 1.78
CA MET A 141 -14.30 -5.01 0.96
C MET A 141 -14.18 -3.67 1.67
N GLY A 142 -14.17 -2.60 0.86
CA GLY A 142 -14.10 -1.25 1.37
C GLY A 142 -12.68 -0.71 1.45
N ASP A 143 -12.58 0.57 1.76
CA ASP A 143 -11.30 1.25 1.82
C ASP A 143 -10.69 1.15 3.22
N PHE A 144 -9.36 1.27 3.26
CA PHE A 144 -8.62 1.31 4.51
C PHE A 144 -7.51 2.34 4.38
N LYS A 145 -6.90 2.70 5.51
CA LYS A 145 -5.94 3.78 5.59
C LYS A 145 -4.53 3.26 5.78
N MET A 146 -3.59 3.81 5.02
CA MET A 146 -2.16 3.64 5.26
C MET A 146 -1.71 4.68 6.28
N ILE A 147 -1.14 4.23 7.39
CA ILE A 147 -0.82 5.10 8.52
C ILE A 147 0.63 5.57 8.40
N ASP A 148 0.84 6.88 8.54
CA ASP A 148 2.18 7.44 8.61
C ASP A 148 2.78 7.12 9.97
N THR A 149 3.81 6.27 9.98
CA THR A 149 4.40 5.84 11.25
C THR A 149 5.04 7.01 12.01
N MET A 150 5.48 8.04 11.28
CA MET A 150 6.05 9.21 11.96
C MET A 150 4.99 9.96 12.75
N ILE A 151 3.82 10.18 12.15
CA ILE A 151 2.74 10.87 12.85
C ILE A 151 2.19 10.01 13.97
N LYS A 152 1.97 8.71 13.69
CA LYS A 152 1.30 7.84 14.65
C LYS A 152 2.18 7.56 15.86
N ASP A 153 3.39 7.05 15.63
CA ASP A 153 4.25 6.62 16.72
C ASP A 153 5.18 7.71 17.24
N GLY A 154 5.14 8.91 16.68
CA GLY A 154 6.06 9.94 17.10
C GLY A 154 5.44 11.24 17.56
N LEU A 155 4.42 11.73 16.85
CA LEU A 155 3.91 13.07 17.06
C LEU A 155 2.44 13.11 17.48
N THR A 156 1.86 11.97 17.86
CA THR A 156 0.46 11.93 18.25
C THR A 156 0.34 11.34 19.65
N ASP A 157 -0.37 12.05 20.53
CA ASP A 157 -0.59 11.55 21.89
C ASP A 157 -1.52 10.34 21.84
N ALA A 158 -1.10 9.26 22.50
CA ALA A 158 -1.88 8.02 22.46
C ALA A 158 -3.16 8.12 23.28
N PHE A 159 -3.18 8.97 24.30
CA PHE A 159 -4.32 9.03 25.21
C PHE A 159 -5.41 9.98 24.71
N TYR A 160 -5.03 11.11 24.13
CA TYR A 160 -5.99 12.12 23.70
C TYR A 160 -6.13 12.21 22.18
N GLY A 161 -5.17 11.71 21.42
CA GLY A 161 -5.31 11.57 19.99
C GLY A 161 -4.82 12.73 19.15
N TYR A 162 -4.59 13.89 19.73
CA TYR A 162 -4.16 15.03 18.93
C TYR A 162 -2.65 15.13 18.86
N HIS A 163 -2.19 16.01 17.99
CA HIS A 163 -0.77 16.22 17.73
C HIS A 163 -0.08 16.83 18.96
N MET A 164 1.25 16.72 19.00
CA MET A 164 2.02 17.36 20.06
C MET A 164 1.85 18.88 20.05
N GLY A 165 1.60 19.46 18.87
CA GLY A 165 1.36 20.90 18.82
C GLY A 165 0.13 21.32 19.59
N THR A 166 -0.86 20.43 19.71
CA THR A 166 -2.03 20.74 20.51
C THR A 166 -1.68 20.80 21.99
N THR A 167 -0.74 19.97 22.44
CA THR A 167 -0.28 20.05 23.82
C THR A 167 0.42 21.38 24.09
N ALA A 168 1.15 21.90 23.10
CA ALA A 168 1.78 23.21 23.23
C ALA A 168 0.72 24.31 23.32
N GLU A 169 -0.39 24.15 22.60
CA GLU A 169 -1.49 25.10 22.73
C GLU A 169 -2.05 25.12 24.14
N ASN A 170 -2.08 23.96 24.80
CA ASN A 170 -2.53 23.91 26.19
C ASN A 170 -1.57 24.64 27.11
N VAL A 171 -0.26 24.50 26.85
CA VAL A 171 0.73 25.24 27.64
C VAL A 171 0.61 26.73 27.39
N ALA A 172 0.33 27.12 26.14
CA ALA A 172 0.16 28.54 25.82
C ALA A 172 -1.05 29.13 26.54
N LYS A 173 -2.13 28.35 26.66
CA LYS A 173 -3.33 28.85 27.34
C LYS A 173 -3.13 28.89 28.85
N GLN A 174 -2.59 27.82 29.42
CA GLN A 174 -2.42 27.76 30.87
C GLN A 174 -1.42 28.80 31.36
N TRP A 175 -0.39 29.09 30.58
CA TRP A 175 0.61 30.09 30.94
C TRP A 175 0.34 31.45 30.31
N GLN A 176 -0.73 31.58 29.52
CA GLN A 176 -1.13 32.83 28.89
C GLN A 176 0.01 33.44 28.08
N LEU A 177 0.46 32.69 27.08
CA LEU A 177 1.54 33.08 26.19
C LEU A 177 0.90 33.49 24.85
N SER A 178 1.06 34.76 24.48
CA SER A 178 0.45 35.27 23.27
C SER A 178 1.23 34.83 22.03
N ARG A 179 0.61 35.03 20.86
CA ARG A 179 1.26 34.75 19.60
C ARG A 179 2.51 35.60 19.40
N ASP A 180 2.49 36.85 19.89
CA ASP A 180 3.63 37.73 19.70
C ASP A 180 4.82 37.29 20.54
N GLU A 181 4.58 36.83 21.77
CA GLU A 181 5.69 36.38 22.61
C GLU A 181 6.29 35.08 22.08
N GLN A 182 5.49 34.26 21.41
CA GLN A 182 6.00 33.02 20.84
C GLN A 182 6.80 33.28 19.56
N ASP A 183 6.35 34.22 18.72
CA ASP A 183 7.09 34.57 17.52
C ASP A 183 8.40 35.26 17.86
N ALA A 184 8.40 36.11 18.90
CA ALA A 184 9.63 36.77 19.32
C ALA A 184 10.65 35.76 19.81
N PHE A 185 10.18 34.71 20.49
CA PHE A 185 11.09 33.65 20.92
C PHE A 185 11.64 32.89 19.71
N ALA A 186 10.81 32.68 18.69
CA ALA A 186 11.24 31.93 17.52
C ALA A 186 12.30 32.70 16.73
N VAL A 187 12.04 33.98 16.46
CA VAL A 187 13.01 34.78 15.71
C VAL A 187 14.31 34.90 16.49
N ALA A 188 14.23 35.10 17.81
CA ALA A 188 15.42 35.16 18.63
C ALA A 188 16.21 33.85 18.59
N SER A 189 15.51 32.72 18.43
CA SER A 189 16.19 31.45 18.32
C SER A 189 16.90 31.31 16.97
N TYR A 190 16.26 31.77 15.90
CA TYR A 190 16.91 31.73 14.59
C TYR A 190 18.15 32.61 14.55
N ASN A 191 18.07 33.80 15.14
CA ASN A 191 19.19 34.74 15.09
C ASN A 191 20.38 34.22 15.89
N LYS A 192 20.13 33.58 17.03
CA LYS A 192 21.22 33.01 17.82
C LYS A 192 21.88 31.84 17.08
N ALA A 193 21.10 31.09 16.31
CA ALA A 193 21.67 29.95 15.60
C ALA A 193 22.46 30.40 14.37
N GLU A 194 21.96 31.40 13.64
CA GLU A 194 22.69 31.87 12.47
C GLU A 194 24.00 32.55 12.87
N ALA A 195 24.02 33.24 14.01
CA ALA A 195 25.27 33.85 14.47
C ALA A 195 26.27 32.80 14.88
N ALA A 196 25.81 31.74 15.55
CA ALA A 196 26.72 30.67 15.96
C ALA A 196 27.26 29.93 14.74
N GLN A 197 26.43 29.78 13.70
CA GLN A 197 26.89 29.07 12.50
C GLN A 197 27.91 29.88 11.73
N LYS A 198 27.68 31.19 11.60
CA LYS A 198 28.63 32.05 10.89
C LYS A 198 29.95 32.15 11.63
N ASP A 199 29.90 32.19 12.96
CA ASP A 199 31.11 32.26 13.78
C ASP A 199 31.81 30.92 13.93
N GLY A 200 31.24 29.84 13.39
CA GLY A 200 31.87 28.54 13.47
C GLY A 200 31.76 27.84 14.80
N ARG A 201 30.78 28.21 15.62
CA ARG A 201 30.59 27.57 16.92
C ARG A 201 29.99 26.18 16.83
N PHE A 202 29.63 25.71 15.63
CA PHE A 202 29.12 24.36 15.45
C PHE A 202 30.11 23.43 14.78
N LYS A 203 31.27 23.94 14.35
CA LYS A 203 32.21 23.10 13.61
C LYS A 203 32.85 22.04 14.50
N ASP A 204 33.06 22.34 15.78
CA ASP A 204 33.68 21.38 16.68
C ASP A 204 32.79 20.16 16.91
N GLU A 205 31.49 20.38 17.10
CA GLU A 205 30.60 19.28 17.42
C GLU A 205 30.16 18.50 16.18
N ILE A 206 30.09 19.15 15.03
CA ILE A 206 29.61 18.50 13.81
C ILE A 206 30.73 17.67 13.21
N VAL A 207 30.43 16.41 12.92
CA VAL A 207 31.27 15.55 12.09
C VAL A 207 30.67 15.53 10.69
N PRO A 208 31.47 15.73 9.63
CA PRO A 208 30.91 15.73 8.29
C PRO A 208 30.37 14.37 7.90
N PHE A 209 29.31 14.37 7.10
CA PHE A 209 28.72 13.13 6.61
C PHE A 209 28.70 13.15 5.09
N ILE A 210 29.18 12.07 4.49
CA ILE A 210 29.23 11.93 3.03
C ILE A 210 28.00 11.13 2.59
N VAL A 211 27.10 11.79 1.86
CA VAL A 211 25.93 11.14 1.29
C VAL A 211 26.33 10.55 -0.05
N LYS A 212 26.49 9.24 -0.09
CA LYS A 212 26.89 8.54 -1.31
C LYS A 212 25.71 8.43 -2.25
N GLY A 213 25.83 9.01 -3.44
CA GLY A 213 24.81 8.94 -4.45
C GLY A 213 25.36 8.35 -5.73
N ARG A 214 24.44 8.06 -6.67
CA ARG A 214 24.85 7.44 -7.93
C ARG A 214 25.59 8.41 -8.83
N LYS A 215 25.26 9.70 -8.77
CA LYS A 215 25.89 10.69 -9.63
C LYS A 215 26.78 11.64 -8.83
N GLY A 216 27.69 11.08 -8.04
CA GLY A 216 28.62 11.87 -7.24
C GLY A 216 28.18 11.98 -5.79
N ASP A 217 29.16 12.00 -4.89
CA ASP A 217 28.93 12.10 -3.46
C ASP A 217 28.78 13.56 -3.02
N ILE A 218 28.03 13.76 -1.94
CA ILE A 218 27.78 15.08 -1.37
C ILE A 218 28.17 15.06 0.11
N THR A 219 28.91 16.06 0.55
CA THR A 219 29.33 16.20 1.93
C THR A 219 28.39 17.15 2.65
N VAL A 220 27.72 16.65 3.69
CA VAL A 220 26.81 17.45 4.50
C VAL A 220 27.59 17.87 5.74
N ASP A 221 27.81 19.18 5.88
CA ASP A 221 28.66 19.72 6.92
C ASP A 221 28.01 20.81 7.76
N ALA A 222 26.86 21.33 7.35
CA ALA A 222 26.18 22.41 8.06
C ALA A 222 24.72 22.07 8.25
N ASP A 223 24.14 22.61 9.33
CA ASP A 223 22.73 22.42 9.62
C ASP A 223 21.87 23.07 8.54
N GLU A 224 21.05 22.26 7.88
CA GLU A 224 20.27 22.70 6.73
C GLU A 224 19.02 23.48 7.11
N GLU A 225 18.67 23.56 8.39
CA GLU A 225 17.51 24.32 8.82
C GLU A 225 17.83 25.75 9.23
N ILE A 226 19.10 26.06 9.52
CA ILE A 226 19.45 27.39 10.00
C ILE A 226 19.32 28.40 8.86
N ARG A 227 18.37 29.32 9.01
CA ARG A 227 18.13 30.35 8.01
C ARG A 227 17.82 31.65 8.72
N GLY A 228 17.72 32.73 7.94
CA GLY A 228 17.39 34.02 8.49
C GLY A 228 15.88 34.19 8.57
N ALA A 229 15.39 34.60 9.73
CA ALA A 229 13.97 34.77 9.95
C ALA A 229 13.67 36.22 10.27
N THR A 230 12.54 36.70 9.78
CA THR A 230 12.05 38.03 10.06
C THR A 230 10.69 37.96 10.76
N LEU A 231 10.47 38.92 11.67
CA LEU A 231 9.23 38.94 12.44
C LEU A 231 8.02 39.18 11.55
N ASP A 232 8.21 39.85 10.41
CA ASP A 232 7.09 40.14 9.52
C ASP A 232 6.60 38.88 8.83
N LYS A 233 7.52 38.09 8.27
CA LYS A 233 7.13 36.82 7.67
C LYS A 233 6.66 35.83 8.72
N MET A 234 7.16 35.95 9.95
CA MET A 234 6.74 35.05 11.02
C MET A 234 5.31 35.33 11.44
N ALA A 235 4.91 36.60 11.51
CA ALA A 235 3.60 36.97 11.99
C ALA A 235 2.49 36.68 10.97
N LYS A 236 2.83 36.42 9.71
CA LYS A 236 1.84 36.14 8.68
C LYS A 236 1.47 34.66 8.60
N LEU A 237 2.19 33.78 9.29
CA LEU A 237 1.93 32.36 9.18
C LEU A 237 0.63 31.98 9.88
N ARG A 238 -0.12 31.06 9.29
CA ARG A 238 -1.35 30.57 9.88
C ARG A 238 -1.05 29.50 10.92
N PRO A 239 -1.94 29.34 11.92
CA PRO A 239 -1.73 28.29 12.92
C PRO A 239 -1.81 26.91 12.28
N ALA A 240 -0.93 26.01 12.74
CA ALA A 240 -0.77 24.71 12.09
C ALA A 240 -1.62 23.61 12.70
N PHE A 241 -2.18 23.81 13.90
CA PHE A 241 -2.95 22.77 14.58
C PHE A 241 -4.36 23.24 14.89
N ASP A 242 -4.54 24.16 15.84
CA ASP A 242 -5.85 24.73 16.08
C ASP A 242 -6.13 25.80 15.03
N LYS A 243 -7.34 25.77 14.47
CA LYS A 243 -7.71 26.73 13.43
C LYS A 243 -7.65 28.18 13.94
N GLU A 244 -7.81 28.39 15.24
CA GLU A 244 -7.67 29.70 15.85
C GLU A 244 -6.69 29.63 17.01
N GLY A 245 -5.49 29.14 16.72
CA GLY A 245 -4.48 28.94 17.75
C GLY A 245 -3.26 29.81 17.59
N THR A 246 -2.21 29.53 18.36
CA THR A 246 -1.00 30.33 18.37
C THR A 246 0.22 29.62 17.81
N VAL A 247 0.25 28.29 17.85
CA VAL A 247 1.41 27.55 17.35
C VAL A 247 1.33 27.46 15.83
N THR A 248 2.39 27.91 15.17
CA THR A 248 2.52 27.85 13.71
C THR A 248 3.74 27.02 13.35
N ALA A 249 3.95 26.84 12.05
CA ALA A 249 5.14 26.14 11.58
C ALA A 249 6.41 26.92 11.87
N GLY A 250 6.29 28.23 12.08
CA GLY A 250 7.46 29.07 12.33
C GLY A 250 7.93 29.00 13.77
N ASN A 251 7.00 28.97 14.72
CA ASN A 251 7.35 28.92 16.14
C ASN A 251 7.37 27.51 16.70
N ALA A 252 7.26 26.49 15.84
CA ALA A 252 7.37 25.11 16.25
C ALA A 252 8.59 24.48 15.60
N SER A 253 9.17 23.50 16.28
CA SER A 253 10.30 22.77 15.71
C SER A 253 9.86 21.99 14.48
N THR A 254 10.85 21.63 13.65
CA THR A 254 10.59 20.97 12.39
C THR A 254 10.92 19.48 12.50
N LEU A 255 10.66 18.76 11.41
CA LEU A 255 10.98 17.34 11.31
C LEU A 255 12.34 17.20 10.62
N ASN A 256 13.22 16.40 11.21
CA ASN A 256 14.62 16.42 10.80
C ASN A 256 15.24 15.03 10.94
N ASP A 257 16.44 14.90 10.36
CA ASP A 257 17.25 13.70 10.43
C ASP A 257 18.61 14.06 11.00
N GLY A 258 19.21 13.10 11.70
CA GLY A 258 20.53 13.32 12.27
C GLY A 258 20.85 12.28 13.32
N ALA A 259 22.08 12.39 13.83
CA ALA A 259 22.58 11.47 14.83
C ALA A 259 23.58 12.20 15.72
N ALA A 260 23.73 11.71 16.95
CA ALA A 260 24.65 12.29 17.91
C ALA A 260 24.98 11.22 18.95
N ALA A 261 26.18 11.34 19.52
CA ALA A 261 26.64 10.33 20.47
C ALA A 261 27.72 10.93 21.37
N ALA A 262 28.02 10.20 22.43
CA ALA A 262 29.09 10.54 23.36
C ALA A 262 29.79 9.26 23.78
N LEU A 263 31.00 9.41 24.30
CA LEU A 263 31.79 8.28 24.76
C LEU A 263 31.96 8.39 26.27
N LEU A 264 31.53 7.37 27.00
CA LEU A 264 31.51 7.38 28.45
C LEU A 264 32.56 6.43 29.01
N MET A 265 33.14 6.83 30.13
CA MET A 265 34.11 6.03 30.87
C MET A 265 34.26 6.64 32.26
N SER A 266 34.90 5.88 33.15
CA SER A 266 35.12 6.38 34.50
C SER A 266 36.22 7.44 34.50
N GLU A 267 36.21 8.26 35.55
CA GLU A 267 37.20 9.33 35.64
C GLU A 267 38.60 8.76 35.79
N ALA A 268 38.75 7.66 36.54
CA ALA A 268 40.06 7.03 36.68
C ALA A 268 40.53 6.42 35.37
N GLU A 269 39.61 5.83 34.59
CA GLU A 269 40.00 5.28 33.29
C GLU A 269 40.48 6.38 32.35
N ALA A 270 39.76 7.50 32.30
CA ALA A 270 40.19 8.62 31.47
C ALA A 270 41.54 9.14 31.92
N SER A 271 41.79 9.15 33.24
CA SER A 271 43.08 9.61 33.75
C SER A 271 44.20 8.67 33.35
N ARG A 272 43.94 7.36 33.34
CA ARG A 272 44.97 6.40 32.95
C ARG A 272 45.33 6.53 31.47
N ARG A 273 44.39 6.96 30.65
CA ARG A 273 44.61 7.14 29.22
C ARG A 273 45.07 8.54 28.84
N GLY A 274 45.27 9.42 29.82
CA GLY A 274 45.65 10.79 29.51
C GLY A 274 44.59 11.57 28.76
N ILE A 275 43.33 11.18 28.89
CA ILE A 275 42.24 11.86 28.19
C ILE A 275 41.75 13.03 29.05
N GLN A 276 41.56 14.18 28.40
CA GLN A 276 40.99 15.35 29.06
C GLN A 276 39.50 15.39 28.77
N PRO A 277 38.65 15.01 29.71
CA PRO A 277 37.24 14.79 29.38
C PRO A 277 36.49 16.09 29.18
N LEU A 278 35.38 16.00 28.44
CA LEU A 278 34.53 17.16 28.22
C LEU A 278 33.81 17.58 29.49
N GLY A 279 33.41 16.63 30.32
CA GLY A 279 32.70 16.96 31.54
C GLY A 279 32.41 15.71 32.35
N ARG A 280 31.96 15.94 33.58
CA ARG A 280 31.63 14.88 34.51
C ARG A 280 30.12 14.87 34.72
N ILE A 281 29.50 13.70 34.56
CA ILE A 281 28.08 13.58 34.88
C ILE A 281 27.95 13.52 36.40
N VAL A 282 27.30 14.53 36.98
CA VAL A 282 27.16 14.62 38.42
C VAL A 282 25.78 14.18 38.90
N SER A 283 24.74 14.31 38.10
CA SER A 283 23.41 13.87 38.48
C SER A 283 22.54 13.79 37.23
N TRP A 284 21.37 13.18 37.39
CA TRP A 284 20.38 13.07 36.34
C TRP A 284 19.04 12.74 36.98
N ALA A 285 17.97 12.96 36.23
CA ALA A 285 16.64 12.66 36.75
C ALA A 285 15.65 12.58 35.61
N THR A 286 14.59 11.80 35.83
CA THR A 286 13.50 11.70 34.87
C THR A 286 12.19 11.67 35.66
N VAL A 287 11.24 12.51 35.25
CA VAL A 287 9.98 12.67 35.96
C VAL A 287 8.86 12.67 34.93
N GLY A 288 7.67 12.27 35.37
CA GLY A 288 6.49 12.29 34.54
C GLY A 288 5.54 13.42 34.93
N VAL A 289 4.80 13.92 33.94
CA VAL A 289 3.81 14.96 34.12
C VAL A 289 2.54 14.55 33.38
N ASP A 290 1.53 15.42 33.42
CA ASP A 290 0.30 15.15 32.70
C ASP A 290 0.54 15.23 31.20
N PRO A 291 0.03 14.26 30.42
CA PRO A 291 0.24 14.30 28.97
C PRO A 291 -0.38 15.50 28.28
N LYS A 292 -1.41 16.12 28.88
CA LYS A 292 -2.01 17.30 28.28
C LYS A 292 -1.02 18.46 28.17
N VAL A 293 -0.07 18.53 29.10
CA VAL A 293 0.92 19.61 29.14
C VAL A 293 2.31 18.99 29.21
N MET A 294 2.60 18.08 28.28
CA MET A 294 3.88 17.37 28.30
C MET A 294 5.07 18.31 28.19
N GLY A 295 4.87 19.53 27.68
CA GLY A 295 5.95 20.48 27.56
C GLY A 295 6.51 20.95 28.89
N THR A 296 5.76 20.79 29.98
CA THR A 296 6.20 21.18 31.31
C THR A 296 7.09 20.13 31.98
N GLY A 297 7.44 19.07 31.25
CA GLY A 297 8.32 18.04 31.75
C GLY A 297 9.64 18.51 32.35
N PRO A 298 10.35 19.42 31.66
CA PRO A 298 11.65 19.85 32.17
C PRO A 298 11.61 20.54 33.53
N ILE A 299 10.46 21.00 34.00
CA ILE A 299 10.41 21.76 35.24
C ILE A 299 10.71 20.85 36.44
N PRO A 300 9.96 19.77 36.68
CA PRO A 300 10.32 18.91 37.83
C PRO A 300 11.57 18.08 37.59
N ALA A 301 11.89 17.76 36.34
CA ALA A 301 13.08 16.97 36.06
C ALA A 301 14.35 17.77 36.37
N SER A 302 14.38 19.04 35.99
CA SER A 302 15.56 19.87 36.28
C SER A 302 15.72 20.10 37.77
N ARG A 303 14.62 20.35 38.48
CA ARG A 303 14.69 20.56 39.92
C ARG A 303 15.16 19.32 40.65
N LYS A 304 14.74 18.14 40.20
CA LYS A 304 15.17 16.91 40.85
C LYS A 304 16.65 16.64 40.57
N ALA A 305 17.10 16.92 39.35
CA ALA A 305 18.51 16.75 39.01
C ALA A 305 19.40 17.70 39.81
N LEU A 306 18.98 18.96 39.95
CA LEU A 306 19.76 19.92 40.72
C LEU A 306 19.87 19.52 42.19
N GLU A 307 18.78 19.01 42.77
CA GLU A 307 18.85 18.55 44.16
C GLU A 307 19.76 17.33 44.30
N ARG A 308 19.67 16.40 43.35
CA ARG A 308 20.57 15.24 43.39
C ARG A 308 22.01 15.67 43.25
N ALA A 309 22.27 16.74 42.49
CA ALA A 309 23.61 17.27 42.36
C ALA A 309 24.00 18.17 43.53
N GLY A 310 23.03 18.64 44.32
CA GLY A 310 23.32 19.56 45.39
C GLY A 310 23.52 20.98 44.94
N TRP A 311 23.00 21.35 43.78
CA TRP A 311 23.16 22.68 43.20
C TRP A 311 21.88 23.48 43.36
N LYS A 312 22.04 24.80 43.46
CA LYS A 312 20.93 25.72 43.31
C LYS A 312 20.82 26.15 41.85
N ILE A 313 19.65 26.67 41.49
CA ILE A 313 19.46 27.16 40.12
C ILE A 313 20.44 28.27 39.81
N GLY A 314 20.81 29.07 40.82
CA GLY A 314 21.80 30.12 40.62
C GLY A 314 23.22 29.62 40.44
N ASP A 315 23.48 28.33 40.68
CA ASP A 315 24.82 27.78 40.48
C ASP A 315 25.10 27.47 39.01
N LEU A 316 24.05 27.33 38.19
CA LEU A 316 24.23 26.94 36.81
C LEU A 316 24.88 28.07 36.01
N ASP A 317 25.94 27.74 35.29
CA ASP A 317 26.61 28.68 34.40
C ASP A 317 26.12 28.61 32.97
N LEU A 318 25.55 27.48 32.56
CA LEU A 318 25.09 27.28 31.19
C LEU A 318 23.96 26.25 31.20
N VAL A 319 22.94 26.50 30.39
CA VAL A 319 21.76 25.63 30.33
C VAL A 319 21.38 25.41 28.87
N GLU A 320 21.08 24.17 28.52
CA GLU A 320 20.58 23.80 27.20
C GLU A 320 19.22 23.15 27.39
N ALA A 321 18.16 23.88 27.07
CA ALA A 321 16.79 23.37 27.17
C ALA A 321 16.21 23.23 25.78
N ASN A 322 15.78 22.02 25.43
CA ASN A 322 15.32 21.74 24.07
C ASN A 322 14.00 22.46 23.81
N GLU A 323 13.96 23.22 22.71
CA GLU A 323 12.80 24.01 22.32
C GLU A 323 11.94 23.23 21.35
N ALA A 324 11.13 22.33 21.89
CA ALA A 324 10.15 21.64 21.04
C ALA A 324 9.17 22.62 20.44
N PHE A 325 8.67 23.57 21.25
CA PHE A 325 7.80 24.63 20.79
C PHE A 325 8.18 25.92 21.51
N ALA A 326 7.94 27.05 20.86
CA ALA A 326 8.21 28.34 21.49
C ALA A 326 7.37 28.52 22.75
N ALA A 327 6.11 28.04 22.72
CA ALA A 327 5.25 28.18 23.88
C ALA A 327 5.76 27.34 25.05
N GLN A 328 6.25 26.13 24.77
CA GLN A 328 6.75 25.27 25.83
C GLN A 328 8.03 25.83 26.44
N ALA A 329 8.93 26.35 25.60
CA ALA A 329 10.21 26.85 26.09
C ALA A 329 10.04 28.12 26.92
N CYS A 330 9.07 28.96 26.58
CA CYS A 330 8.82 30.17 27.37
C CYS A 330 8.34 29.81 28.77
N ALA A 331 7.47 28.80 28.89
CA ALA A 331 6.95 28.41 30.20
C ALA A 331 8.03 27.80 31.09
N VAL A 332 8.97 27.04 30.50
CA VAL A 332 10.03 26.43 31.29
C VAL A 332 10.95 27.49 31.89
N ASN A 333 11.33 28.48 31.08
CA ASN A 333 12.19 29.55 31.59
C ASN A 333 11.48 30.39 32.64
N LYS A 334 10.17 30.58 32.51
CA LYS A 334 9.44 31.41 33.46
C LYS A 334 9.30 30.72 34.80
N ASP A 335 9.02 29.41 34.81
CA ASP A 335 8.82 28.69 36.06
C ASP A 335 10.15 28.50 36.79
N LEU A 336 11.15 27.96 36.09
CA LEU A 336 12.45 27.71 36.73
C LEU A 336 13.15 29.02 37.09
N GLY A 337 12.88 30.08 36.34
CA GLY A 337 13.38 31.39 36.70
C GLY A 337 14.89 31.57 36.61
N TRP A 338 15.56 30.79 35.78
CA TRP A 338 16.98 30.98 35.56
C TRP A 338 17.21 32.10 34.54
N ASP A 339 18.45 32.59 34.50
CA ASP A 339 18.80 33.70 33.62
C ASP A 339 18.66 33.27 32.16
N PRO A 340 17.75 33.87 31.39
CA PRO A 340 17.57 33.45 29.99
C PRO A 340 18.78 33.70 29.10
N SER A 341 19.76 34.50 29.55
CA SER A 341 20.95 34.76 28.76
C SER A 341 21.92 33.59 28.74
N ILE A 342 21.75 32.60 29.62
CA ILE A 342 22.59 31.42 29.68
C ILE A 342 21.88 30.20 29.12
N VAL A 343 20.68 30.37 28.58
CA VAL A 343 19.86 29.26 28.08
C VAL A 343 19.90 29.29 26.56
N ASN A 344 20.43 28.22 25.96
CA ASN A 344 20.47 28.04 24.51
C ASN A 344 21.17 29.22 23.83
N VAL A 345 22.42 29.47 24.26
CA VAL A 345 23.15 30.63 23.76
C VAL A 345 23.46 30.52 22.28
N ASN A 346 23.39 29.32 21.69
CA ASN A 346 23.66 29.10 20.28
C ASN A 346 22.40 28.75 19.50
N GLY A 347 21.22 28.99 20.06
CA GLY A 347 19.96 28.64 19.42
C GLY A 347 19.40 27.33 19.93
N GLY A 348 18.24 26.98 19.37
CA GLY A 348 17.55 25.79 19.80
C GLY A 348 16.91 24.99 18.68
N ALA A 349 16.06 24.03 19.05
CA ALA A 349 15.45 23.14 18.07
C ALA A 349 14.51 23.86 17.11
N ILE A 350 14.05 25.07 17.47
CA ILE A 350 13.17 25.82 16.58
C ILE A 350 13.90 26.20 15.30
N ALA A 351 15.20 26.46 15.40
CA ALA A 351 16.03 26.83 14.25
C ALA A 351 16.97 25.73 13.80
N ILE A 352 17.53 24.96 14.73
CA ILE A 352 18.51 23.93 14.36
C ILE A 352 17.81 22.67 13.87
N GLY A 353 16.70 22.29 14.51
CA GLY A 353 15.97 21.10 14.16
C GLY A 353 15.78 20.18 15.34
N HIS A 354 14.90 19.20 15.15
CA HIS A 354 14.49 18.29 16.22
C HIS A 354 14.37 16.88 15.67
N PRO A 355 15.49 16.17 15.49
CA PRO A 355 15.43 14.72 15.24
C PRO A 355 15.15 14.00 16.54
N ILE A 356 13.94 13.44 16.66
CA ILE A 356 13.41 13.06 17.97
C ILE A 356 14.35 12.11 18.70
N GLY A 357 14.72 11.00 18.06
CA GLY A 357 15.56 10.02 18.74
C GLY A 357 16.93 10.55 19.11
N ALA A 358 17.49 11.45 18.29
CA ALA A 358 18.82 11.98 18.51
C ALA A 358 18.85 13.33 19.21
N SER A 359 17.69 13.97 19.40
CA SER A 359 17.67 15.33 19.93
C SER A 359 18.21 15.41 21.35
N GLY A 360 18.00 14.37 22.15
CA GLY A 360 18.52 14.40 23.52
C GLY A 360 20.03 14.47 23.57
N ALA A 361 20.70 13.69 22.73
CA ALA A 361 22.16 13.73 22.65
C ALA A 361 22.66 14.95 21.88
N ARG A 362 21.83 15.50 20.98
CA ARG A 362 22.25 16.67 20.21
C ARG A 362 22.46 17.87 21.12
N ILE A 363 21.46 18.21 21.94
CA ILE A 363 21.60 19.35 22.84
C ILE A 363 22.66 19.09 23.89
N LEU A 364 22.94 17.82 24.18
CA LEU A 364 24.04 17.49 25.08
C LEU A 364 25.38 17.78 24.44
N ASN A 365 25.48 17.61 23.11
CA ASN A 365 26.69 17.98 22.38
C ASN A 365 26.93 19.49 22.45
N THR A 366 25.90 20.27 22.13
CA THR A 366 26.02 21.73 22.17
C THR A 366 26.39 22.22 23.56
N LEU A 367 25.84 21.58 24.59
CA LEU A 367 26.12 22.00 25.97
C LEU A 367 27.58 21.74 26.32
N LEU A 368 28.14 20.61 25.86
CA LEU A 368 29.50 20.24 26.24
C LEU A 368 30.55 21.10 25.56
N PHE A 369 30.42 21.35 24.25
CA PHE A 369 31.43 22.11 23.55
C PHE A 369 31.37 23.59 23.92
N GLU A 370 30.18 24.12 24.14
CA GLU A 370 30.05 25.52 24.55
C GLU A 370 30.59 25.72 25.98
N MET A 371 30.44 24.72 26.84
CA MET A 371 31.00 24.82 28.18
C MET A 371 32.52 24.91 28.15
N LYS A 372 33.16 24.14 27.27
CA LYS A 372 34.62 24.13 27.22
C LYS A 372 35.19 25.40 26.61
N ARG A 373 34.50 25.99 25.63
CA ARG A 373 35.04 27.19 24.98
C ARG A 373 34.97 28.42 25.88
N ARG A 374 33.95 28.53 26.72
CA ARG A 374 33.80 29.70 27.59
C ARG A 374 34.14 29.42 29.05
N GLY A 375 34.57 28.20 29.37
CA GLY A 375 35.01 27.91 30.72
C GLY A 375 33.92 27.77 31.75
N ALA A 376 32.71 27.38 31.34
CA ALA A 376 31.64 27.17 32.30
C ALA A 376 31.92 25.95 33.16
N ARG A 377 31.57 26.04 34.44
CA ARG A 377 31.84 24.95 35.37
C ARG A 377 30.66 23.99 35.52
N LYS A 378 29.45 24.53 35.66
CA LYS A 378 28.26 23.73 35.93
C LYS A 378 27.24 23.96 34.81
N GLY A 379 26.77 22.87 34.22
CA GLY A 379 25.80 22.93 33.15
C GLY A 379 24.62 22.01 33.42
N LEU A 380 23.57 22.20 32.62
CA LEU A 380 22.37 21.39 32.73
C LEU A 380 21.73 21.27 31.36
N ALA A 381 21.39 20.04 30.98
CA ALA A 381 20.63 19.77 29.77
C ALA A 381 19.30 19.15 30.16
N THR A 382 18.24 19.52 29.44
CA THR A 382 16.90 19.04 29.78
C THR A 382 16.01 19.09 28.56
N LEU A 383 15.05 18.16 28.51
CA LEU A 383 14.10 18.08 27.41
C LEU A 383 12.73 17.72 27.94
N CYS A 384 11.71 18.01 27.15
CA CYS A 384 10.36 17.52 27.39
C CYS A 384 10.11 16.29 26.52
N ILE A 385 9.27 15.40 27.02
CA ILE A 385 9.02 14.11 26.40
C ILE A 385 7.53 13.95 26.19
N GLY A 386 7.14 13.49 24.99
CA GLY A 386 5.75 13.20 24.73
C GLY A 386 5.19 12.16 25.68
N GLY A 387 3.87 12.21 25.86
CA GLY A 387 3.22 11.39 26.85
C GLY A 387 3.33 11.90 28.27
N GLY A 388 3.95 13.06 28.47
CA GLY A 388 4.04 13.66 29.78
C GLY A 388 5.23 13.20 30.61
N MET A 389 6.44 13.48 30.13
CA MET A 389 7.65 13.12 30.85
C MET A 389 8.72 14.18 30.62
N GLY A 390 9.71 14.21 31.51
CA GLY A 390 10.84 15.09 31.36
C GLY A 390 12.11 14.41 31.84
N VAL A 391 13.23 14.84 31.28
CA VAL A 391 14.54 14.30 31.62
C VAL A 391 15.55 15.44 31.67
N ALA A 392 16.48 15.35 32.62
CA ALA A 392 17.49 16.39 32.81
C ALA A 392 18.78 15.75 33.30
N MET A 393 19.90 16.39 32.97
CA MET A 393 21.22 15.91 33.39
C MET A 393 22.09 17.11 33.75
N CYS A 394 22.87 16.95 34.82
CA CYS A 394 23.79 17.99 35.30
C CYS A 394 25.22 17.55 35.02
N ILE A 395 26.00 18.47 34.44
CA ILE A 395 27.39 18.19 34.06
C ILE A 395 28.29 19.23 34.71
N GLU A 396 29.43 18.76 35.24
CA GLU A 396 30.45 19.61 35.82
C GLU A 396 31.73 19.47 35.03
N SER A 397 32.39 20.60 34.76
CA SER A 397 33.58 20.59 33.94
C SER A 397 34.78 20.00 34.70
N LEU A 398 35.79 19.61 33.93
CA LEU A 398 37.01 19.04 34.52
C LEU A 398 38.23 19.79 34.02
N PRO B 10 23.99 -2.48 47.06
CA PRO B 10 22.78 -3.12 47.59
C PRO B 10 22.46 -4.44 46.89
N SER B 11 21.40 -5.10 47.35
CA SER B 11 20.93 -6.36 46.80
C SER B 11 19.53 -6.17 46.27
N ILE B 12 19.28 -6.64 45.04
CA ILE B 12 18.02 -6.43 44.36
C ILE B 12 17.29 -7.76 44.29
N VAL B 13 16.01 -7.76 44.66
CA VAL B 13 15.20 -8.97 44.65
C VAL B 13 14.05 -8.79 43.67
N ILE B 14 13.48 -9.93 43.26
CA ILE B 14 12.27 -9.95 42.45
C ILE B 14 11.13 -10.32 43.39
N ALA B 15 10.30 -9.34 43.74
CA ALA B 15 9.25 -9.56 44.73
C ALA B 15 8.10 -10.38 44.18
N SER B 16 7.84 -10.28 42.88
CA SER B 16 6.73 -11.00 42.26
C SER B 16 6.93 -11.02 40.76
N ALA B 17 6.16 -11.88 40.09
CA ALA B 17 6.26 -12.01 38.64
C ALA B 17 4.92 -12.51 38.12
N ALA B 18 4.69 -12.25 36.83
CA ALA B 18 3.46 -12.68 36.18
C ALA B 18 3.66 -12.66 34.67
N ARG B 19 2.82 -13.39 33.97
CA ARG B 19 2.86 -13.43 32.52
C ARG B 19 1.49 -13.83 32.00
N THR B 20 1.21 -13.44 30.75
CA THR B 20 -0.02 -13.89 30.11
C THR B 20 0.20 -15.25 29.46
N ALA B 21 -0.91 -15.86 29.04
CA ALA B 21 -0.82 -17.02 28.17
C ALA B 21 -0.24 -16.61 26.82
N VAL B 22 0.67 -17.43 26.31
CA VAL B 22 1.30 -17.16 25.02
C VAL B 22 0.35 -17.58 23.91
N GLY B 23 -0.19 -16.61 23.18
CA GLY B 23 -1.13 -16.89 22.13
C GLY B 23 -0.46 -17.24 20.80
N SER B 24 -1.22 -17.92 19.95
CA SER B 24 -0.72 -18.34 18.65
C SER B 24 -0.81 -17.19 17.64
N PHE B 25 -0.03 -17.31 16.57
CA PHE B 25 -0.03 -16.31 15.51
C PHE B 25 -1.40 -16.23 14.87
N ASN B 26 -1.99 -15.03 14.87
CA ASN B 26 -3.35 -14.81 14.39
C ASN B 26 -4.35 -15.68 15.16
N GLY B 27 -4.11 -15.82 16.46
CA GLY B 27 -4.95 -16.64 17.31
C GLY B 27 -5.77 -15.87 18.32
N ALA B 28 -5.53 -16.13 19.61
CA ALA B 28 -6.35 -15.53 20.66
C ALA B 28 -6.16 -14.02 20.73
N PHE B 29 -4.92 -13.54 20.54
CA PHE B 29 -4.61 -12.12 20.61
C PHE B 29 -4.42 -11.51 19.23
N ALA B 30 -5.12 -12.04 18.23
CA ALA B 30 -4.92 -11.60 16.84
C ALA B 30 -5.24 -10.12 16.66
N ASN B 31 -6.10 -9.57 17.51
CA ASN B 31 -6.45 -8.15 17.43
C ASN B 31 -6.26 -7.44 18.77
N THR B 32 -5.44 -8.01 19.65
CA THR B 32 -5.18 -7.40 20.95
C THR B 32 -3.85 -6.68 20.92
N PRO B 33 -3.84 -5.35 21.09
CA PRO B 33 -2.56 -4.62 21.07
C PRO B 33 -1.64 -5.07 22.20
N ALA B 34 -0.34 -4.87 21.98
CA ALA B 34 0.66 -5.36 22.92
C ALA B 34 0.54 -4.68 24.28
N HIS B 35 0.20 -3.39 24.30
CA HIS B 35 0.14 -2.68 25.57
C HIS B 35 -1.05 -3.12 26.41
N GLU B 36 -2.12 -3.61 25.77
CA GLU B 36 -3.23 -4.18 26.54
C GLU B 36 -2.78 -5.44 27.26
N LEU B 37 -1.98 -6.28 26.61
CA LEU B 37 -1.39 -7.42 27.29
C LEU B 37 -0.43 -6.97 28.38
N GLY B 38 0.32 -5.89 28.14
CA GLY B 38 1.25 -5.40 29.14
C GLY B 38 0.56 -4.84 30.37
N ALA B 39 -0.59 -4.17 30.17
CA ALA B 39 -1.32 -3.60 31.31
C ALA B 39 -1.80 -4.69 32.26
N THR B 40 -2.24 -5.83 31.70
CA THR B 40 -2.71 -6.93 32.54
C THR B 40 -1.56 -7.50 33.39
N VAL B 41 -0.36 -7.58 32.82
CA VAL B 41 0.75 -8.16 33.55
C VAL B 41 1.28 -7.17 34.59
N ILE B 42 1.28 -5.87 34.26
CA ILE B 42 1.73 -4.87 35.22
C ILE B 42 0.79 -4.83 36.42
N SER B 43 -0.51 -4.92 36.17
CA SER B 43 -1.47 -4.99 37.27
C SER B 43 -1.30 -6.26 38.09
N ALA B 44 -0.89 -7.36 37.45
CA ALA B 44 -0.78 -8.63 38.15
C ALA B 44 0.39 -8.64 39.13
N VAL B 45 1.57 -8.18 38.69
CA VAL B 45 2.74 -8.19 39.55
C VAL B 45 2.56 -7.27 40.75
N LEU B 46 1.70 -6.25 40.64
CA LEU B 46 1.45 -5.37 41.77
C LEU B 46 0.55 -6.04 42.81
N GLU B 47 -0.51 -6.72 42.34
CA GLU B 47 -1.40 -7.40 43.26
C GLU B 47 -0.74 -8.60 43.94
N ARG B 48 0.14 -9.29 43.21
CA ARG B 48 0.82 -10.46 43.77
C ARG B 48 1.88 -10.11 44.78
N ALA B 49 2.31 -8.84 44.85
CA ALA B 49 3.34 -8.43 45.80
C ALA B 49 2.80 -7.53 46.92
N GLY B 50 1.53 -7.15 46.86
CA GLY B 50 1.00 -6.22 47.85
C GLY B 50 1.56 -4.82 47.71
N VAL B 51 1.80 -4.38 46.48
CA VAL B 51 2.37 -3.07 46.19
C VAL B 51 1.38 -2.31 45.34
N ALA B 52 1.01 -1.11 45.78
CA ALA B 52 0.09 -0.28 45.02
C ALA B 52 0.80 0.34 43.82
N ALA B 53 0.02 0.64 42.79
CA ALA B 53 0.58 1.22 41.58
C ALA B 53 1.23 2.57 41.84
N GLY B 54 0.73 3.32 42.82
CA GLY B 54 1.29 4.62 43.14
C GLY B 54 2.69 4.58 43.70
N GLU B 55 3.23 3.40 43.98
CA GLU B 55 4.58 3.28 44.50
C GLU B 55 5.60 2.94 43.42
N VAL B 56 5.14 2.64 42.21
CA VAL B 56 6.04 2.32 41.11
C VAL B 56 6.74 3.58 40.63
N ASN B 57 8.06 3.50 40.50
CA ASN B 57 8.87 4.60 39.99
C ASN B 57 8.97 4.57 38.47
N GLU B 58 9.23 3.41 37.88
CA GLU B 58 9.47 3.32 36.44
C GLU B 58 9.01 1.97 35.92
N VAL B 59 8.62 1.96 34.64
CA VAL B 59 8.21 0.74 33.94
C VAL B 59 9.09 0.59 32.71
N ILE B 60 9.83 -0.51 32.63
CA ILE B 60 10.74 -0.78 31.52
C ILE B 60 10.24 -2.02 30.80
N LEU B 61 9.72 -1.86 29.59
CA LEU B 61 9.15 -2.96 28.83
C LEU B 61 9.89 -3.13 27.51
N GLY B 62 10.55 -4.28 27.36
CA GLY B 62 11.16 -4.59 26.09
C GLY B 62 10.11 -4.91 25.03
N GLN B 63 10.30 -4.37 23.83
CA GLN B 63 9.37 -4.58 22.74
C GLN B 63 10.12 -4.39 21.42
N VAL B 64 9.86 -5.30 20.48
CA VAL B 64 10.61 -5.34 19.24
C VAL B 64 9.82 -4.80 18.05
N LEU B 65 8.49 -5.00 18.03
CA LEU B 65 7.65 -4.62 16.90
C LEU B 65 6.60 -3.63 17.39
N PRO B 66 6.97 -2.37 17.61
CA PRO B 66 6.00 -1.36 18.07
C PRO B 66 5.37 -0.53 16.96
N ALA B 67 5.60 -0.87 15.69
CA ALA B 67 5.08 -0.07 14.60
C ALA B 67 3.57 -0.09 14.61
N GLY B 68 2.96 1.10 14.62
CA GLY B 68 1.52 1.22 14.61
C GLY B 68 0.86 1.22 15.98
N GLU B 69 1.64 1.12 17.06
CA GLU B 69 1.10 1.09 18.41
C GLU B 69 0.96 2.47 19.04
N GLY B 70 1.51 3.51 18.43
CA GLY B 70 1.39 4.84 18.97
C GLY B 70 2.61 5.24 19.78
N GLN B 71 2.51 6.40 20.40
CA GLN B 71 3.63 6.97 21.16
C GLN B 71 3.93 6.10 22.38
N ASN B 72 5.14 5.54 22.43
CA ASN B 72 5.71 4.84 23.57
C ASN B 72 4.73 3.86 24.19
N PRO B 73 4.59 2.65 23.63
CA PRO B 73 3.61 1.70 24.18
C PRO B 73 3.84 1.32 25.63
N ALA B 74 5.09 1.42 26.13
CA ALA B 74 5.34 1.14 27.53
C ALA B 74 4.60 2.13 28.42
N ARG B 75 4.56 3.41 28.03
CA ARG B 75 3.79 4.40 28.78
C ARG B 75 2.30 4.10 28.74
N GLN B 76 1.79 3.67 27.58
CA GLN B 76 0.38 3.33 27.47
C GLN B 76 0.02 2.16 28.38
N ALA B 77 0.86 1.13 28.41
CA ALA B 77 0.58 -0.02 29.26
C ALA B 77 0.61 0.36 30.73
N ALA B 78 1.54 1.23 31.12
CA ALA B 78 1.63 1.63 32.52
C ALA B 78 0.44 2.49 32.93
N MET B 79 0.03 3.42 32.07
CA MET B 79 -1.13 4.25 32.38
C MET B 79 -2.41 3.42 32.44
N LYS B 80 -2.57 2.46 31.52
CA LYS B 80 -3.73 1.59 31.56
C LYS B 80 -3.71 0.68 32.79
N ALA B 81 -2.52 0.34 33.28
CA ALA B 81 -2.38 -0.47 34.48
C ALA B 81 -2.61 0.31 35.76
N GLY B 82 -2.77 1.62 35.68
CA GLY B 82 -3.00 2.44 36.86
C GLY B 82 -1.77 3.10 37.43
N VAL B 83 -0.62 2.97 36.79
CA VAL B 83 0.59 3.64 37.28
C VAL B 83 0.40 5.15 37.15
N PRO B 84 0.72 5.94 38.17
CA PRO B 84 0.43 7.37 38.10
C PRO B 84 1.32 8.09 37.08
N GLN B 85 0.82 9.24 36.63
CA GLN B 85 1.51 10.00 35.59
C GLN B 85 2.85 10.53 36.07
N GLU B 86 3.07 10.61 37.39
CA GLU B 86 4.36 11.07 37.90
C GLU B 86 5.47 10.08 37.57
N ALA B 87 5.13 8.80 37.45
CA ALA B 87 6.14 7.81 37.10
C ALA B 87 6.50 7.91 35.63
N THR B 88 7.61 7.26 35.27
CA THR B 88 8.11 7.25 33.91
C THR B 88 8.06 5.83 33.35
N ALA B 89 8.09 5.76 32.02
CA ALA B 89 8.05 4.47 31.33
C ALA B 89 8.75 4.62 29.99
N TRP B 90 9.42 3.55 29.57
CA TRP B 90 10.10 3.56 28.28
C TRP B 90 10.32 2.13 27.82
N GLY B 91 10.47 1.98 26.51
CA GLY B 91 10.76 0.70 25.91
C GLY B 91 12.21 0.60 25.48
N MET B 92 12.65 -0.64 25.27
CA MET B 92 14.00 -0.92 24.80
C MET B 92 13.95 -2.14 23.90
N ASN B 93 14.91 -2.24 22.98
CA ASN B 93 14.91 -3.28 21.97
C ASN B 93 16.29 -3.90 21.88
N GLN B 94 16.43 -5.11 22.41
CA GLN B 94 17.56 -5.99 22.14
C GLN B 94 17.04 -7.32 21.60
N LEU B 95 16.03 -7.25 20.74
CA LEU B 95 15.41 -8.42 20.13
C LEU B 95 14.91 -9.43 21.18
N SCY B 96 15.23 -10.70 20.96
CA SCY B 96 14.74 -11.78 21.82
CB SCY B 96 15.17 -13.13 21.31
SG SCY B 96 14.63 -13.39 19.62
CD SCY B 96 15.76 -12.59 18.62
OCD SCY B 96 16.93 -12.30 18.88
CE SCY B 96 15.12 -12.23 17.30
C SCY B 96 15.18 -11.69 23.33
O SCY B 96 14.57 -12.38 24.19
N GLY B 97 16.18 -10.87 23.62
CA GLY B 97 16.65 -10.70 24.98
C GLY B 97 16.11 -9.44 25.64
N SER B 98 15.18 -8.78 24.96
CA SER B 98 14.63 -7.53 25.47
C SER B 98 13.95 -7.72 26.83
N GLY B 99 13.15 -8.77 26.95
CA GLY B 99 12.42 -8.98 28.20
C GLY B 99 13.33 -9.22 29.39
N LEU B 100 14.40 -9.98 29.19
CA LEU B 100 15.33 -10.25 30.28
C LEU B 100 16.29 -9.08 30.51
N ARG B 101 16.69 -8.39 29.45
CA ARG B 101 17.58 -7.24 29.61
C ARG B 101 16.89 -6.10 30.34
N ALA B 102 15.58 -5.92 30.12
CA ALA B 102 14.84 -4.88 30.83
C ALA B 102 14.87 -5.10 32.34
N VAL B 103 14.88 -6.37 32.77
CA VAL B 103 15.00 -6.67 34.19
C VAL B 103 16.39 -6.27 34.70
N ALA B 104 17.42 -6.53 33.91
CA ALA B 104 18.78 -6.13 34.30
C ALA B 104 18.90 -4.61 34.35
N LEU B 105 18.27 -3.91 33.41
CA LEU B 105 18.28 -2.46 33.42
C LEU B 105 17.53 -1.92 34.63
N GLY B 106 16.35 -2.46 34.90
CA GLY B 106 15.60 -2.05 36.08
C GLY B 106 16.34 -2.33 37.37
N MET B 107 17.08 -3.45 37.41
CA MET B 107 17.90 -3.76 38.57
C MET B 107 18.97 -2.70 38.79
N GLN B 108 19.51 -2.14 37.70
CA GLN B 108 20.55 -1.13 37.82
C GLN B 108 20.00 0.21 38.31
N GLN B 109 18.75 0.53 37.96
CA GLN B 109 18.13 1.76 38.46
C GLN B 109 18.13 1.78 39.99
N ILE B 110 17.76 0.65 40.61
CA ILE B 110 17.74 0.58 42.06
C ILE B 110 19.15 0.49 42.62
N ALA B 111 20.07 -0.18 41.90
CA ALA B 111 21.44 -0.34 42.40
C ALA B 111 22.16 1.01 42.48
N THR B 112 21.95 1.88 41.49
CA THR B 112 22.55 3.21 41.52
C THR B 112 21.78 4.19 42.39
N GLY B 113 20.67 3.78 42.98
CA GLY B 113 19.90 4.65 43.85
C GLY B 113 18.97 5.61 43.15
N ASP B 114 18.79 5.48 41.83
CA ASP B 114 17.93 6.38 41.08
C ASP B 114 16.47 5.96 41.09
N ALA B 115 16.14 4.84 41.73
CA ALA B 115 14.77 4.38 41.83
C ALA B 115 14.67 3.39 42.98
N SER B 116 13.43 3.14 43.40
CA SER B 116 13.15 2.21 44.50
C SER B 116 12.38 0.98 44.06
N ILE B 117 11.38 1.13 43.20
CA ILE B 117 10.53 0.03 42.76
C ILE B 117 10.40 0.09 41.24
N ILE B 118 10.77 -0.98 40.56
CA ILE B 118 10.74 -1.04 39.10
C ILE B 118 9.85 -2.21 38.69
N VAL B 119 9.04 -1.99 37.66
CA VAL B 119 8.33 -3.06 36.97
C VAL B 119 8.99 -3.22 35.62
N ALA B 120 9.62 -4.38 35.38
CA ALA B 120 10.37 -4.63 34.17
C ALA B 120 9.90 -5.92 33.54
N GLY B 121 9.98 -5.98 32.22
CA GLY B 121 9.55 -7.14 31.46
C GLY B 121 9.52 -6.89 29.98
N GLY B 122 8.55 -7.50 29.28
CA GLY B 122 8.44 -7.33 27.85
C GLY B 122 7.06 -7.68 27.36
N MET B 123 6.75 -7.22 26.15
CA MET B 123 5.47 -7.47 25.52
C MET B 123 5.65 -7.50 24.02
N GLU B 124 4.88 -8.36 23.36
CA GLU B 124 4.98 -8.51 21.91
C GLU B 124 3.66 -9.01 21.37
N SER B 125 3.22 -8.43 20.25
CA SER B 125 2.03 -8.87 19.51
C SER B 125 2.41 -8.99 18.04
N MET B 126 3.00 -10.13 17.68
CA MET B 126 3.42 -10.36 16.30
C MET B 126 2.25 -10.44 15.33
N SER B 127 1.05 -10.76 15.83
CA SER B 127 -0.14 -10.76 14.97
C SER B 127 -0.49 -9.35 14.51
N MET B 128 -0.25 -8.34 15.34
CA MET B 128 -0.60 -6.96 15.04
C MET B 128 0.46 -6.21 14.25
N ALA B 129 1.55 -6.88 13.87
CA ALA B 129 2.60 -6.22 13.11
C ALA B 129 2.10 -5.88 11.71
N PRO B 130 2.26 -4.65 11.24
CA PRO B 130 1.73 -4.26 9.94
C PRO B 130 2.73 -4.46 8.81
N HIS B 131 2.23 -4.27 7.59
CA HIS B 131 3.08 -4.17 6.41
C HIS B 131 3.35 -2.70 6.10
N CYS B 132 4.58 -2.40 5.67
CA CYS B 132 4.98 -1.02 5.50
C CYS B 132 5.77 -0.85 4.21
N ALA B 133 5.88 0.40 3.79
CA ALA B 133 6.67 0.79 2.62
C ALA B 133 6.95 2.29 2.72
N HIS B 134 8.17 2.68 2.35
CA HIS B 134 8.56 4.09 2.35
C HIS B 134 8.02 4.76 1.09
N LEU B 135 7.12 5.73 1.27
CA LEU B 135 6.39 6.32 0.14
C LEU B 135 6.52 7.83 0.07
N ARG B 136 7.40 8.44 0.86
CA ARG B 136 7.49 9.90 0.86
C ARG B 136 8.10 10.41 -0.44
N GLY B 137 9.17 9.77 -0.91
CA GLY B 137 9.79 10.18 -2.16
C GLY B 137 8.90 9.95 -3.36
N GLY B 138 8.02 8.97 -3.29
CA GLY B 138 7.13 8.68 -4.39
C GLY B 138 7.67 7.63 -5.33
N VAL B 139 6.79 6.77 -5.85
CA VAL B 139 7.16 5.72 -6.79
C VAL B 139 6.82 6.26 -8.17
N LYS B 140 7.83 6.77 -8.89
CA LYS B 140 7.59 7.37 -10.19
C LYS B 140 7.12 6.34 -11.21
N MET B 141 7.62 5.11 -11.13
CA MET B 141 7.27 4.07 -12.09
C MET B 141 7.73 2.72 -11.54
N GLY B 142 7.02 1.68 -11.93
CA GLY B 142 7.37 0.32 -11.55
C GLY B 142 6.69 -0.14 -10.29
N ASP B 143 6.89 -1.42 -9.99
CA ASP B 143 6.31 -2.04 -8.81
C ASP B 143 7.23 -1.88 -7.61
N PHE B 144 6.64 -1.92 -6.41
CA PHE B 144 7.41 -1.89 -5.19
C PHE B 144 6.80 -2.88 -4.20
N LYS B 145 7.53 -3.14 -3.11
CA LYS B 145 7.17 -4.18 -2.15
C LYS B 145 6.67 -3.55 -0.86
N MET B 146 5.56 -4.08 -0.35
CA MET B 146 5.13 -3.82 1.02
C MET B 146 5.85 -4.80 1.93
N ILE B 147 6.61 -4.27 2.89
CA ILE B 147 7.49 -5.09 3.72
C ILE B 147 6.76 -5.51 5.00
N ASP B 148 6.83 -6.80 5.30
CA ASP B 148 6.32 -7.33 6.56
C ASP B 148 7.28 -6.94 7.68
N THR B 149 6.82 -6.06 8.57
CA THR B 149 7.68 -5.56 9.64
C THR B 149 8.10 -6.67 10.59
N MET B 150 7.29 -7.73 10.71
CA MET B 150 7.65 -8.85 11.56
C MET B 150 8.86 -9.59 11.01
N ILE B 151 8.87 -9.88 9.71
CA ILE B 151 10.00 -10.57 9.10
C ILE B 151 11.21 -9.65 9.04
N LYS B 152 11.00 -8.39 8.66
CA LYS B 152 12.12 -7.49 8.40
C LYS B 152 12.84 -7.11 9.68
N ASP B 153 12.13 -6.57 10.66
CA ASP B 153 12.76 -6.04 11.86
C ASP B 153 12.89 -7.07 12.98
N GLY B 154 12.41 -8.29 12.78
CA GLY B 154 12.44 -9.27 13.84
C GLY B 154 13.14 -10.57 13.48
N LEU B 155 12.91 -11.08 12.27
CA LEU B 155 13.34 -12.43 11.91
C LEU B 155 14.32 -12.48 10.75
N THR B 156 14.88 -11.33 10.34
CA THR B 156 15.81 -11.30 9.23
C THR B 156 17.12 -10.66 9.69
N ASP B 157 18.23 -11.34 9.45
CA ASP B 157 19.54 -10.79 9.79
C ASP B 157 19.87 -9.64 8.86
N ALA B 158 20.26 -8.50 9.44
CA ALA B 158 20.53 -7.31 8.64
C ALA B 158 21.81 -7.43 7.85
N PHE B 159 22.76 -8.25 8.31
CA PHE B 159 24.07 -8.31 7.67
C PHE B 159 24.10 -9.30 6.51
N TYR B 160 23.43 -10.44 6.65
CA TYR B 160 23.46 -11.47 5.62
C TYR B 160 22.15 -11.64 4.88
N GLY B 161 21.03 -11.15 5.43
CA GLY B 161 19.80 -11.06 4.69
C GLY B 161 18.86 -12.25 4.80
N TYR B 162 19.33 -13.39 5.28
CA TYR B 162 18.46 -14.56 5.35
C TYR B 162 17.73 -14.63 6.69
N HIS B 163 16.78 -15.55 6.77
CA HIS B 163 15.96 -15.71 7.95
C HIS B 163 16.80 -16.21 9.13
N MET B 164 16.26 -16.01 10.33
CA MET B 164 16.93 -16.51 11.54
C MET B 164 17.02 -18.04 11.53
N GLY B 165 16.08 -18.71 10.88
CA GLY B 165 16.14 -20.16 10.77
C GLY B 165 17.35 -20.64 9.99
N THR B 166 17.83 -19.82 9.05
CA THR B 166 19.05 -20.16 8.33
C THR B 166 20.26 -20.12 9.25
N THR B 167 20.25 -19.24 10.24
CA THR B 167 21.32 -19.21 11.23
C THR B 167 21.35 -20.49 12.04
N ALA B 168 20.17 -21.04 12.35
CA ALA B 168 20.11 -22.31 13.07
C ALA B 168 20.67 -23.45 12.21
N GLU B 169 20.45 -23.39 10.89
CA GLU B 169 21.04 -24.37 9.99
C GLU B 169 22.56 -24.32 10.04
N ASN B 170 23.13 -23.11 10.19
CA ASN B 170 24.58 -23.00 10.31
C ASN B 170 25.08 -23.63 11.60
N VAL B 171 24.34 -23.47 12.69
CA VAL B 171 24.72 -24.13 13.94
C VAL B 171 24.61 -25.64 13.81
N ALA B 172 23.60 -26.11 13.08
CA ALA B 172 23.44 -27.54 12.89
C ALA B 172 24.60 -28.15 12.11
N LYS B 173 25.14 -27.40 11.15
CA LYS B 173 26.26 -27.92 10.37
C LYS B 173 27.55 -27.91 11.18
N GLN B 174 27.85 -26.79 11.86
CA GLN B 174 29.09 -26.68 12.60
C GLN B 174 29.14 -27.65 13.78
N TRP B 175 28.00 -27.92 14.41
CA TRP B 175 27.93 -28.86 15.52
C TRP B 175 27.50 -30.26 15.09
N GLN B 176 27.22 -30.45 13.80
CA GLN B 176 26.82 -31.75 13.24
C GLN B 176 25.64 -32.35 13.98
N LEU B 177 24.52 -31.62 13.95
CA LEU B 177 23.27 -32.03 14.59
C LEU B 177 22.33 -32.50 13.48
N SER B 178 21.96 -33.77 13.51
CA SER B 178 21.11 -34.35 12.48
C SER B 178 19.65 -33.96 12.69
N ARG B 179 18.85 -34.23 11.65
CA ARG B 179 17.41 -34.01 11.72
C ARG B 179 16.77 -34.88 12.80
N ASP B 180 17.27 -36.08 13.00
CA ASP B 180 16.67 -36.99 13.99
C ASP B 180 16.91 -36.50 15.41
N GLU B 181 18.11 -35.97 15.69
CA GLU B 181 18.38 -35.48 17.04
C GLU B 181 17.60 -34.22 17.35
N GLN B 182 17.29 -33.41 16.33
CA GLN B 182 16.52 -32.19 16.54
C GLN B 182 15.03 -32.50 16.72
N ASP B 183 14.51 -33.48 15.99
CA ASP B 183 13.11 -33.87 16.17
C ASP B 183 12.90 -34.50 17.54
N ALA B 184 13.87 -35.28 18.02
CA ALA B 184 13.77 -35.86 19.35
C ALA B 184 13.77 -34.77 20.42
N PHE B 185 14.56 -33.72 20.22
CA PHE B 185 14.56 -32.60 21.14
C PHE B 185 13.23 -31.86 21.09
N ALA B 186 12.64 -31.73 19.91
CA ALA B 186 11.37 -31.03 19.77
C ALA B 186 10.23 -31.81 20.42
N VAL B 187 10.15 -33.12 20.15
CA VAL B 187 9.10 -33.94 20.75
C VAL B 187 9.23 -33.95 22.27
N ALA B 188 10.47 -34.07 22.76
CA ALA B 188 10.70 -34.01 24.21
C ALA B 188 10.26 -32.69 24.80
N SER B 189 10.38 -31.60 24.02
CA SER B 189 9.96 -30.29 24.51
C SER B 189 8.43 -30.19 24.58
N TYR B 190 7.73 -30.73 23.58
CA TYR B 190 6.28 -30.74 23.61
C TYR B 190 5.75 -31.58 24.77
N ASN B 191 6.36 -32.75 25.01
CA ASN B 191 5.87 -33.64 26.04
C ASN B 191 6.09 -33.05 27.43
N LYS B 192 7.22 -32.37 27.65
CA LYS B 192 7.46 -31.73 28.94
C LYS B 192 6.47 -30.57 29.16
N ALA B 193 6.09 -29.88 28.09
CA ALA B 193 5.15 -28.77 28.22
C ALA B 193 3.73 -29.28 28.42
N GLU B 194 3.36 -30.36 27.73
CA GLU B 194 2.02 -30.92 27.89
C GLU B 194 1.86 -31.51 29.29
N ALA B 195 2.92 -32.10 29.84
CA ALA B 195 2.84 -32.64 31.19
C ALA B 195 2.75 -31.52 32.22
N ALA B 196 3.49 -30.44 32.03
CA ALA B 196 3.45 -29.32 32.96
C ALA B 196 2.09 -28.62 32.92
N GLN B 197 1.45 -28.58 31.75
CA GLN B 197 0.16 -27.93 31.64
C GLN B 197 -0.94 -28.76 32.31
N LYS B 198 -0.91 -30.08 32.13
CA LYS B 198 -1.90 -30.94 32.76
C LYS B 198 -1.75 -30.94 34.28
N ASP B 199 -0.52 -30.88 34.77
CA ASP B 199 -0.26 -30.85 36.21
C ASP B 199 -0.48 -29.47 36.81
N GLY B 200 -0.79 -28.47 36.00
CA GLY B 200 -1.05 -27.14 36.52
C GLY B 200 0.17 -26.36 36.95
N ARG B 201 1.35 -26.71 36.45
CA ARG B 201 2.57 -26.00 36.81
C ARG B 201 2.71 -24.64 36.14
N PHE B 202 1.77 -24.26 35.28
CA PHE B 202 1.76 -22.95 34.65
C PHE B 202 0.70 -22.02 35.24
N LYS B 203 -0.16 -22.53 36.12
CA LYS B 203 -1.26 -21.72 36.64
C LYS B 203 -0.76 -20.59 37.54
N ASP B 204 0.33 -20.84 38.28
CA ASP B 204 0.85 -19.82 39.19
C ASP B 204 1.37 -18.61 38.45
N GLU B 205 2.11 -18.84 37.36
CA GLU B 205 2.73 -17.73 36.64
C GLU B 205 1.77 -17.03 35.69
N ILE B 206 0.79 -17.75 35.14
CA ILE B 206 -0.13 -17.18 34.16
C ILE B 206 -1.18 -16.35 34.89
N VAL B 207 -1.38 -15.12 34.44
CA VAL B 207 -2.52 -14.30 34.82
C VAL B 207 -3.53 -14.36 33.69
N PRO B 208 -4.81 -14.61 33.97
CA PRO B 208 -5.80 -14.68 32.89
C PRO B 208 -5.97 -13.33 32.21
N PHE B 209 -6.26 -13.38 30.91
CA PHE B 209 -6.50 -12.17 30.13
C PHE B 209 -7.87 -12.24 29.50
N ILE B 210 -8.64 -11.17 29.64
CA ILE B 210 -9.99 -11.10 29.09
C ILE B 210 -9.90 -10.43 27.72
N VAL B 211 -10.16 -11.19 26.67
CA VAL B 211 -10.18 -10.66 25.31
C VAL B 211 -11.59 -10.12 25.07
N LYS B 212 -11.73 -8.80 25.14
CA LYS B 212 -13.02 -8.15 24.96
C LYS B 212 -13.35 -8.08 23.48
N GLY B 213 -14.46 -8.71 23.08
CA GLY B 213 -14.92 -8.68 21.71
C GLY B 213 -16.33 -8.11 21.65
N LYS B 215 -18.96 -9.57 20.33
CA LYS B 215 -19.98 -10.59 20.60
C LYS B 215 -19.61 -11.45 21.79
N GLY B 216 -19.31 -10.81 22.92
CA GLY B 216 -18.99 -11.52 24.15
C GLY B 216 -17.49 -11.60 24.41
N ASP B 217 -17.11 -11.54 25.68
CA ASP B 217 -15.71 -11.59 26.10
C ASP B 217 -15.27 -13.03 26.27
N ILE B 218 -13.96 -13.26 26.07
CA ILE B 218 -13.36 -14.58 26.15
C ILE B 218 -12.17 -14.51 27.12
N THR B 219 -12.10 -15.49 28.02
CA THR B 219 -11.00 -15.59 28.98
C THR B 219 -9.95 -16.53 28.43
N VAL B 220 -8.75 -16.01 28.21
CA VAL B 220 -7.62 -16.79 27.72
C VAL B 220 -6.76 -17.14 28.93
N ASP B 221 -6.66 -18.43 29.25
CA ASP B 221 -6.01 -18.88 30.46
C ASP B 221 -4.92 -19.92 30.23
N ALA B 222 -4.82 -20.49 29.03
CA ALA B 222 -3.84 -21.52 28.74
C ALA B 222 -3.12 -21.22 27.43
N ASP B 223 -1.87 -21.67 27.34
CA ASP B 223 -1.09 -21.50 26.12
C ASP B 223 -1.70 -22.33 25.00
N GLU B 224 -2.14 -21.66 23.93
CA GLU B 224 -2.82 -22.35 22.84
C GLU B 224 -1.85 -23.05 21.89
N GLU B 225 -0.54 -22.89 22.09
CA GLU B 225 0.44 -23.56 21.26
C GLU B 225 0.84 -24.93 21.79
N ILE B 226 0.60 -25.20 23.07
CA ILE B 226 0.97 -26.49 23.65
C ILE B 226 0.03 -27.57 23.13
N ARG B 227 0.59 -28.52 22.40
CA ARG B 227 -0.19 -29.61 21.81
C ARG B 227 0.61 -30.89 21.93
N GLY B 228 -0.04 -32.00 21.57
CA GLY B 228 0.62 -33.29 21.60
C GLY B 228 1.36 -33.53 20.31
N ALA B 229 2.63 -33.92 20.41
CA ALA B 229 3.47 -34.13 19.24
C ALA B 229 3.91 -35.58 19.19
N THR B 230 3.98 -36.11 17.96
CA THR B 230 4.48 -37.44 17.69
C THR B 230 5.70 -37.36 16.79
N LEU B 231 6.65 -38.28 17.03
CA LEU B 231 7.90 -38.26 16.25
C LEU B 231 7.65 -38.57 14.78
N ASP B 232 6.60 -39.33 14.47
CA ASP B 232 6.33 -39.68 13.08
C ASP B 232 5.79 -38.49 12.30
N LYS B 233 4.83 -37.77 12.87
CA LYS B 233 4.32 -36.58 12.21
C LYS B 233 5.39 -35.50 12.10
N MET B 234 6.34 -35.46 13.04
CA MET B 234 7.40 -34.46 12.94
C MET B 234 8.38 -34.79 11.83
N ALA B 235 8.66 -36.08 11.63
CA ALA B 235 9.66 -36.48 10.64
C ALA B 235 9.17 -36.32 9.21
N LYS B 236 7.86 -36.12 8.99
CA LYS B 236 7.33 -35.93 7.66
C LYS B 236 7.37 -34.48 7.20
N LEU B 237 7.69 -33.55 8.09
CA LEU B 237 7.65 -32.14 7.73
C LEU B 237 8.81 -31.77 6.80
N ARG B 238 8.54 -30.89 5.85
CA ARG B 238 9.55 -30.41 4.93
C ARG B 238 10.35 -29.27 5.58
N PRO B 239 11.60 -29.09 5.17
CA PRO B 239 12.40 -27.98 5.73
C PRO B 239 11.77 -26.63 5.39
N ALA B 240 11.80 -25.72 6.36
CA ALA B 240 11.08 -24.46 6.24
C ALA B 240 11.93 -23.31 5.70
N PHE B 241 13.26 -23.46 5.69
CA PHE B 241 14.14 -22.37 5.26
C PHE B 241 15.04 -22.82 4.12
N ASP B 242 16.02 -23.69 4.38
CA ASP B 242 16.82 -24.25 3.29
C ASP B 242 16.02 -25.36 2.62
N LYS B 243 16.01 -25.37 1.28
CA LYS B 243 15.25 -26.37 0.56
C LYS B 243 15.73 -27.78 0.85
N GLU B 244 17.00 -27.94 1.24
CA GLU B 244 17.56 -29.22 1.66
C GLU B 244 18.21 -29.08 3.02
N GLY B 245 17.43 -28.60 3.99
CA GLY B 245 17.93 -28.30 5.31
C GLY B 245 17.33 -29.18 6.39
N THR B 246 17.59 -28.79 7.63
CA THR B 246 17.21 -29.57 8.81
C THR B 246 16.14 -28.90 9.66
N VAL B 247 16.06 -27.57 9.66
CA VAL B 247 15.10 -26.87 10.49
C VAL B 247 13.73 -26.89 9.80
N THR B 248 12.72 -27.35 10.51
CA THR B 248 11.35 -27.40 10.03
C THR B 248 10.45 -26.56 10.94
N ALA B 249 9.17 -26.48 10.57
CA ALA B 249 8.21 -25.78 11.42
C ALA B 249 8.02 -26.48 12.76
N GLY B 250 8.32 -27.78 12.84
CA GLY B 250 8.15 -28.53 14.06
C GLY B 250 9.25 -28.35 15.08
N ASN B 251 10.51 -28.31 14.63
CA ASN B 251 11.64 -28.18 15.53
C ASN B 251 12.10 -26.73 15.69
N ALA B 252 11.33 -25.78 15.17
CA ALA B 252 11.61 -24.36 15.36
C ALA B 252 10.50 -23.72 16.17
N SER B 253 10.84 -22.67 16.91
CA SER B 253 9.85 -21.94 17.68
C SER B 253 8.85 -21.26 16.74
N THR B 254 7.69 -20.91 17.30
CA THR B 254 6.60 -20.34 16.52
C THR B 254 6.54 -18.82 16.72
N LEU B 255 5.63 -18.19 15.98
CA LEU B 255 5.36 -16.77 16.12
C LEU B 255 4.18 -16.60 17.06
N ASN B 256 4.32 -15.72 18.05
CA ASN B 256 3.37 -15.73 19.16
C ASN B 256 3.16 -14.32 19.70
N ASP B 257 2.13 -14.20 20.53
CA ASP B 257 1.80 -12.96 21.23
C ASP B 257 1.77 -13.24 22.73
N GLY B 258 2.13 -12.24 23.51
CA GLY B 258 2.10 -12.38 24.95
C GLY B 258 2.92 -11.29 25.63
N ALA B 259 2.87 -11.32 26.96
CA ALA B 259 3.58 -10.34 27.78
C ALA B 259 3.96 -10.98 29.10
N ALA B 260 5.01 -10.44 29.71
CA ALA B 260 5.51 -10.94 30.99
C ALA B 260 6.29 -9.81 31.66
N ALA B 261 6.30 -9.83 32.99
CA ALA B 261 6.94 -8.77 33.75
C ALA B 261 7.30 -9.29 35.13
N ALA B 262 8.13 -8.50 35.82
CA ALA B 262 8.52 -8.77 37.20
C ALA B 262 8.56 -7.45 37.96
N LEU B 263 8.53 -7.54 39.29
CA LEU B 263 8.56 -6.38 40.15
C LEU B 263 9.87 -6.38 40.92
N LEU B 264 10.62 -5.30 40.81
CA LEU B 264 11.95 -5.20 41.39
C LEU B 264 11.96 -4.21 42.55
N MET B 265 12.78 -4.54 43.55
CA MET B 265 13.02 -3.68 44.71
C MET B 265 14.25 -4.20 45.42
N SER B 266 14.78 -3.39 46.34
CA SER B 266 15.94 -3.81 47.10
C SER B 266 15.54 -4.85 48.15
N GLU B 267 16.54 -5.61 48.61
CA GLU B 267 16.26 -6.64 49.60
C GLU B 267 15.81 -6.03 50.92
N ALA B 268 16.37 -4.88 51.29
CA ALA B 268 15.93 -4.20 52.51
C ALA B 268 14.52 -3.65 52.37
N GLU B 269 14.16 -3.16 51.18
CA GLU B 269 12.80 -2.67 50.98
C GLU B 269 11.79 -3.80 51.10
N ALA B 270 12.10 -4.96 50.49
CA ALA B 270 11.21 -6.11 50.60
C ALA B 270 11.09 -6.56 52.05
N SER B 271 12.19 -6.49 52.81
CA SER B 271 12.15 -6.88 54.21
C SER B 271 11.29 -5.91 55.03
N ARG B 272 11.36 -4.61 54.73
CA ARG B 272 10.56 -3.65 55.47
C ARG B 272 9.07 -3.80 55.18
N ARG B 273 8.72 -4.28 53.99
CA ARG B 273 7.33 -4.49 53.62
C ARG B 273 6.83 -5.89 53.95
N GLY B 274 7.65 -6.72 54.58
CA GLY B 274 7.25 -8.08 54.89
C GLY B 274 7.02 -8.96 53.67
N ILE B 275 7.64 -8.64 52.55
CA ILE B 275 7.49 -9.41 51.32
C ILE B 275 8.51 -10.54 51.33
N GLN B 276 8.06 -11.75 50.97
CA GLN B 276 8.95 -12.89 50.81
C GLN B 276 9.27 -13.03 49.32
N PRO B 277 10.47 -12.63 48.89
CA PRO B 277 10.74 -12.49 47.46
C PRO B 277 10.91 -13.84 46.77
N LEU B 278 10.69 -13.82 45.45
CA LEU B 278 10.87 -15.02 44.64
C LEU B 278 12.35 -15.40 44.54
N GLY B 279 13.23 -14.42 44.45
CA GLY B 279 14.65 -14.69 44.36
C GLY B 279 15.43 -13.39 44.31
N ARG B 280 16.75 -13.52 44.47
CA ARG B 280 17.65 -12.38 44.46
C ARG B 280 18.54 -12.46 43.21
N ILE B 281 18.62 -11.35 42.48
CA ILE B 281 19.51 -11.27 41.33
C ILE B 281 20.94 -11.13 41.81
N VAL B 282 21.77 -12.13 41.50
CA VAL B 282 23.15 -12.15 41.96
C VAL B 282 24.14 -11.72 40.89
N SER B 283 23.83 -11.92 39.61
CA SER B 283 24.73 -11.50 38.53
C SER B 283 23.96 -11.52 37.22
N TRP B 284 24.58 -10.93 36.20
CA TRP B 284 24.03 -10.92 34.85
C TRP B 284 25.18 -10.58 33.89
N ALA B 285 24.96 -10.89 32.62
CA ALA B 285 25.98 -10.62 31.62
C ALA B 285 25.34 -10.64 30.23
N THR B 286 25.95 -9.89 29.32
CA THR B 286 25.55 -9.91 27.92
C THR B 286 26.80 -9.85 27.06
N VAL B 287 26.88 -10.75 26.08
CA VAL B 287 28.07 -10.89 25.25
C VAL B 287 27.60 -10.99 23.80
N GLY B 288 28.47 -10.60 22.88
CA GLY B 288 28.21 -10.71 21.46
C GLY B 288 28.99 -11.84 20.82
N VAL B 289 28.41 -12.41 19.77
CA VAL B 289 29.02 -13.48 19.00
C VAL B 289 28.84 -13.15 17.52
N ASP B 290 29.31 -14.05 16.66
CA ASP B 290 29.16 -13.84 15.23
C ASP B 290 27.69 -13.97 14.84
N PRO B 291 27.17 -13.05 14.02
CA PRO B 291 25.75 -13.14 13.64
C PRO B 291 25.42 -14.40 12.85
N LYS B 292 26.40 -15.02 12.18
CA LYS B 292 26.13 -16.25 11.44
C LYS B 292 25.69 -17.38 12.37
N VAL B 293 26.15 -17.38 13.62
CA VAL B 293 25.82 -18.43 14.57
C VAL B 293 25.29 -17.80 15.86
N MET B 294 24.27 -16.94 15.74
CA MET B 294 23.75 -16.24 16.90
C MET B 294 23.21 -17.17 17.98
N GLY B 295 22.88 -18.41 17.61
CA GLY B 295 22.34 -19.36 18.58
C GLY B 295 23.33 -19.74 19.67
N THR B 296 24.63 -19.53 19.43
CA THR B 296 25.66 -19.81 20.42
C THR B 296 25.85 -18.68 21.41
N GLY B 297 25.01 -17.64 21.33
CA GLY B 297 25.05 -16.52 22.26
C GLY B 297 25.05 -16.89 23.73
N PRO B 298 24.16 -17.79 24.16
CA PRO B 298 24.09 -18.11 25.59
C PRO B 298 25.35 -18.75 26.16
N ILE B 299 26.27 -19.23 25.33
CA ILE B 299 27.45 -19.93 25.83
C ILE B 299 28.39 -18.96 26.55
N PRO B 300 28.90 -17.90 25.91
CA PRO B 300 29.77 -16.98 26.66
C PRO B 300 29.01 -16.11 27.65
N ALA B 301 27.73 -15.86 27.41
CA ALA B 301 26.95 -15.05 28.35
C ALA B 301 26.73 -15.78 29.65
N SER B 302 26.41 -17.09 29.59
CA SER B 302 26.21 -17.86 30.81
C SER B 302 27.52 -18.02 31.58
N ARG B 303 28.62 -18.27 30.86
CA ARG B 303 29.91 -18.40 31.53
C ARG B 303 30.33 -17.10 32.20
N LYS B 304 30.04 -15.96 31.57
CA LYS B 304 30.40 -14.69 32.17
C LYS B 304 29.51 -14.38 33.37
N ALA B 305 28.21 -14.70 33.28
CA ALA B 305 27.32 -14.48 34.41
C ALA B 305 27.72 -15.36 35.60
N LEU B 306 28.05 -16.62 35.35
CA LEU B 306 28.48 -17.51 36.44
C LEU B 306 29.77 -17.01 37.07
N GLU B 307 30.72 -16.52 36.26
CA GLU B 307 31.95 -15.97 36.81
C GLU B 307 31.68 -14.72 37.65
N ARG B 308 30.79 -13.84 37.17
CA ARG B 308 30.44 -12.66 37.96
C ARG B 308 29.76 -13.05 39.27
N ALA B 309 28.97 -14.12 39.25
CA ALA B 309 28.32 -14.59 40.47
C ALA B 309 29.25 -15.43 41.34
N GLY B 310 30.35 -15.93 40.78
CA GLY B 310 31.22 -16.82 41.52
C GLY B 310 30.74 -18.25 41.59
N TRP B 311 29.90 -18.68 40.65
CA TRP B 311 29.36 -20.03 40.63
C TRP B 311 30.03 -20.86 39.54
N LYS B 312 30.12 -22.15 39.79
CA LYS B 312 30.47 -23.11 38.75
C LYS B 312 29.20 -23.65 38.12
N ILE B 313 29.35 -24.24 36.92
CA ILE B 313 28.22 -24.82 36.22
C ILE B 313 27.58 -25.94 37.06
N GLY B 314 28.38 -26.64 37.84
CA GLY B 314 27.85 -27.69 38.71
C GLY B 314 27.05 -27.20 39.90
N ASP B 315 27.09 -25.89 40.18
CA ASP B 315 26.31 -25.34 41.29
C ASP B 315 24.85 -25.09 40.92
N LEU B 316 24.54 -25.01 39.63
CA LEU B 316 23.19 -24.67 39.20
C LEU B 316 22.23 -25.81 39.50
N ASP B 317 21.12 -25.47 40.17
CA ASP B 317 20.06 -26.42 40.46
C ASP B 317 18.97 -26.42 39.39
N LEU B 318 18.83 -25.33 38.65
CA LEU B 318 17.79 -25.20 37.64
C LEU B 318 18.28 -24.23 36.58
N VAL B 319 17.98 -24.53 35.32
CA VAL B 319 18.41 -23.71 34.19
C VAL B 319 17.24 -23.54 33.23
N GLU B 320 17.03 -22.31 32.78
CA GLU B 320 16.04 -22.00 31.75
C GLU B 320 16.75 -21.38 30.56
N ALA B 321 16.89 -22.14 29.48
CA ALA B 321 17.52 -21.68 28.26
C ALA B 321 16.47 -21.64 27.16
N ASN B 322 16.31 -20.47 26.53
CA ASN B 322 15.26 -20.29 25.53
C ASN B 322 15.57 -21.12 24.30
N GLU B 323 14.59 -21.94 23.88
CA GLU B 323 14.75 -22.83 22.74
C GLU B 323 14.18 -22.15 21.50
N ALA B 324 14.97 -21.24 20.93
CA ALA B 324 14.59 -20.64 19.65
C ALA B 324 14.52 -21.69 18.55
N PHE B 325 15.51 -22.57 18.49
CA PHE B 325 15.54 -23.67 17.54
C PHE B 325 16.09 -24.90 18.23
N ALA B 326 15.67 -26.08 17.76
CA ALA B 326 16.21 -27.32 18.32
C ALA B 326 17.70 -27.42 18.09
N ALA B 327 18.19 -26.94 16.94
CA ALA B 327 19.61 -27.02 16.64
C ALA B 327 20.44 -26.14 17.58
N GLN B 328 19.97 -24.92 17.86
CA GLN B 328 20.74 -24.05 18.74
C GLN B 328 20.70 -24.54 20.18
N ALA B 329 19.54 -25.04 20.63
CA ALA B 329 19.42 -25.48 22.02
C ALA B 329 20.24 -26.72 22.29
N CYS B 330 20.37 -27.61 21.31
CA CYS B 330 21.23 -28.78 21.50
C CYS B 330 22.70 -28.38 21.63
N ALA B 331 23.13 -27.39 20.85
CA ALA B 331 24.52 -26.95 20.90
C ALA B 331 24.84 -26.24 22.22
N VAL B 332 23.88 -25.49 22.77
CA VAL B 332 24.12 -24.79 24.02
C VAL B 332 24.31 -25.78 25.17
N ASN B 333 23.45 -26.81 25.23
CA ASN B 333 23.60 -27.83 26.26
C ASN B 333 24.89 -28.63 26.11
N LYS B 334 25.32 -28.86 24.86
CA LYS B 334 26.52 -29.65 24.63
C LYS B 334 27.78 -28.89 25.04
N ASP B 335 27.84 -27.59 24.72
CA ASP B 335 29.05 -26.82 25.02
C ASP B 335 29.19 -26.58 26.52
N LEU B 336 28.15 -26.05 27.16
CA LEU B 336 28.22 -25.77 28.59
C LEU B 336 28.29 -27.04 29.41
N GLY B 337 27.73 -28.13 28.91
CA GLY B 337 27.86 -29.43 29.56
C GLY B 337 27.13 -29.57 30.88
N TRP B 338 26.08 -28.80 31.10
CA TRP B 338 25.28 -28.98 32.31
C TRP B 338 24.31 -30.14 32.15
N ASP B 339 23.76 -30.57 33.27
CA ASP B 339 22.84 -31.71 33.28
C ASP B 339 21.56 -31.35 32.54
N PRO B 340 21.24 -32.02 31.42
CA PRO B 340 20.02 -31.67 30.68
C PRO B 340 18.74 -31.94 31.43
N SER B 341 18.80 -32.69 32.54
CA SER B 341 17.60 -32.96 33.32
C SER B 341 17.15 -31.77 34.16
N ILE B 342 17.99 -30.74 34.30
CA ILE B 342 17.63 -29.53 35.04
C ILE B 342 17.39 -28.36 34.09
N VAL B 343 17.40 -28.59 32.79
CA VAL B 343 17.27 -27.54 31.79
C VAL B 343 15.87 -27.62 31.18
N ASN B 344 15.09 -26.57 31.38
CA ASN B 344 13.74 -26.44 30.81
C ASN B 344 12.87 -27.63 31.19
N VAL B 345 12.74 -27.85 32.50
CA VAL B 345 12.04 -29.03 33.01
C VAL B 345 10.55 -29.01 32.67
N ASN B 346 9.99 -27.86 32.31
CA ASN B 346 8.58 -27.74 31.96
C ASN B 346 8.36 -27.46 30.49
N GLY B 347 9.37 -27.68 29.66
CA GLY B 347 9.29 -27.40 28.24
C GLY B 347 9.92 -26.07 27.88
N GLY B 348 9.88 -25.76 26.59
CA GLY B 348 10.50 -24.55 26.09
C GLY B 348 9.72 -23.83 25.02
N ALA B 349 10.36 -22.87 24.36
CA ALA B 349 9.70 -22.03 23.36
C ALA B 349 9.28 -22.82 22.13
N ILE B 350 9.85 -24.01 21.90
CA ILE B 350 9.46 -24.81 20.75
C ILE B 350 8.02 -25.26 20.87
N ALA B 351 7.54 -25.49 22.10
CA ALA B 351 6.17 -25.91 22.36
C ALA B 351 5.29 -24.81 22.93
N ILE B 352 5.85 -23.94 23.79
CA ILE B 352 5.03 -22.91 24.43
C ILE B 352 4.85 -21.70 23.51
N GLY B 353 5.88 -21.33 22.77
CA GLY B 353 5.83 -20.17 21.91
C GLY B 353 6.98 -19.21 22.20
N HIS B 354 7.13 -18.25 21.30
CA HIS B 354 8.26 -17.32 21.33
C HIS B 354 7.78 -15.91 21.00
N PRO B 355 7.20 -15.21 21.97
CA PRO B 355 6.95 -13.77 21.79
C PRO B 355 8.25 -12.99 21.99
N ILE B 356 8.76 -12.42 20.89
CA ILE B 356 10.15 -11.95 20.86
C ILE B 356 10.45 -10.98 21.99
N GLY B 357 9.67 -9.89 22.08
CA GLY B 357 9.96 -8.89 23.10
C GLY B 357 9.77 -9.41 24.52
N ALA B 358 8.84 -10.34 24.72
CA ALA B 358 8.52 -10.83 26.05
C ALA B 358 9.19 -12.15 26.41
N SER B 359 9.89 -12.78 25.47
CA SER B 359 10.43 -14.12 25.73
C SER B 359 11.47 -14.10 26.84
N GLY B 360 12.24 -13.03 26.96
CA GLY B 360 13.21 -12.95 28.03
C GLY B 360 12.58 -12.97 29.40
N ALA B 361 11.48 -12.23 29.57
CA ALA B 361 10.77 -12.22 30.84
C ALA B 361 9.92 -13.47 31.01
N ARG B 362 9.51 -14.10 29.91
CA ARG B 362 8.69 -15.30 30.01
C ARG B 362 9.46 -16.44 30.66
N ILE B 363 10.64 -16.76 30.13
CA ILE B 363 11.43 -17.84 30.71
C ILE B 363 11.94 -17.47 32.09
N LEU B 364 12.06 -16.18 32.38
CA LEU B 364 12.43 -15.76 33.74
C LEU B 364 11.29 -16.02 34.71
N ASN B 365 10.04 -15.93 34.24
CA ASN B 365 8.90 -16.30 35.07
C ASN B 365 8.91 -17.79 35.39
N THR B 366 9.09 -18.62 34.36
CA THR B 366 9.10 -20.06 34.55
C THR B 366 10.22 -20.48 35.50
N LEU B 367 11.38 -19.83 35.38
CA LEU B 367 12.52 -20.15 36.23
C LEU B 367 12.24 -19.80 37.68
N LEU B 368 11.56 -18.69 37.93
CA LEU B 368 11.31 -18.25 39.30
C LEU B 368 10.28 -19.12 40.00
N PHE B 369 9.17 -19.43 39.33
CA PHE B 369 8.13 -20.21 39.98
C PHE B 369 8.54 -21.67 40.16
N GLU B 370 9.29 -22.22 39.21
CA GLU B 370 9.78 -23.59 39.37
C GLU B 370 10.83 -23.68 40.46
N MET B 371 11.64 -22.63 40.64
CA MET B 371 12.62 -22.64 41.74
C MET B 371 11.92 -22.67 43.09
N LYS B 372 10.85 -21.89 43.24
CA LYS B 372 10.13 -21.87 44.51
C LYS B 372 9.32 -23.15 44.70
N ARG B 373 8.86 -23.75 43.59
CA ARG B 373 8.02 -24.94 43.69
C ARG B 373 8.82 -26.16 44.14
N ARG B 374 10.07 -26.28 43.70
CA ARG B 374 10.91 -27.42 44.05
C ARG B 374 12.03 -27.07 45.01
N GLY B 375 12.11 -25.83 45.47
CA GLY B 375 13.10 -25.46 46.46
C GLY B 375 14.52 -25.35 45.94
N ALA B 376 14.69 -25.05 44.66
CA ALA B 376 16.02 -24.87 44.09
C ALA B 376 16.64 -23.58 44.64
N ARG B 377 17.95 -23.62 44.88
CA ARG B 377 18.64 -22.47 45.46
C ARG B 377 19.25 -21.56 44.40
N LYS B 378 19.90 -22.12 43.38
CA LYS B 378 20.62 -21.36 42.38
C LYS B 378 20.05 -21.67 41.00
N GLY B 379 19.67 -20.62 40.26
CA GLY B 379 19.11 -20.78 38.95
C GLY B 379 19.81 -19.87 37.94
N LEU B 380 19.54 -20.13 36.67
CA LEU B 380 20.11 -19.35 35.58
C LEU B 380 19.14 -19.31 34.42
N ALA B 381 18.88 -18.11 33.90
CA ALA B 381 18.10 -17.92 32.70
C ALA B 381 18.98 -17.30 31.62
N THR B 382 18.79 -17.74 30.38
CA THR B 382 19.64 -17.26 29.29
C THR B 382 18.90 -17.41 27.96
N LEU B 383 19.21 -16.52 27.02
CA LEU B 383 18.61 -16.54 25.70
C LEU B 383 19.67 -16.20 24.65
N CYS B 384 19.39 -16.58 23.42
CA CYS B 384 20.16 -16.15 22.26
C CYS B 384 19.45 -14.97 21.60
N ILE B 385 20.24 -14.08 21.01
CA ILE B 385 19.73 -12.82 20.46
C ILE B 385 20.17 -12.71 19.01
N GLY B 386 19.24 -12.31 18.14
CA GLY B 386 19.59 -12.06 16.76
C GLY B 386 20.65 -10.98 16.62
N GLY B 387 21.38 -11.05 15.52
CA GLY B 387 22.52 -10.19 15.32
C GLY B 387 23.77 -10.64 16.05
N GLY B 388 23.72 -11.79 16.72
CA GLY B 388 24.89 -12.35 17.36
C GLY B 388 25.12 -11.85 18.78
N MET B 389 24.18 -12.12 19.69
CA MET B 389 24.33 -11.73 21.07
C MET B 389 23.71 -12.77 21.98
N GLY B 390 24.12 -12.74 23.24
CA GLY B 390 23.54 -13.59 24.26
C GLY B 390 23.45 -12.83 25.57
N VAL B 391 22.49 -13.23 26.39
CA VAL B 391 22.26 -12.60 27.69
C VAL B 391 21.90 -13.69 28.68
N ALA B 392 22.37 -13.53 29.92
CA ALA B 392 22.13 -14.52 30.96
C ALA B 392 22.01 -13.82 32.30
N MET B 393 21.26 -14.43 33.21
CA MET B 393 21.06 -13.89 34.55
C MET B 393 21.06 -15.04 35.55
N CYS B 394 21.68 -14.81 36.70
CA CYS B 394 21.77 -15.79 37.77
C CYS B 394 20.87 -15.35 38.92
N ILE B 395 20.06 -16.28 39.42
CA ILE B 395 19.09 -16.00 40.48
C ILE B 395 19.37 -16.95 41.64
N GLU B 396 19.33 -16.41 42.86
CA GLU B 396 19.46 -17.20 44.08
C GLU B 396 18.18 -17.06 44.89
N SER B 397 17.68 -18.17 45.41
CA SER B 397 16.41 -18.17 46.10
C SER B 397 16.54 -17.52 47.48
N LEU B 398 15.39 -17.11 48.03
CA LEU B 398 15.34 -16.50 49.35
C LEU B 398 14.32 -17.22 50.24
N PRO C 10 -25.54 5.70 -46.90
CA PRO C 10 -24.71 5.49 -45.70
C PRO C 10 -23.32 6.10 -45.82
N SER C 11 -23.22 7.43 -45.74
CA SER C 11 -21.94 8.13 -45.80
C SER C 11 -21.76 8.95 -44.54
N ILE C 12 -20.64 8.77 -43.85
CA ILE C 12 -20.33 9.44 -42.60
C ILE C 12 -19.13 10.35 -42.80
N VAL C 13 -19.25 11.59 -42.32
CA VAL C 13 -18.19 12.59 -42.41
C VAL C 13 -17.77 12.98 -40.99
N ILE C 14 -16.59 13.56 -40.89
CA ILE C 14 -16.07 14.09 -39.64
C ILE C 14 -16.24 15.60 -39.70
N ALA C 15 -17.22 16.12 -38.96
CA ALA C 15 -17.55 17.54 -39.06
C ALA C 15 -16.52 18.42 -38.38
N SER C 16 -15.87 17.92 -37.32
CA SER C 16 -14.87 18.69 -36.60
C SER C 16 -14.05 17.75 -35.72
N ALA C 17 -12.92 18.25 -35.26
CA ALA C 17 -12.01 17.47 -34.42
C ALA C 17 -11.20 18.42 -33.55
N ALA C 18 -10.67 17.88 -32.45
CA ALA C 18 -9.86 18.66 -31.53
C ALA C 18 -9.06 17.71 -30.65
N ARG C 19 -8.01 18.25 -30.04
CA ARG C 19 -7.18 17.50 -29.10
C ARG C 19 -6.54 18.48 -28.14
N THR C 20 -6.17 17.97 -26.97
CA THR C 20 -5.42 18.76 -26.00
C THR C 20 -3.94 18.69 -26.31
N ALA C 21 -3.17 19.54 -25.63
CA ALA C 21 -1.73 19.39 -25.66
C ALA C 21 -1.33 18.08 -24.98
N VAL C 22 -0.40 17.36 -25.59
CA VAL C 22 0.05 16.09 -25.04
C VAL C 22 1.07 16.39 -23.94
N GLY C 23 0.69 16.15 -22.70
CA GLY C 23 1.56 16.45 -21.59
C GLY C 23 2.55 15.34 -21.30
N SER C 24 3.64 15.71 -20.64
CA SER C 24 4.66 14.74 -20.31
C SER C 24 4.27 13.93 -19.07
N PHE C 25 4.90 12.78 -18.93
CA PHE C 25 4.66 11.93 -17.78
C PHE C 25 5.03 12.66 -16.50
N ASN C 26 4.07 12.78 -15.58
CA ASN C 26 4.24 13.57 -14.35
C ASN C 26 4.59 15.03 -14.65
N GLY C 27 3.94 15.60 -15.67
CA GLY C 27 4.21 16.98 -16.02
C GLY C 27 3.06 17.91 -15.73
N ALA C 28 2.56 18.57 -16.79
CA ALA C 28 1.50 19.56 -16.61
C ALA C 28 0.21 18.91 -16.12
N PHE C 29 -0.11 17.70 -16.61
CA PHE C 29 -1.32 16.99 -16.23
C PHE C 29 -1.05 15.90 -15.20
N ALA C 30 -0.06 16.09 -14.33
CA ALA C 30 0.31 15.06 -13.37
C ALA C 30 -0.82 14.76 -12.39
N ASN C 31 -1.71 15.72 -12.16
CA ASN C 31 -2.83 15.55 -11.23
C ASN C 31 -4.16 15.87 -11.88
N THR C 32 -4.24 15.81 -13.21
CA THR C 32 -5.48 16.07 -13.93
C THR C 32 -6.13 14.76 -14.34
N PRO C 33 -7.32 14.43 -13.83
CA PRO C 33 -7.98 13.19 -14.26
C PRO C 33 -8.33 13.22 -15.75
N ALA C 34 -8.48 12.02 -16.32
CA ALA C 34 -8.67 11.89 -17.76
C ALA C 34 -9.99 12.48 -18.23
N HIS C 35 -11.06 12.38 -17.42
CA HIS C 35 -12.35 12.88 -17.86
C HIS C 35 -12.36 14.41 -17.94
N GLU C 36 -11.51 15.07 -17.14
CA GLU C 36 -11.40 16.52 -17.25
C GLU C 36 -10.77 16.92 -18.58
N LEU C 37 -9.74 16.21 -19.01
CA LEU C 37 -9.19 16.41 -20.35
C LEU C 37 -10.20 16.02 -21.41
N GLY C 38 -10.96 14.95 -21.16
CA GLY C 38 -11.96 14.51 -22.12
C GLY C 38 -13.09 15.51 -22.29
N ALA C 39 -13.50 16.16 -21.19
CA ALA C 39 -14.55 17.15 -21.26
C ALA C 39 -14.15 18.35 -22.12
N THR C 40 -12.89 18.77 -22.03
CA THR C 40 -12.43 19.92 -22.82
C THR C 40 -12.51 19.65 -24.31
N VAL C 41 -12.20 18.41 -24.73
CA VAL C 41 -12.21 18.10 -26.15
C VAL C 41 -13.63 17.95 -26.67
N ILE C 42 -14.53 17.40 -25.84
CA ILE C 42 -15.93 17.27 -26.24
C ILE C 42 -16.56 18.64 -26.46
N SER C 43 -16.27 19.58 -25.56
CA SER C 43 -16.79 20.94 -25.73
C SER C 43 -16.22 21.61 -26.97
N ALA C 44 -14.97 21.30 -27.32
CA ALA C 44 -14.32 21.98 -28.44
C ALA C 44 -14.91 21.52 -29.77
N VAL C 45 -15.09 20.22 -29.95
CA VAL C 45 -15.62 19.71 -31.21
C VAL C 45 -17.07 20.14 -31.44
N LEU C 46 -17.80 20.46 -30.36
CA LEU C 46 -19.16 20.94 -30.53
C LEU C 46 -19.19 22.39 -31.01
N GLU C 47 -18.36 23.26 -30.43
CA GLU C 47 -18.32 24.64 -30.90
C GLU C 47 -17.68 24.75 -32.27
N ARG C 48 -16.68 23.91 -32.57
CA ARG C 48 -16.02 23.96 -33.88
C ARG C 48 -16.92 23.46 -34.99
N ALA C 49 -18.01 22.77 -34.67
CA ALA C 49 -18.94 22.29 -35.67
C ALA C 49 -20.29 22.99 -35.62
N GLY C 50 -20.53 23.84 -34.62
CA GLY C 50 -21.82 24.48 -34.48
C GLY C 50 -22.93 23.54 -34.06
N VAL C 51 -22.63 22.60 -33.17
CA VAL C 51 -23.59 21.59 -32.73
C VAL C 51 -23.82 21.77 -31.24
N ALA C 52 -25.09 21.88 -30.83
CA ALA C 52 -25.41 22.00 -29.43
C ALA C 52 -25.21 20.66 -28.72
N ALA C 53 -24.89 20.75 -27.43
CA ALA C 53 -24.65 19.52 -26.65
C ALA C 53 -25.89 18.65 -26.57
N GLY C 54 -27.08 19.27 -26.57
CA GLY C 54 -28.32 18.52 -26.50
C GLY C 54 -28.63 17.70 -27.73
N GLU C 55 -27.83 17.82 -28.79
CA GLU C 55 -28.03 17.06 -30.02
C GLU C 55 -27.14 15.81 -30.10
N VAL C 56 -26.19 15.66 -29.19
CA VAL C 56 -25.31 14.50 -29.19
C VAL C 56 -26.10 13.27 -28.72
N ASN C 57 -26.00 12.18 -29.47
CA ASN C 57 -26.69 10.96 -29.06
C ASN C 57 -25.83 10.11 -28.12
N GLU C 58 -24.56 9.93 -28.45
CA GLU C 58 -23.71 9.04 -27.66
C GLU C 58 -22.28 9.54 -27.71
N VAL C 59 -21.52 9.23 -26.66
CA VAL C 59 -20.11 9.59 -26.56
C VAL C 59 -19.33 8.30 -26.35
N ILE C 60 -18.40 8.03 -27.27
CA ILE C 60 -17.58 6.81 -27.23
C ILE C 60 -16.14 7.25 -27.01
N LEU C 61 -15.60 6.98 -25.83
CA LEU C 61 -14.26 7.41 -25.45
C LEU C 61 -13.43 6.17 -25.15
N GLY C 62 -12.40 5.93 -25.94
CA GLY C 62 -11.47 4.86 -25.63
C GLY C 62 -10.60 5.23 -24.44
N GLN C 63 -10.40 4.26 -23.55
CA GLN C 63 -9.56 4.48 -22.38
C GLN C 63 -9.01 3.15 -21.91
N VAL C 64 -7.72 3.15 -21.57
CA VAL C 64 -7.03 1.91 -21.23
C VAL C 64 -6.77 1.80 -19.73
N LEU C 65 -6.54 2.91 -19.03
CA LEU C 65 -6.21 2.91 -17.61
C LEU C 65 -7.27 3.72 -16.85
N PRO C 66 -8.46 3.15 -16.65
CA PRO C 66 -9.52 3.86 -15.92
C PRO C 66 -9.62 3.52 -14.43
N ALA C 67 -8.69 2.75 -13.90
CA ALA C 67 -8.76 2.32 -12.50
C ALA C 67 -8.63 3.51 -11.56
N GLY C 68 -9.59 3.65 -10.64
CA GLY C 68 -9.57 4.72 -9.67
C GLY C 68 -10.19 6.01 -10.14
N GLU C 69 -10.71 6.05 -11.36
CA GLU C 69 -11.29 7.23 -11.97
C GLU C 69 -12.80 7.37 -11.71
N GLY C 70 -13.44 6.35 -11.16
CA GLY C 70 -14.86 6.38 -10.84
C GLY C 70 -15.70 5.66 -11.88
N GLN C 71 -17.02 5.69 -11.67
CA GLN C 71 -17.95 5.00 -12.54
C GLN C 71 -17.96 5.64 -13.92
N ASN C 72 -17.62 4.85 -14.96
CA ASN C 72 -17.76 5.20 -16.36
C ASN C 72 -17.23 6.61 -16.65
N PRO C 73 -15.92 6.77 -16.80
CA PRO C 73 -15.35 8.11 -17.03
C PRO C 73 -15.84 8.76 -18.31
N ALA C 74 -16.27 7.98 -19.30
CA ALA C 74 -16.85 8.57 -20.51
C ALA C 74 -18.12 9.34 -20.17
N ARG C 75 -18.96 8.78 -19.29
CA ARG C 75 -20.16 9.48 -18.84
C ARG C 75 -19.79 10.74 -18.05
N GLN C 76 -18.78 10.64 -17.19
CA GLN C 76 -18.34 11.81 -16.43
C GLN C 76 -17.83 12.91 -17.36
N ALA C 77 -17.03 12.53 -18.37
CA ALA C 77 -16.53 13.52 -19.31
C ALA C 77 -17.66 14.17 -20.09
N ALA C 78 -18.67 13.39 -20.47
CA ALA C 78 -19.79 13.94 -21.24
C ALA C 78 -20.65 14.86 -20.38
N MET C 79 -20.90 14.47 -19.13
CA MET C 79 -21.69 15.31 -18.23
C MET C 79 -20.98 16.62 -17.94
N LYS C 80 -19.67 16.57 -17.68
CA LYS C 80 -18.91 17.78 -17.43
C LYS C 80 -18.80 18.65 -18.67
N ALA C 81 -18.84 18.06 -19.87
CA ALA C 81 -18.80 18.86 -21.08
C ALA C 81 -20.13 19.54 -21.40
N GLY C 82 -21.19 19.26 -20.65
CA GLY C 82 -22.49 19.85 -20.88
C GLY C 82 -23.45 19.01 -21.68
N VAL C 83 -23.09 17.78 -22.02
CA VAL C 83 -24.02 16.87 -22.73
C VAL C 83 -25.15 16.48 -21.78
N PRO C 84 -26.40 16.49 -22.21
CA PRO C 84 -27.50 16.19 -21.29
C PRO C 84 -27.53 14.72 -20.88
N GLN C 85 -28.20 14.47 -19.76
CA GLN C 85 -28.30 13.13 -19.17
C GLN C 85 -29.06 12.15 -20.05
N GLU C 86 -29.91 12.63 -20.96
CA GLU C 86 -30.63 11.75 -21.87
C GLU C 86 -29.70 11.03 -22.85
N ALA C 87 -28.54 11.61 -23.13
CA ALA C 87 -27.55 10.96 -23.99
C ALA C 87 -26.87 9.82 -23.26
N THR C 88 -26.17 8.98 -24.02
CA THR C 88 -25.44 7.84 -23.48
C THR C 88 -23.94 8.03 -23.70
N ALA C 89 -23.15 7.30 -22.91
CA ALA C 89 -21.70 7.34 -23.02
C ALA C 89 -21.13 6.03 -22.50
N TRP C 90 -20.03 5.59 -23.11
CA TRP C 90 -19.37 4.36 -22.65
C TRP C 90 -17.93 4.36 -23.15
N GLY C 91 -17.09 3.59 -22.46
CA GLY C 91 -15.70 3.42 -22.83
C GLY C 91 -15.43 2.09 -23.52
N MET C 92 -14.28 2.03 -24.20
CA MET C 92 -13.84 0.82 -24.86
C MET C 92 -12.32 0.75 -24.80
N ASN C 93 -11.78 -0.47 -24.87
CA ASN C 93 -10.35 -0.71 -24.71
C ASN C 93 -9.88 -1.67 -25.79
N GLN C 94 -9.16 -1.14 -26.78
CA GLN C 94 -8.34 -1.94 -27.68
C GLN C 94 -6.90 -1.43 -27.63
N LEU C 95 -6.45 -1.09 -26.41
CA LEU C 95 -5.13 -0.55 -26.14
C LEU C 95 -4.82 0.69 -26.99
N SCY C 96 -3.62 0.73 -27.56
CA SCY C 96 -3.17 1.88 -28.32
CB SCY C 96 -1.76 1.67 -28.85
SG SCY C 96 -0.54 1.53 -27.54
CD SCY C 96 -0.55 -0.09 -27.02
OCD SCY C 96 -0.93 -1.10 -27.65
CE SCY C 96 -0.03 -0.21 -25.62
C SCY C 96 -4.07 2.28 -29.54
O SCY C 96 -3.94 3.43 -30.04
N GLY C 97 -4.94 1.39 -29.99
CA GLY C 97 -5.83 1.68 -31.10
C GLY C 97 -7.23 2.04 -30.66
N SER C 98 -7.41 2.21 -29.35
CA SER C 98 -8.73 2.50 -28.81
C SER C 98 -9.27 3.83 -29.36
N GLY C 99 -8.41 4.85 -29.41
CA GLY C 99 -8.88 6.16 -29.86
C GLY C 99 -9.37 6.15 -31.29
N LEU C 100 -8.69 5.41 -32.17
CA LEU C 100 -9.11 5.35 -33.57
C LEU C 100 -10.27 4.39 -33.78
N ARG C 101 -10.30 3.30 -33.01
CA ARG C 101 -11.40 2.33 -33.14
C ARG C 101 -12.72 2.93 -32.69
N ALA C 102 -12.70 3.81 -31.68
CA ALA C 102 -13.92 4.46 -31.21
C ALA C 102 -14.57 5.28 -32.33
N VAL C 103 -13.75 5.85 -33.22
CA VAL C 103 -14.31 6.58 -34.36
C VAL C 103 -15.02 5.62 -35.31
N ALA C 104 -14.43 4.45 -35.55
CA ALA C 104 -15.07 3.45 -36.40
C ALA C 104 -16.35 2.95 -35.77
N LEU C 105 -16.36 2.78 -34.45
CA LEU C 105 -17.58 2.35 -33.77
C LEU C 105 -18.67 3.40 -33.87
N GLY C 106 -18.32 4.68 -33.63
CA GLY C 106 -19.29 5.74 -33.79
C GLY C 106 -19.78 5.87 -35.23
N MET C 107 -18.90 5.62 -36.19
CA MET C 107 -19.30 5.65 -37.59
C MET C 107 -20.35 4.58 -37.87
N GLN C 108 -20.24 3.42 -37.21
CA GLN C 108 -21.19 2.34 -37.42
C GLN C 108 -22.54 2.64 -36.77
N GLN C 109 -22.54 3.36 -35.65
CA GLN C 109 -23.81 3.76 -35.03
C GLN C 109 -24.65 4.58 -36.01
N ILE C 110 -24.03 5.51 -36.72
CA ILE C 110 -24.75 6.32 -37.69
C ILE C 110 -25.08 5.52 -38.94
N ALA C 111 -24.18 4.62 -39.34
CA ALA C 111 -24.42 3.82 -40.54
C ALA C 111 -25.59 2.86 -40.35
N THR C 112 -25.70 2.28 -39.15
CA THR C 112 -26.81 1.37 -38.86
C THR C 112 -28.09 2.10 -38.51
N GLY C 113 -28.06 3.43 -38.49
CA GLY C 113 -29.24 4.22 -38.20
C GLY C 113 -29.60 4.33 -36.73
N ASP C 114 -28.75 3.83 -35.83
CA ASP C 114 -29.02 3.90 -34.40
C ASP C 114 -28.58 5.20 -33.78
N ALA C 115 -28.00 6.11 -34.57
CA ALA C 115 -27.59 7.41 -34.06
C ALA C 115 -27.46 8.37 -35.22
N SER C 116 -27.45 9.66 -34.89
CA SER C 116 -27.32 10.73 -35.87
C SER C 116 -26.05 11.54 -35.67
N ILE C 117 -25.69 11.83 -34.42
CA ILE C 117 -24.51 12.64 -34.10
C ILE C 117 -23.76 11.96 -32.97
N ILE C 118 -22.50 11.62 -33.23
CA ILE C 118 -21.64 10.91 -32.28
C ILE C 118 -20.38 11.73 -32.02
N VAL C 119 -19.94 11.74 -30.77
CA VAL C 119 -18.63 12.26 -30.38
C VAL C 119 -17.77 11.07 -29.99
N ALA C 120 -16.70 10.83 -30.74
CA ALA C 120 -15.83 9.68 -30.53
C ALA C 120 -14.39 10.14 -30.38
N GLY C 121 -13.63 9.39 -29.58
CA GLY C 121 -12.23 9.73 -29.36
C GLY C 121 -11.63 8.90 -28.25
N GLY C 122 -10.70 9.51 -27.51
CA GLY C 122 -10.04 8.84 -26.42
C GLY C 122 -9.41 9.81 -25.47
N MET C 123 -9.12 9.32 -24.27
CA MET C 123 -8.53 10.13 -23.21
C MET C 123 -7.66 9.22 -22.34
N GLU C 124 -6.54 9.76 -21.87
CA GLU C 124 -5.61 8.98 -21.07
C GLU C 124 -4.81 9.91 -20.19
N SER C 125 -4.65 9.53 -18.92
CA SER C 125 -3.82 10.25 -17.95
C SER C 125 -2.95 9.20 -17.29
N MET C 126 -1.85 8.84 -17.94
CA MET C 126 -0.94 7.83 -17.43
C MET C 126 -0.26 8.26 -16.14
N SER C 127 -0.20 9.57 -15.88
CA SER C 127 0.31 10.05 -14.60
C SER C 127 -0.62 9.66 -13.46
N MET C 128 -1.93 9.60 -13.71
CA MET C 128 -2.88 9.30 -12.66
C MET C 128 -3.09 7.81 -12.44
N ALA C 129 -2.37 6.96 -13.16
CA ALA C 129 -2.52 5.52 -12.98
C ALA C 129 -1.99 5.10 -11.61
N PRO C 130 -2.76 4.34 -10.83
CA PRO C 130 -2.32 4.00 -9.47
C PRO C 130 -1.55 2.69 -9.38
N HIS C 131 -1.00 2.41 -8.21
CA HIS C 131 -0.49 1.08 -7.88
C HIS C 131 -1.57 0.30 -7.15
N CYS C 132 -1.66 -0.99 -7.41
CA CYS C 132 -2.75 -1.80 -6.90
C CYS C 132 -2.21 -3.13 -6.38
N ALA C 133 -3.03 -3.79 -5.56
CA ALA C 133 -2.71 -5.10 -5.03
C ALA C 133 -3.99 -5.78 -4.57
N HIS C 134 -4.11 -7.07 -4.83
CA HIS C 134 -5.28 -7.83 -4.38
C HIS C 134 -5.09 -8.22 -2.92
N LEU C 135 -5.96 -7.70 -2.05
CA LEU C 135 -5.78 -7.83 -0.60
C LEU C 135 -6.98 -8.44 0.10
N ARG C 136 -7.95 -8.97 -0.64
CA ARG C 136 -9.16 -9.50 -0.01
C ARG C 136 -8.89 -10.78 0.77
N GLY C 137 -8.12 -11.71 0.20
CA GLY C 137 -7.81 -12.94 0.90
C GLY C 137 -6.96 -12.72 2.13
N GLY C 138 -6.17 -11.64 2.15
CA GLY C 138 -5.32 -11.32 3.28
C GLY C 138 -3.91 -11.86 3.16
N VAL C 139 -2.93 -11.06 3.58
CA VAL C 139 -1.54 -11.45 3.54
C VAL C 139 -1.17 -11.94 4.93
N LYS C 140 -1.18 -13.27 5.12
CA LYS C 140 -0.93 -13.85 6.43
C LYS C 140 0.50 -13.62 6.89
N MET C 141 1.46 -13.65 5.96
CA MET C 141 2.85 -13.50 6.32
C MET C 141 3.66 -13.25 5.04
N GLY C 142 4.74 -12.50 5.18
CA GLY C 142 5.62 -12.23 4.05
C GLY C 142 5.25 -10.94 3.34
N ASP C 143 6.10 -10.58 2.39
CA ASP C 143 5.96 -9.37 1.60
C ASP C 143 5.13 -9.63 0.36
N PHE C 144 4.55 -8.57 -0.19
CA PHE C 144 3.82 -8.64 -1.44
C PHE C 144 4.14 -7.41 -2.27
N LYS C 145 3.73 -7.46 -3.53
CA LYS C 145 4.09 -6.46 -4.52
C LYS C 145 2.91 -5.55 -4.80
N MET C 146 3.16 -4.23 -4.75
CA MET C 146 2.20 -3.26 -5.27
C MET C 146 2.44 -3.12 -6.76
N ILE C 147 1.43 -3.43 -7.56
CA ILE C 147 1.61 -3.53 -9.00
C ILE C 147 1.26 -2.19 -9.63
N ASP C 148 2.16 -1.71 -10.50
CA ASP C 148 1.90 -0.50 -11.28
C ASP C 148 0.91 -0.81 -12.39
N THR C 149 -0.29 -0.24 -12.29
CA THR C 149 -1.34 -0.52 -13.28
C THR C 149 -0.95 -0.04 -14.66
N MET C 150 -0.09 0.99 -14.76
CA MET C 150 0.35 1.45 -16.07
C MET C 150 1.23 0.42 -16.76
N ILE C 151 2.19 -0.15 -16.03
CA ILE C 151 3.05 -1.17 -16.61
C ILE C 151 2.28 -2.45 -16.87
N LYS C 152 1.48 -2.89 -15.89
CA LYS C 152 0.82 -4.18 -15.98
C LYS C 152 -0.26 -4.18 -17.06
N ASP C 153 -1.18 -3.21 -16.98
CA ASP C 153 -2.34 -3.18 -17.86
C ASP C 153 -2.08 -2.42 -19.15
N GLY C 154 -0.90 -1.83 -19.32
CA GLY C 154 -0.63 -1.04 -20.50
C GLY C 154 0.60 -1.43 -21.31
N LEU C 155 1.70 -1.72 -20.64
CA LEU C 155 2.99 -1.87 -21.30
C LEU C 155 3.61 -3.25 -21.16
N THR C 156 2.85 -4.23 -20.67
CA THR C 156 3.35 -5.58 -20.47
C THR C 156 2.49 -6.57 -21.25
N ASP C 157 3.15 -7.38 -22.07
CA ASP C 157 2.43 -8.40 -22.81
C ASP C 157 1.92 -9.46 -21.85
N ALA C 158 0.63 -9.77 -21.95
CA ALA C 158 0.03 -10.74 -21.04
C ALA C 158 0.49 -12.16 -21.34
N PHE C 159 0.88 -12.43 -22.59
CA PHE C 159 1.24 -13.77 -23.02
C PHE C 159 2.70 -14.11 -22.74
N TYR C 160 3.61 -13.16 -22.93
CA TYR C 160 5.04 -13.41 -22.74
C TYR C 160 5.65 -12.70 -21.53
N GLY C 161 5.03 -11.64 -21.03
CA GLY C 161 5.42 -11.03 -19.78
C GLY C 161 6.44 -9.90 -19.89
N TYR C 162 7.10 -9.74 -21.04
CA TYR C 162 8.09 -8.67 -21.14
C TYR C 162 7.45 -7.39 -21.69
N HIS C 163 8.23 -6.31 -21.64
CA HIS C 163 7.75 -5.00 -22.04
C HIS C 163 7.46 -4.95 -23.53
N MET C 164 6.66 -3.97 -23.93
CA MET C 164 6.37 -3.77 -25.34
C MET C 164 7.64 -3.41 -26.11
N GLY C 165 8.61 -2.79 -25.45
CA GLY C 165 9.88 -2.50 -26.10
C GLY C 165 10.63 -3.74 -26.51
N THR C 166 10.43 -4.86 -25.81
CA THR C 166 11.02 -6.13 -26.22
C THR C 166 10.41 -6.64 -27.51
N THR C 167 9.10 -6.41 -27.71
CA THR C 167 8.48 -6.79 -28.98
C THR C 167 9.06 -5.97 -30.14
N ALA C 168 9.41 -4.71 -29.89
CA ALA C 168 10.05 -3.90 -30.92
C ALA C 168 11.42 -4.46 -31.28
N GLU C 169 12.13 -4.99 -30.28
CA GLU C 169 13.41 -5.65 -30.56
C GLU C 169 13.22 -6.86 -31.47
N ASN C 170 12.10 -7.57 -31.31
CA ASN C 170 11.82 -8.70 -32.18
C ASN C 170 11.59 -8.24 -33.62
N VAL C 171 10.90 -7.11 -33.79
CA VAL C 171 10.71 -6.54 -35.12
C VAL C 171 12.03 -6.06 -35.70
N ALA C 172 12.87 -5.45 -34.88
CA ALA C 172 14.17 -4.98 -35.35
C ALA C 172 15.04 -6.14 -35.81
N LYS C 173 14.92 -7.29 -35.16
CA LYS C 173 15.69 -8.45 -35.55
C LYS C 173 15.19 -9.05 -36.87
N GLN C 174 13.87 -9.19 -37.04
CA GLN C 174 13.35 -9.77 -38.26
C GLN C 174 13.67 -8.91 -39.48
N TRP C 175 13.67 -7.60 -39.31
CA TRP C 175 13.99 -6.69 -40.41
C TRP C 175 15.45 -6.27 -40.40
N GLN C 176 16.23 -6.75 -39.43
CA GLN C 176 17.66 -6.47 -39.35
C GLN C 176 17.91 -4.97 -39.35
N LEU C 177 17.38 -4.29 -38.34
CA LEU C 177 17.49 -2.84 -38.22
C LEU C 177 18.55 -2.48 -37.19
N SER C 178 19.58 -1.78 -37.66
CA SER C 178 20.68 -1.41 -36.80
C SER C 178 20.29 -0.27 -35.86
N ARG C 179 21.13 -0.05 -34.85
CA ARG C 179 20.94 1.07 -33.93
C ARG C 179 21.02 2.40 -34.67
N ASP C 180 21.86 2.46 -35.70
CA ASP C 180 22.05 3.70 -36.44
C ASP C 180 20.82 4.08 -37.25
N GLU C 181 20.15 3.09 -37.84
CA GLU C 181 18.96 3.36 -38.64
C GLU C 181 17.77 3.76 -37.76
N GLN C 182 17.71 3.25 -36.53
CA GLN C 182 16.60 3.63 -35.64
C GLN C 182 16.80 5.01 -35.05
N ASP C 183 18.05 5.35 -34.69
CA ASP C 183 18.33 6.67 -34.16
C ASP C 183 18.15 7.75 -35.21
N ALA C 184 18.49 7.46 -36.47
CA ALA C 184 18.26 8.41 -37.55
C ALA C 184 16.77 8.66 -37.76
N PHE C 185 15.95 7.60 -37.63
CA PHE C 185 14.50 7.76 -37.75
C PHE C 185 13.93 8.58 -36.60
N ALA C 186 14.46 8.40 -35.39
CA ALA C 186 13.96 9.14 -34.24
C ALA C 186 14.25 10.63 -34.36
N VAL C 187 15.48 10.98 -34.72
CA VAL C 187 15.86 12.38 -34.88
C VAL C 187 15.00 13.05 -35.96
N ALA C 188 14.73 12.33 -37.05
CA ALA C 188 13.88 12.88 -38.10
C ALA C 188 12.47 13.19 -37.59
N SER C 189 11.97 12.38 -36.65
CA SER C 189 10.66 12.67 -36.08
C SER C 189 10.73 13.86 -35.14
N TYR C 190 11.81 13.98 -34.36
CA TYR C 190 11.99 15.15 -33.51
C TYR C 190 12.06 16.43 -34.33
N ASN C 191 12.81 16.41 -35.44
CA ASN C 191 12.97 17.64 -36.22
C ASN C 191 11.67 18.02 -36.91
N LYS C 192 10.93 17.03 -37.43
CA LYS C 192 9.64 17.31 -38.04
C LYS C 192 8.63 17.82 -37.02
N ALA C 193 8.75 17.38 -35.76
CA ALA C 193 7.88 17.90 -34.71
C ALA C 193 8.30 19.30 -34.28
N GLU C 194 9.61 19.55 -34.20
CA GLU C 194 10.10 20.87 -33.81
C GLU C 194 9.75 21.93 -34.86
N ALA C 195 9.78 21.56 -36.13
CA ALA C 195 9.41 22.50 -37.18
C ALA C 195 7.93 22.78 -37.19
N ALA C 196 7.10 21.75 -36.96
CA ALA C 196 5.66 21.95 -36.97
C ALA C 196 5.19 22.84 -35.84
N GLN C 197 5.84 22.75 -34.67
CA GLN C 197 5.42 23.56 -33.53
C GLN C 197 5.79 25.03 -33.72
N LYS C 198 7.00 25.29 -34.24
CA LYS C 198 7.40 26.68 -34.48
C LYS C 198 6.56 27.31 -35.57
N ASP C 199 6.19 26.54 -36.60
CA ASP C 199 5.37 27.09 -37.66
C ASP C 199 3.90 27.20 -37.27
N GLY C 200 3.54 26.75 -36.07
CA GLY C 200 2.16 26.87 -35.62
C GLY C 200 1.21 25.91 -36.30
N ARG C 201 1.71 24.81 -36.85
CA ARG C 201 0.85 23.83 -37.53
C ARG C 201 0.04 23.00 -36.56
N PHE C 202 0.21 23.20 -35.25
CA PHE C 202 -0.56 22.50 -34.23
C PHE C 202 -1.64 23.37 -33.58
N LYS C 203 -1.70 24.66 -33.89
CA LYS C 203 -2.66 25.52 -33.20
C LYS C 203 -4.11 25.22 -33.59
N ASP C 204 -4.35 24.81 -34.84
CA ASP C 204 -5.73 24.55 -35.24
C ASP C 204 -6.31 23.36 -34.50
N GLU C 205 -5.53 22.28 -34.35
CA GLU C 205 -6.05 21.09 -33.72
C GLU C 205 -6.02 21.15 -32.19
N ILE C 206 -5.07 21.87 -31.60
CA ILE C 206 -4.93 21.90 -30.15
C ILE C 206 -5.96 22.86 -29.57
N VAL C 207 -6.72 22.40 -28.59
CA VAL C 207 -7.56 23.26 -27.75
C VAL C 207 -6.84 23.46 -26.41
N PRO C 208 -6.69 24.69 -25.95
CA PRO C 208 -5.99 24.91 -24.67
C PRO C 208 -6.76 24.33 -23.50
N PHE C 209 -6.00 23.91 -22.48
CA PHE C 209 -6.57 23.35 -21.26
C PHE C 209 -6.11 24.17 -20.07
N ILE C 210 -7.06 24.51 -19.21
CA ILE C 210 -6.81 25.32 -18.02
C ILE C 210 -6.57 24.37 -16.87
N VAL C 211 -5.33 24.32 -16.37
CA VAL C 211 -5.01 23.50 -15.20
C VAL C 211 -5.28 24.37 -13.98
N LYS C 212 -6.43 24.16 -13.34
CA LYS C 212 -6.79 24.94 -12.17
C LYS C 212 -6.09 24.37 -10.94
N GLY C 213 -5.24 25.19 -10.31
CA GLY C 213 -4.54 24.79 -9.12
C GLY C 213 -4.82 25.76 -7.98
N ARG C 214 -4.33 25.38 -6.79
CA ARG C 214 -4.49 26.24 -5.62
C ARG C 214 -3.64 27.50 -5.75
N LYS C 215 -2.53 27.41 -6.47
CA LYS C 215 -1.59 28.53 -6.61
C LYS C 215 -1.64 29.14 -8.01
N GLY C 216 -2.85 29.44 -8.47
CA GLY C 216 -2.98 30.08 -9.76
C GLY C 216 -3.30 29.12 -10.88
N ASP C 217 -4.06 29.55 -11.86
CA ASP C 217 -4.36 28.69 -12.98
C ASP C 217 -3.25 28.77 -14.02
N ILE C 218 -3.06 27.67 -14.73
CA ILE C 218 -2.03 27.57 -15.77
C ILE C 218 -2.71 27.09 -17.04
N THR C 219 -2.42 27.75 -18.16
CA THR C 219 -2.99 27.38 -19.45
C THR C 219 -1.98 26.54 -20.22
N VAL C 220 -2.34 25.29 -20.50
CA VAL C 220 -1.50 24.37 -21.25
C VAL C 220 -2.00 24.29 -22.68
N ASP C 221 -1.20 24.79 -23.62
CA ASP C 221 -1.58 24.85 -25.02
C ASP C 221 -0.51 24.27 -25.97
N ALA C 222 0.65 23.85 -25.48
CA ALA C 222 1.70 23.32 -26.34
C ALA C 222 2.15 21.95 -25.84
N ASP C 223 2.53 21.08 -26.77
CA ASP C 223 3.04 19.76 -26.42
C ASP C 223 4.42 19.90 -25.78
N GLU C 224 4.55 19.49 -24.52
CA GLU C 224 5.78 19.71 -23.77
C GLU C 224 6.87 18.67 -24.04
N GLU C 225 6.60 17.64 -24.84
CA GLU C 225 7.62 16.64 -25.15
C GLU C 225 8.47 17.02 -26.35
N ILE C 226 8.00 17.93 -27.20
CA ILE C 226 8.71 18.34 -28.40
C ILE C 226 9.95 19.13 -27.95
N ARG C 227 11.13 18.65 -28.31
CA ARG C 227 12.36 19.26 -27.79
C ARG C 227 13.44 19.43 -28.85
N GLY C 228 13.39 18.61 -29.90
CA GLY C 228 14.43 18.64 -30.91
C GLY C 228 15.62 17.85 -30.41
N ALA C 229 16.07 16.88 -31.19
CA ALA C 229 17.10 15.94 -30.80
C ALA C 229 18.28 16.00 -31.76
N THR C 230 19.46 15.67 -31.22
CA THR C 230 20.69 15.53 -31.99
C THR C 230 21.18 14.09 -31.90
N LEU C 231 21.79 13.61 -32.99
CA LEU C 231 22.26 12.23 -33.07
C LEU C 231 23.38 11.90 -32.08
N ASP C 232 24.13 12.90 -31.61
CA ASP C 232 25.22 12.62 -30.67
C ASP C 232 24.67 12.18 -29.32
N LYS C 233 23.68 12.93 -28.81
CA LYS C 233 23.04 12.54 -27.55
C LYS C 233 22.21 11.27 -27.71
N MET C 234 21.70 11.01 -28.92
CA MET C 234 20.91 9.81 -29.15
C MET C 234 21.77 8.56 -29.11
N ALA C 235 22.98 8.63 -29.66
CA ALA C 235 23.86 7.47 -29.71
C ALA C 235 24.48 7.14 -28.36
N LYS C 236 24.45 8.06 -27.40
CA LYS C 236 25.05 7.81 -26.10
C LYS C 236 24.12 7.10 -25.13
N LEU C 237 22.84 6.97 -25.46
CA LEU C 237 21.86 6.37 -24.56
C LEU C 237 22.03 4.85 -24.52
N ARG C 238 21.84 4.29 -23.32
CA ARG C 238 21.86 2.85 -23.12
C ARG C 238 20.51 2.24 -23.47
N PRO C 239 20.48 0.98 -23.89
CA PRO C 239 19.20 0.32 -24.16
C PRO C 239 18.34 0.21 -22.91
N ALA C 240 17.04 0.42 -23.10
CA ALA C 240 16.07 0.49 -22.01
C ALA C 240 15.44 -0.84 -21.65
N PHE C 241 15.57 -1.85 -22.50
CA PHE C 241 14.91 -3.12 -22.25
C PHE C 241 15.90 -4.28 -22.24
N ASP C 242 16.42 -4.62 -23.41
CA ASP C 242 17.46 -5.64 -23.52
C ASP C 242 18.81 -5.08 -23.13
N LYS C 243 19.57 -5.88 -22.35
CA LYS C 243 20.89 -5.42 -21.90
C LYS C 243 21.82 -5.18 -23.08
N GLU C 244 21.61 -5.87 -24.20
CA GLU C 244 22.37 -5.68 -25.44
C GLU C 244 21.38 -5.49 -26.60
N GLY C 245 20.51 -4.50 -26.49
CA GLY C 245 19.46 -4.29 -27.45
C GLY C 245 19.61 -3.01 -28.24
N THR C 246 18.56 -2.69 -28.99
CA THR C 246 18.56 -1.56 -29.91
C THR C 246 17.62 -0.44 -29.52
N VAL C 247 16.53 -0.75 -28.81
CA VAL C 247 15.55 0.26 -28.44
C VAL C 247 16.04 1.01 -27.21
N THR C 248 16.08 2.33 -27.30
CA THR C 248 16.48 3.17 -26.19
C THR C 248 15.33 4.10 -25.83
N ALA C 249 15.54 4.88 -24.77
CA ALA C 249 14.56 5.88 -24.38
C ALA C 249 14.42 6.98 -25.43
N GLY C 250 15.43 7.16 -26.28
CA GLY C 250 15.40 8.17 -27.32
C GLY C 250 14.59 7.78 -28.55
N ASN C 251 14.73 6.53 -29.00
CA ASN C 251 14.03 6.08 -30.19
C ASN C 251 12.72 5.35 -29.89
N ALA C 252 12.26 5.41 -28.64
CA ALA C 252 10.97 4.84 -28.26
C ALA C 252 10.03 5.96 -27.83
N SER C 253 8.74 5.73 -28.06
CA SER C 253 7.74 6.70 -27.60
C SER C 253 7.74 6.78 -26.08
N THR C 254 7.22 7.88 -25.55
CA THR C 254 7.22 8.16 -24.13
C THR C 254 5.84 7.94 -23.52
N LEU C 255 5.76 8.13 -22.20
CA LEU C 255 4.51 8.06 -21.47
C LEU C 255 3.94 9.45 -21.32
N ASN C 256 2.66 9.62 -21.66
CA ASN C 256 2.08 10.94 -21.78
C ASN C 256 0.62 10.93 -21.38
N ASP C 257 0.07 12.14 -21.21
CA ASP C 257 -1.33 12.36 -20.89
C ASP C 257 -1.95 13.25 -21.96
N GLY C 258 -3.24 13.06 -22.21
CA GLY C 258 -3.92 13.88 -23.19
C GLY C 258 -5.23 13.24 -23.61
N ALA C 259 -5.94 13.98 -24.46
CA ALA C 259 -7.23 13.54 -24.96
C ALA C 259 -7.45 14.11 -26.35
N ALA C 260 -8.30 13.43 -27.12
CA ALA C 260 -8.63 13.85 -28.47
C ALA C 260 -9.97 13.24 -28.86
N ALA C 261 -10.70 13.93 -29.74
CA ALA C 261 -12.03 13.47 -30.13
C ALA C 261 -12.39 14.06 -31.49
N ALA C 262 -13.43 13.50 -32.10
CA ALA C 262 -13.99 14.01 -33.34
C ALA C 262 -15.50 13.90 -33.28
N LEU C 263 -16.17 14.67 -34.14
CA LEU C 263 -17.62 14.68 -34.20
C LEU C 263 -18.11 14.12 -35.54
N LEU C 264 -18.95 13.09 -35.46
CA LEU C 264 -19.37 12.31 -36.61
C LEU C 264 -20.84 12.58 -36.90
N MET C 265 -21.18 12.56 -38.20
CA MET C 265 -22.55 12.69 -38.64
C MET C 265 -22.61 12.24 -40.10
N SER C 266 -23.83 12.06 -40.59
CA SER C 266 -23.99 11.71 -41.99
C SER C 266 -23.70 12.91 -42.88
N GLU C 267 -23.37 12.63 -44.14
CA GLU C 267 -23.07 13.71 -45.08
C GLU C 267 -24.29 14.58 -45.35
N ALA C 268 -25.48 13.98 -45.41
CA ALA C 268 -26.69 14.79 -45.59
C ALA C 268 -26.95 15.68 -44.39
N GLU C 269 -26.59 15.19 -43.20
CA GLU C 269 -26.76 15.97 -41.96
C GLU C 269 -25.88 17.22 -41.98
N ALA C 270 -24.60 17.06 -42.36
CA ALA C 270 -23.71 18.22 -42.46
C ALA C 270 -24.17 19.20 -43.53
N SER C 271 -24.66 18.68 -44.65
CA SER C 271 -25.17 19.55 -45.70
C SER C 271 -26.43 20.27 -45.26
N ARG C 272 -27.27 19.60 -44.47
CA ARG C 272 -28.51 20.21 -43.99
C ARG C 272 -28.22 21.34 -43.00
N ARG C 273 -27.15 21.22 -42.22
CA ARG C 273 -26.77 22.22 -41.23
C ARG C 273 -25.76 23.23 -41.76
N GLY C 274 -25.43 23.16 -43.04
CA GLY C 274 -24.40 24.03 -43.56
C GLY C 274 -23.02 23.77 -43.00
N ILE C 275 -22.78 22.56 -42.50
CA ILE C 275 -21.49 22.22 -41.92
C ILE C 275 -20.56 21.74 -43.02
N GLN C 276 -19.35 22.29 -43.02
CA GLN C 276 -18.32 21.88 -43.96
C GLN C 276 -17.34 20.92 -43.30
N PRO C 277 -17.42 19.62 -43.57
CA PRO C 277 -16.67 18.64 -42.79
C PRO C 277 -15.19 18.63 -43.11
N LEU C 278 -14.41 18.12 -42.14
CA LEU C 278 -12.97 17.96 -42.34
C LEU C 278 -12.69 16.85 -43.36
N GLY C 279 -13.50 15.80 -43.35
CA GLY C 279 -13.27 14.70 -44.27
C GLY C 279 -14.33 13.63 -44.15
N ARG C 280 -14.31 12.70 -45.11
CA ARG C 280 -15.23 11.58 -45.19
C ARG C 280 -14.50 10.28 -44.87
N ILE C 281 -15.08 9.48 -43.98
CA ILE C 281 -14.55 8.15 -43.68
C ILE C 281 -14.91 7.24 -44.86
N VAL C 282 -13.90 6.69 -45.52
CA VAL C 282 -14.15 5.87 -46.70
C VAL C 282 -14.08 4.38 -46.38
N SER C 283 -13.24 3.99 -45.43
CA SER C 283 -13.11 2.59 -45.06
C SER C 283 -12.31 2.51 -43.77
N TRP C 284 -12.28 1.30 -43.21
CA TRP C 284 -11.52 1.01 -42.01
C TRP C 284 -11.31 -0.50 -41.96
N ALA C 285 -10.35 -0.93 -41.14
CA ALA C 285 -10.05 -2.34 -41.01
C ALA C 285 -9.26 -2.57 -39.73
N THR C 286 -9.39 -3.78 -39.19
CA THR C 286 -8.62 -4.21 -38.02
C THR C 286 -8.21 -5.66 -38.21
N VAL C 287 -6.93 -5.97 -37.94
CA VAL C 287 -6.37 -7.29 -38.16
C VAL C 287 -5.54 -7.67 -36.94
N GLY C 288 -5.41 -8.97 -36.70
CA GLY C 288 -4.56 -9.49 -35.64
C GLY C 288 -3.31 -10.12 -36.20
N VAL C 289 -2.21 -10.02 -35.45
CA VAL C 289 -0.92 -10.61 -35.79
C VAL C 289 -0.34 -11.29 -34.56
N ASP C 290 0.85 -11.84 -34.70
CA ASP C 290 1.53 -12.49 -33.58
C ASP C 290 1.92 -11.45 -32.53
N PRO C 291 1.63 -11.68 -31.24
CA PRO C 291 2.01 -10.70 -30.22
C PRO C 291 3.53 -10.52 -30.08
N LYS C 292 4.33 -11.51 -30.47
CA LYS C 292 5.78 -11.32 -30.44
C LYS C 292 6.20 -10.22 -31.39
N VAL C 293 5.45 -10.02 -32.47
CA VAL C 293 5.79 -8.99 -33.46
C VAL C 293 4.59 -8.10 -33.69
N MET C 294 4.02 -7.57 -32.60
CA MET C 294 2.84 -6.71 -32.69
C MET C 294 3.10 -5.47 -33.54
N GLY C 295 4.35 -5.08 -33.70
CA GLY C 295 4.67 -3.90 -34.51
C GLY C 295 4.32 -4.04 -35.96
N THR C 296 4.15 -5.26 -36.46
CA THR C 296 3.76 -5.48 -37.84
C THR C 296 2.26 -5.35 -38.06
N GLY C 297 1.51 -4.99 -37.02
CA GLY C 297 0.08 -4.79 -37.11
C GLY C 297 -0.40 -3.88 -38.22
N PRO C 298 0.20 -2.69 -38.37
CA PRO C 298 -0.28 -1.76 -39.41
C PRO C 298 -0.14 -2.25 -40.84
N ILE C 299 0.68 -3.28 -41.10
CA ILE C 299 0.91 -3.71 -42.47
C ILE C 299 -0.35 -4.37 -43.04
N PRO C 300 -0.91 -5.42 -42.42
CA PRO C 300 -2.15 -5.99 -42.99
C PRO C 300 -3.36 -5.09 -42.78
N ALA C 301 -3.36 -4.25 -41.74
CA ALA C 301 -4.51 -3.38 -41.50
C ALA C 301 -4.63 -2.31 -42.58
N SER C 302 -3.51 -1.68 -42.95
CA SER C 302 -3.55 -0.65 -43.98
C SER C 302 -3.88 -1.24 -45.34
N ARG C 303 -3.29 -2.39 -45.68
CA ARG C 303 -3.59 -3.02 -46.95
C ARG C 303 -5.05 -3.45 -47.03
N LYS C 304 -5.61 -3.89 -45.91
CA LYS C 304 -7.00 -4.31 -45.90
C LYS C 304 -7.93 -3.12 -46.05
N ALA C 305 -7.62 -2.01 -45.38
CA ALA C 305 -8.41 -0.80 -45.49
C ALA C 305 -8.37 -0.24 -46.90
N LEU C 306 -7.17 -0.21 -47.51
CA LEU C 306 -7.05 0.28 -48.88
C LEU C 306 -7.83 -0.61 -49.84
N GLU C 307 -7.82 -1.93 -49.63
CA GLU C 307 -8.56 -2.83 -50.49
C GLU C 307 -10.06 -2.59 -50.35
N ARG C 308 -10.52 -2.39 -49.11
CA ARG C 308 -11.92 -2.09 -48.83
C ARG C 308 -12.35 -0.75 -49.43
N ALA C 309 -11.46 0.23 -49.47
CA ALA C 309 -11.72 1.54 -50.05
C ALA C 309 -11.59 1.57 -51.56
N GLY C 310 -10.94 0.58 -52.16
CA GLY C 310 -10.69 0.62 -53.59
C GLY C 310 -9.54 1.50 -54.00
N TRP C 311 -8.62 1.78 -53.08
CA TRP C 311 -7.46 2.64 -53.35
C TRP C 311 -6.21 1.80 -53.51
N LYS C 312 -5.30 2.29 -54.34
CA LYS C 312 -3.94 1.76 -54.37
C LYS C 312 -3.07 2.55 -53.41
N ILE C 313 -1.94 1.96 -53.02
CA ILE C 313 -1.02 2.61 -52.11
C ILE C 313 -0.49 3.92 -52.70
N GLY C 314 -0.35 3.97 -54.03
CA GLY C 314 0.09 5.17 -54.72
C GLY C 314 -0.91 6.30 -54.74
N ASP C 315 -2.15 6.05 -54.33
CA ASP C 315 -3.18 7.07 -54.28
C ASP C 315 -3.11 7.95 -53.04
N LEU C 316 -2.45 7.50 -51.98
CA LEU C 316 -2.45 8.25 -50.72
C LEU C 316 -1.63 9.53 -50.87
N ASP C 317 -2.21 10.66 -50.49
CA ASP C 317 -1.49 11.92 -50.47
C ASP C 317 -0.87 12.23 -49.12
N LEU C 318 -1.38 11.61 -48.05
CA LEU C 318 -0.87 11.86 -46.71
C LEU C 318 -1.10 10.60 -45.88
N VAL C 319 -0.13 10.25 -45.04
CA VAL C 319 -0.17 9.03 -44.24
C VAL C 319 0.25 9.38 -42.82
N GLU C 320 -0.51 8.89 -41.84
CA GLU C 320 -0.20 9.07 -40.42
C GLU C 320 -0.08 7.68 -39.82
N ALA C 321 1.14 7.23 -39.57
CA ALA C 321 1.42 5.94 -38.96
C ALA C 321 2.05 6.18 -37.60
N ASN C 322 1.43 5.62 -36.55
CA ASN C 322 1.87 5.88 -35.19
C ASN C 322 3.26 5.27 -34.97
N GLU C 323 4.20 6.09 -34.51
CA GLU C 323 5.56 5.61 -34.28
C GLU C 323 5.67 5.19 -32.81
N ALA C 324 5.17 3.98 -32.54
CA ALA C 324 5.32 3.40 -31.21
C ALA C 324 6.78 3.20 -30.87
N PHE C 325 7.55 2.66 -31.82
CA PHE C 325 8.99 2.52 -31.69
C PHE C 325 9.61 2.80 -33.05
N ALA C 326 10.85 3.30 -33.03
CA ALA C 326 11.55 3.55 -34.29
C ALA C 326 11.73 2.27 -35.08
N ALA C 327 11.98 1.15 -34.40
CA ALA C 327 12.15 -0.13 -35.08
C ALA C 327 10.86 -0.56 -35.75
N GLN C 328 9.72 -0.38 -35.08
CA GLN C 328 8.44 -0.78 -35.66
C GLN C 328 8.06 0.11 -36.84
N ALA C 329 8.29 1.41 -36.72
CA ALA C 329 7.87 2.34 -37.77
C ALA C 329 8.71 2.19 -39.04
N CYS C 330 10.01 1.87 -38.90
CA CYS C 330 10.84 1.67 -40.08
C CYS C 330 10.38 0.47 -40.89
N ALA C 331 9.99 -0.61 -40.22
CA ALA C 331 9.55 -1.80 -40.94
C ALA C 331 8.24 -1.55 -41.68
N VAL C 332 7.35 -0.75 -41.09
CA VAL C 332 6.07 -0.46 -41.73
C VAL C 332 6.26 0.36 -43.00
N ASN C 333 7.12 1.37 -42.95
CA ASN C 333 7.40 2.18 -44.14
C ASN C 333 8.08 1.35 -45.22
N LYS C 334 8.92 0.40 -44.81
CA LYS C 334 9.63 -0.43 -45.78
C LYS C 334 8.70 -1.40 -46.50
N ASP C 335 7.72 -1.97 -45.79
CA ASP C 335 6.85 -2.96 -46.41
C ASP C 335 5.90 -2.33 -47.43
N LEU C 336 5.12 -1.34 -47.01
CA LEU C 336 4.18 -0.70 -47.93
C LEU C 336 4.91 0.12 -48.99
N GLY C 337 6.09 0.63 -48.68
CA GLY C 337 6.88 1.31 -49.67
C GLY C 337 6.30 2.63 -50.13
N TRP C 338 5.51 3.28 -49.30
CA TRP C 338 4.97 4.58 -49.68
C TRP C 338 6.03 5.66 -49.48
N ASP C 339 5.76 6.82 -50.07
CA ASP C 339 6.74 7.90 -50.05
C ASP C 339 6.99 8.36 -48.62
N PRO C 340 8.20 8.24 -48.10
CA PRO C 340 8.44 8.66 -46.72
C PRO C 340 8.26 10.14 -46.48
N SER C 341 8.19 10.95 -47.55
CA SER C 341 7.96 12.38 -47.39
C SER C 341 6.50 12.70 -47.09
N ILE C 342 5.59 11.74 -47.23
CA ILE C 342 4.18 11.96 -46.93
C ILE C 342 3.75 11.25 -45.65
N VAL C 343 4.67 10.65 -44.91
CA VAL C 343 4.34 9.90 -43.70
C VAL C 343 4.80 10.71 -42.49
N ASN C 344 3.85 11.09 -41.65
CA ASN C 344 4.13 11.84 -40.43
C ASN C 344 4.90 13.11 -40.73
N VAL C 345 4.30 13.94 -41.58
CA VAL C 345 4.95 15.16 -42.04
C VAL C 345 5.16 16.15 -40.91
N ASN C 346 4.47 15.99 -39.79
CA ASN C 346 4.62 16.87 -38.64
C ASN C 346 5.27 16.18 -37.46
N GLY C 347 5.86 15.01 -37.67
CA GLY C 347 6.43 14.23 -36.58
C GLY C 347 5.47 13.16 -36.09
N GLY C 348 5.94 12.39 -35.11
CA GLY C 348 5.17 11.28 -34.60
C GLY C 348 5.25 11.12 -33.09
N ALA C 349 4.78 9.97 -32.59
CA ALA C 349 4.72 9.73 -31.16
C ALA C 349 6.08 9.70 -30.49
N ILE C 350 7.16 9.51 -31.25
CA ILE C 350 8.49 9.49 -30.65
C ILE C 350 8.84 10.86 -30.07
N ALA C 351 8.37 11.94 -30.70
CA ALA C 351 8.65 13.29 -30.24
C ALA C 351 7.45 13.96 -29.59
N ILE C 352 6.24 13.72 -30.10
CA ILE C 352 5.06 14.37 -29.57
C ILE C 352 4.57 13.65 -28.31
N GLY C 353 4.62 12.33 -28.30
CA GLY C 353 4.16 11.54 -27.19
C GLY C 353 3.13 10.50 -27.62
N HIS C 354 2.86 9.58 -26.68
CA HIS C 354 1.99 8.43 -26.93
C HIS C 354 1.06 8.24 -25.74
N PRO C 355 -0.02 9.02 -25.66
CA PRO C 355 -1.08 8.73 -24.69
C PRO C 355 -1.95 7.58 -25.19
N ILE C 356 -1.88 6.45 -24.48
CA ILE C 356 -2.35 5.17 -25.02
C ILE C 356 -3.80 5.26 -25.49
N GLY C 357 -4.71 5.65 -24.60
CA GLY C 357 -6.12 5.67 -24.95
C GLY C 357 -6.47 6.67 -26.04
N ALA C 358 -5.76 7.79 -26.08
CA ALA C 358 -6.08 8.88 -27.01
C ALA C 358 -5.22 8.88 -28.27
N SER C 359 -4.21 8.02 -28.36
CA SER C 359 -3.26 8.08 -29.47
C SER C 359 -3.94 7.85 -30.82
N GLY C 360 -4.97 7.00 -30.86
CA GLY C 360 -5.66 6.77 -32.12
C GLY C 360 -6.36 8.01 -32.64
N ALA C 361 -7.02 8.75 -31.75
CA ALA C 361 -7.68 9.97 -32.16
C ALA C 361 -6.70 11.11 -32.37
N ARG C 362 -5.54 11.06 -31.71
CA ARG C 362 -4.53 12.11 -31.88
C ARG C 362 -4.00 12.13 -33.31
N ILE C 363 -3.54 10.99 -33.81
CA ILE C 363 -2.99 10.97 -35.17
C ILE C 363 -4.09 11.24 -36.19
N LEU C 364 -5.34 10.96 -35.84
CA LEU C 364 -6.45 11.32 -36.73
C LEU C 364 -6.66 12.83 -36.77
N ASN C 365 -6.41 13.51 -35.65
CA ASN C 365 -6.48 14.97 -35.65
C ASN C 365 -5.39 15.57 -36.53
N THR C 366 -4.14 15.13 -36.37
CA THR C 366 -3.05 15.66 -37.17
C THR C 366 -3.29 15.43 -38.66
N LEU C 367 -3.84 14.25 -39.00
CA LEU C 367 -4.05 13.92 -40.41
C LEU C 367 -5.13 14.80 -41.04
N LEU C 368 -6.19 15.12 -40.29
CA LEU C 368 -7.30 15.87 -40.87
C LEU C 368 -6.91 17.32 -41.11
N PHE C 369 -6.24 17.95 -40.14
CA PHE C 369 -5.86 19.36 -40.28
C PHE C 369 -4.73 19.53 -41.28
N GLU C 370 -3.79 18.59 -41.35
CA GLU C 370 -2.74 18.68 -42.35
C GLU C 370 -3.27 18.44 -43.76
N MET C 371 -4.29 17.59 -43.90
CA MET C 371 -4.89 17.39 -45.23
C MET C 371 -5.52 18.68 -45.74
N LYS C 372 -6.16 19.44 -44.84
CA LYS C 372 -6.78 20.70 -45.24
C LYS C 372 -5.75 21.78 -45.51
N ARG C 373 -4.64 21.76 -44.76
CA ARG C 373 -3.62 22.80 -44.89
C ARG C 373 -2.90 22.71 -46.23
N ARG C 374 -2.68 21.51 -46.74
CA ARG C 374 -2.01 21.33 -48.02
C ARG C 374 -2.94 20.81 -49.12
N GLY C 375 -4.22 20.63 -48.84
CA GLY C 375 -5.16 20.22 -49.86
C GLY C 375 -5.08 18.77 -50.27
N ALA C 376 -4.65 17.87 -49.38
CA ALA C 376 -4.59 16.46 -49.72
C ALA C 376 -5.98 15.87 -49.84
N ARG C 377 -6.15 14.96 -50.81
CA ARG C 377 -7.43 14.34 -51.08
C ARG C 377 -7.63 13.00 -50.37
N LYS C 378 -6.61 12.13 -50.36
CA LYS C 378 -6.73 10.80 -49.79
C LYS C 378 -5.70 10.61 -48.68
N GLY C 379 -6.17 10.20 -47.50
CA GLY C 379 -5.29 9.98 -46.38
C GLY C 379 -5.53 8.63 -45.73
N LEU C 380 -4.59 8.24 -44.87
CA LEU C 380 -4.67 6.98 -44.13
C LEU C 380 -4.00 7.13 -42.78
N ALA C 381 -4.70 6.71 -41.72
CA ALA C 381 -4.17 6.66 -40.38
C ALA C 381 -4.11 5.21 -39.91
N THR C 382 -3.05 4.87 -39.17
CA THR C 382 -2.87 3.49 -38.74
C THR C 382 -2.00 3.44 -37.49
N LEU C 383 -2.26 2.43 -36.66
CA LEU C 383 -1.50 2.21 -35.44
C LEU C 383 -1.27 0.72 -35.25
N CYS C 384 -0.26 0.39 -34.45
CA CYS C 384 -0.05 -0.96 -33.96
C CYS C 384 -0.61 -1.08 -32.55
N ILE C 385 -1.07 -2.29 -32.21
CA ILE C 385 -1.76 -2.53 -30.95
C ILE C 385 -1.08 -3.68 -30.22
N GLY C 386 -0.85 -3.50 -28.93
CA GLY C 386 -0.30 -4.57 -28.12
C GLY C 386 -1.20 -5.80 -28.13
N GLY C 387 -0.58 -6.96 -27.89
CA GLY C 387 -1.28 -8.22 -28.04
C GLY C 387 -1.40 -8.71 -29.46
N GLY C 388 -0.82 -8.00 -30.43
CA GLY C 388 -0.80 -8.47 -31.80
C GLY C 388 -2.01 -8.06 -32.61
N MET C 389 -2.19 -6.75 -32.78
CA MET C 389 -3.33 -6.23 -33.55
C MET C 389 -2.92 -4.95 -34.27
N GLY C 390 -3.69 -4.62 -35.30
CA GLY C 390 -3.51 -3.37 -36.01
C GLY C 390 -4.85 -2.81 -36.43
N VAL C 391 -4.90 -1.49 -36.61
CA VAL C 391 -6.12 -0.81 -37.04
C VAL C 391 -5.74 0.30 -38.01
N ALA C 392 -6.59 0.50 -39.02
CA ALA C 392 -6.33 1.50 -40.04
C ALA C 392 -7.64 2.10 -40.53
N MET C 393 -7.57 3.35 -41.00
CA MET C 393 -8.73 4.06 -41.50
C MET C 393 -8.33 4.93 -42.68
N CYS C 394 -9.21 5.01 -43.68
CA CYS C 394 -9.01 5.82 -44.87
C CYS C 394 -9.93 7.02 -44.86
N ILE C 395 -9.39 8.20 -45.14
CA ILE C 395 -10.13 9.47 -45.12
C ILE C 395 -10.00 10.13 -46.48
N GLU C 396 -11.12 10.66 -47.00
CA GLU C 396 -11.13 11.43 -48.23
C GLU C 396 -11.63 12.84 -47.92
N SER C 397 -10.92 13.83 -48.44
CA SER C 397 -11.23 15.24 -48.20
C SER C 397 -12.45 15.67 -49.01
N LEU C 398 -13.04 16.79 -48.61
CA LEU C 398 -14.18 17.38 -49.31
C LEU C 398 -13.89 18.82 -49.70
N PRO D 10 -29.88 -6.13 -43.11
CA PRO D 10 -29.64 -7.56 -42.92
C PRO D 10 -30.32 -8.09 -41.66
N SER D 11 -30.28 -9.41 -41.48
CA SER D 11 -30.87 -10.06 -40.31
C SER D 11 -29.79 -10.79 -39.55
N ILE D 12 -29.71 -10.53 -38.24
CA ILE D 12 -28.66 -11.08 -37.38
C ILE D 12 -29.32 -12.05 -36.41
N VAL D 13 -28.74 -13.24 -36.27
CA VAL D 13 -29.26 -14.27 -35.39
C VAL D 13 -28.21 -14.58 -34.31
N ILE D 14 -28.69 -15.18 -33.22
CA ILE D 14 -27.83 -15.69 -32.16
C ILE D 14 -27.77 -17.20 -32.32
N ALA D 15 -26.65 -17.71 -32.83
CA ALA D 15 -26.54 -19.13 -33.14
C ALA D 15 -26.41 -20.00 -31.89
N SER D 16 -25.80 -19.47 -30.82
CA SER D 16 -25.59 -20.24 -29.61
C SER D 16 -25.28 -19.28 -28.47
N ALA D 17 -25.36 -19.81 -27.25
CA ALA D 17 -25.09 -19.02 -26.05
C ALA D 17 -24.66 -19.96 -24.94
N ALA D 18 -23.94 -19.39 -23.97
CA ALA D 18 -23.46 -20.15 -22.83
C ALA D 18 -23.10 -19.17 -21.73
N ARG D 19 -23.02 -19.69 -20.50
CA ARG D 19 -22.62 -18.88 -19.36
C ARG D 19 -22.04 -19.80 -18.29
N THR D 20 -21.21 -19.22 -17.43
CA THR D 20 -20.70 -19.98 -16.31
C THR D 20 -21.70 -19.91 -15.15
N ALA D 21 -21.46 -20.75 -14.14
CA ALA D 21 -22.17 -20.59 -12.89
C ALA D 21 -21.77 -19.27 -12.24
N VAL D 22 -22.76 -18.55 -11.71
CA VAL D 22 -22.49 -17.27 -11.06
C VAL D 22 -22.01 -17.56 -9.64
N GLY D 23 -20.72 -17.28 -9.39
CA GLY D 23 -20.14 -17.57 -8.09
C GLY D 23 -20.35 -16.45 -7.08
N SER D 24 -20.23 -16.81 -5.81
CA SER D 24 -20.39 -15.86 -4.73
C SER D 24 -19.12 -15.05 -4.53
N PHE D 25 -19.27 -13.88 -3.89
CA PHE D 25 -18.15 -13.03 -3.60
C PHE D 25 -17.17 -13.73 -2.66
N ASN D 26 -15.91 -13.84 -3.10
CA ASN D 26 -14.88 -14.60 -2.38
C ASN D 26 -15.31 -16.05 -2.20
N GLY D 27 -15.95 -16.61 -3.22
CA GLY D 27 -16.44 -17.98 -3.16
C GLY D 27 -15.69 -18.93 -4.08
N ALA D 28 -16.40 -19.53 -5.03
CA ALA D 28 -15.79 -20.54 -5.89
C ALA D 28 -14.71 -19.94 -6.78
N PHE D 29 -14.95 -18.73 -7.29
CA PHE D 29 -14.02 -18.05 -8.18
C PHE D 29 -13.22 -16.96 -7.47
N ALA D 30 -12.96 -17.15 -6.17
CA ALA D 30 -12.32 -16.09 -5.39
C ALA D 30 -10.93 -15.75 -5.92
N ASN D 31 -10.27 -16.69 -6.59
CA ASN D 31 -8.94 -16.45 -7.17
C ASN D 31 -8.90 -16.80 -8.65
N THR D 32 -10.05 -16.82 -9.32
CA THR D 32 -10.10 -17.14 -10.74
C THR D 32 -10.19 -15.86 -11.53
N PRO D 33 -9.20 -15.55 -12.37
CA PRO D 33 -9.26 -14.32 -13.17
C PRO D 33 -10.44 -14.34 -14.14
N ALA D 34 -10.87 -13.15 -14.54
CA ALA D 34 -12.06 -13.01 -15.36
C ALA D 34 -11.87 -13.62 -16.74
N HIS D 35 -10.66 -13.51 -17.31
CA HIS D 35 -10.45 -14.02 -18.66
C HIS D 35 -10.44 -15.54 -18.68
N GLU D 36 -10.07 -16.19 -17.58
CA GLU D 36 -10.19 -17.64 -17.51
C GLU D 36 -11.65 -18.07 -17.55
N LEU D 37 -12.52 -17.33 -16.86
CA LEU D 37 -13.95 -17.58 -16.98
C LEU D 37 -14.43 -17.27 -18.39
N GLY D 38 -13.90 -16.22 -19.01
CA GLY D 38 -14.28 -15.88 -20.37
C GLY D 38 -13.84 -16.91 -21.39
N ALA D 39 -12.66 -17.49 -21.19
CA ALA D 39 -12.18 -18.50 -22.13
C ALA D 39 -13.09 -19.72 -22.15
N THR D 40 -13.61 -20.12 -20.98
CA THR D 40 -14.50 -21.27 -20.92
C THR D 40 -15.79 -21.02 -21.68
N VAL D 41 -16.34 -19.81 -21.58
CA VAL D 41 -17.60 -19.53 -22.26
C VAL D 41 -17.40 -19.32 -23.76
N ILE D 42 -16.28 -18.71 -24.17
CA ILE D 42 -16.04 -18.49 -25.60
C ILE D 42 -15.87 -19.83 -26.32
N SER D 43 -15.09 -20.75 -25.74
CA SER D 43 -14.94 -22.07 -26.34
C SER D 43 -16.27 -22.82 -26.36
N ALA D 44 -17.13 -22.58 -25.37
CA ALA D 44 -18.38 -23.32 -25.26
C ALA D 44 -19.36 -22.94 -26.36
N VAL D 45 -19.51 -21.63 -26.63
CA VAL D 45 -20.47 -21.20 -27.65
C VAL D 45 -20.04 -21.67 -29.03
N LEU D 46 -18.74 -21.90 -29.23
CA LEU D 46 -18.27 -22.42 -30.51
C LEU D 46 -18.57 -23.90 -30.67
N GLU D 47 -18.35 -24.67 -29.60
CA GLU D 47 -18.63 -26.11 -29.65
C GLU D 47 -20.13 -26.37 -29.75
N ARG D 48 -20.94 -25.53 -29.11
CA ARG D 48 -22.40 -25.71 -29.16
C ARG D 48 -22.99 -25.34 -30.51
N ALA D 49 -22.25 -24.64 -31.36
CA ALA D 49 -22.73 -24.25 -32.67
C ALA D 49 -22.04 -24.97 -33.82
N GLY D 50 -21.03 -25.78 -33.54
CA GLY D 50 -20.30 -26.44 -34.62
C GLY D 50 -19.47 -25.50 -35.45
N VAL D 51 -18.86 -24.49 -34.83
CA VAL D 51 -18.07 -23.48 -35.53
C VAL D 51 -16.65 -23.54 -34.99
N ALA D 52 -15.68 -23.69 -35.90
CA ALA D 52 -14.29 -23.72 -35.50
C ALA D 52 -13.81 -22.33 -35.08
N ALA D 53 -12.81 -22.30 -34.21
CA ALA D 53 -12.29 -21.03 -33.71
C ALA D 53 -11.71 -20.18 -34.84
N GLY D 54 -11.18 -20.82 -35.89
CA GLY D 54 -10.62 -20.10 -37.01
C GLY D 54 -11.62 -19.32 -37.83
N GLU D 55 -12.92 -19.46 -37.54
CA GLU D 55 -13.95 -18.72 -38.25
C GLU D 55 -14.40 -17.47 -37.50
N VAL D 56 -13.99 -17.30 -36.26
CA VAL D 56 -14.37 -16.12 -35.49
C VAL D 56 -13.59 -14.91 -36.01
N ASN D 57 -14.31 -13.82 -36.27
CA ASN D 57 -13.67 -12.58 -36.72
C ASN D 57 -13.21 -11.72 -35.54
N GLU D 58 -14.08 -11.54 -34.54
CA GLU D 58 -13.78 -10.63 -33.44
C GLU D 58 -14.45 -11.13 -32.17
N VAL D 59 -13.86 -10.78 -31.03
CA VAL D 59 -14.40 -11.12 -29.71
C VAL D 59 -14.60 -9.82 -28.94
N ILE D 60 -15.85 -9.56 -28.54
CA ILE D 60 -16.22 -8.35 -27.81
C ILE D 60 -16.70 -8.75 -26.43
N LEU D 61 -15.91 -8.45 -25.41
CA LEU D 61 -16.21 -8.84 -24.04
C LEU D 61 -16.35 -7.60 -23.17
N GLY D 62 -17.54 -7.38 -22.63
CA GLY D 62 -17.73 -6.30 -21.67
C GLY D 62 -17.09 -6.63 -20.33
N GLN D 63 -16.41 -5.65 -19.76
CA GLN D 63 -15.76 -5.82 -18.47
C GLN D 63 -15.60 -4.45 -17.83
N VAL D 64 -15.88 -4.39 -16.52
CA VAL D 64 -15.89 -3.13 -15.79
C VAL D 64 -14.68 -2.96 -14.90
N LEU D 65 -14.14 -4.04 -14.33
CA LEU D 65 -13.02 -3.99 -13.40
C LEU D 65 -11.86 -4.79 -13.96
N PRO D 66 -11.12 -4.25 -14.93
CA PRO D 66 -9.97 -4.97 -15.50
C PRO D 66 -8.64 -4.64 -14.86
N ALA D 67 -8.62 -3.89 -13.76
CA ALA D 67 -7.37 -3.47 -13.14
C ALA D 67 -6.60 -4.68 -12.62
N GLY D 68 -5.34 -4.80 -13.04
CA GLY D 68 -4.48 -5.87 -12.60
C GLY D 68 -4.54 -7.16 -13.39
N GLU D 69 -5.39 -7.22 -14.42
CA GLU D 69 -5.50 -8.45 -15.21
C GLU D 69 -4.56 -8.49 -16.41
N GLY D 70 -3.88 -7.38 -16.71
CA GLY D 70 -2.94 -7.34 -17.82
C GLY D 70 -3.54 -6.69 -19.05
N GLN D 71 -2.75 -6.74 -20.13
CA GLN D 71 -3.11 -6.08 -21.38
C GLN D 71 -4.33 -6.75 -22.00
N ASN D 72 -5.41 -5.99 -22.16
CA ASN D 72 -6.63 -6.35 -22.88
C ASN D 72 -7.09 -7.75 -22.52
N PRO D 73 -7.82 -7.92 -21.42
CA PRO D 73 -8.25 -9.27 -21.01
C PRO D 73 -9.13 -9.97 -22.03
N ALA D 74 -9.84 -9.23 -22.88
CA ALA D 74 -10.62 -9.87 -23.94
C ALA D 74 -9.71 -10.63 -24.90
N ARG D 75 -8.55 -10.07 -25.23
CA ARG D 75 -7.59 -10.77 -26.08
C ARG D 75 -7.06 -12.02 -25.37
N GLN D 76 -6.79 -11.93 -24.08
CA GLN D 76 -6.33 -13.09 -23.33
C GLN D 76 -7.39 -14.19 -23.31
N ALA D 77 -8.65 -13.80 -23.08
CA ALA D 77 -9.73 -14.78 -23.05
C ALA D 77 -9.92 -15.43 -24.41
N ALA D 78 -9.80 -14.65 -25.49
CA ALA D 78 -9.96 -15.22 -26.82
C ALA D 78 -8.81 -16.15 -27.18
N MET D 79 -7.58 -15.76 -26.85
CA MET D 79 -6.44 -16.63 -27.14
C MET D 79 -6.50 -17.91 -26.32
N LYS D 80 -6.85 -17.81 -25.03
CA LYS D 80 -6.93 -18.99 -24.20
C LYS D 80 -8.08 -19.90 -24.64
N ALA D 81 -9.14 -19.32 -25.22
CA ALA D 81 -10.25 -20.10 -25.75
C ALA D 81 -9.93 -20.78 -27.07
N GLY D 82 -8.76 -20.52 -27.64
CA GLY D 82 -8.35 -21.12 -28.89
C GLY D 82 -8.62 -20.29 -30.13
N VAL D 83 -9.11 -19.07 -29.97
CA VAL D 83 -9.31 -18.20 -31.14
C VAL D 83 -7.95 -17.84 -31.72
N PRO D 84 -7.76 -17.95 -33.04
CA PRO D 84 -6.44 -17.70 -33.61
C PRO D 84 -6.06 -16.22 -33.54
N GLN D 85 -4.76 -15.96 -33.64
CA GLN D 85 -4.24 -14.61 -33.52
C GLN D 85 -4.71 -13.70 -34.64
N GLU D 86 -5.22 -14.27 -35.74
CA GLU D 86 -5.74 -13.43 -36.82
C GLU D 86 -6.94 -12.62 -36.38
N ALA D 87 -7.71 -13.13 -35.44
CA ALA D 87 -8.88 -12.41 -34.97
C ALA D 87 -8.47 -11.26 -34.04
N THR D 88 -9.42 -10.36 -33.82
CA THR D 88 -9.22 -9.21 -32.96
C THR D 88 -10.13 -9.32 -31.75
N ALA D 89 -9.79 -8.59 -30.70
CA ALA D 89 -10.56 -8.62 -29.47
C ALA D 89 -10.38 -7.30 -28.74
N TRP D 90 -11.45 -6.86 -28.08
CA TRP D 90 -11.41 -5.64 -27.30
C TRP D 90 -12.53 -5.66 -26.28
N GLY D 91 -12.34 -4.89 -25.22
CA GLY D 91 -13.33 -4.76 -24.18
C GLY D 91 -14.06 -3.44 -24.28
N MET D 92 -15.21 -3.37 -23.61
CA MET D 92 -15.99 -2.15 -23.55
C MET D 92 -16.64 -2.07 -22.19
N ASN D 93 -16.94 -0.84 -21.76
CA ASN D 93 -17.44 -0.58 -20.41
C ASN D 93 -18.62 0.36 -20.48
N GLN D 94 -19.82 -0.19 -20.30
CA GLN D 94 -21.02 0.58 -20.00
C GLN D 94 -21.63 0.06 -18.71
N LEU D 95 -20.77 -0.25 -17.74
CA LEU D 95 -21.17 -0.79 -16.44
C LEU D 95 -22.05 -2.03 -16.56
N SCY D 96 -23.15 -2.05 -15.83
CA SCY D 96 -24.02 -3.21 -15.78
CB SCY D 96 -25.17 -3.00 -14.81
SG SCY D 96 -24.59 -2.79 -13.14
CD SCY D 96 -24.18 -1.14 -12.96
OCD SCY D 96 -24.59 -0.18 -13.63
CE SCY D 96 -23.19 -0.97 -11.86
C SCY D 96 -24.64 -3.65 -17.17
O SCY D 96 -25.08 -4.82 -17.31
N GLY D 97 -24.65 -2.73 -18.13
CA GLY D 97 -25.19 -3.03 -19.45
C GLY D 97 -24.11 -3.43 -20.45
N SER D 98 -22.88 -3.62 -19.96
CA SER D 98 -21.78 -3.95 -20.84
C SER D 98 -22.02 -5.26 -21.58
N GLY D 99 -22.50 -6.28 -20.87
CA GLY D 99 -22.69 -7.58 -21.50
C GLY D 99 -23.73 -7.56 -22.61
N LEU D 100 -24.82 -6.82 -22.41
CA LEU D 100 -25.85 -6.75 -23.43
C LEU D 100 -25.48 -5.78 -24.55
N ARG D 101 -24.78 -4.69 -24.22
CA ARG D 101 -24.37 -3.75 -25.26
C ARG D 101 -23.33 -4.37 -26.18
N ALA D 102 -22.45 -5.22 -25.64
CA ALA D 102 -21.46 -5.90 -26.47
C ALA D 102 -22.12 -6.77 -27.53
N VAL D 103 -23.27 -7.38 -27.21
CA VAL D 103 -24.01 -8.15 -28.19
C VAL D 103 -24.56 -7.23 -29.27
N ALA D 104 -25.07 -6.06 -28.88
CA ALA D 104 -25.58 -5.10 -29.86
C ALA D 104 -24.46 -4.58 -30.76
N LEU D 105 -23.28 -4.35 -30.18
CA LEU D 105 -22.14 -3.92 -30.99
C LEU D 105 -21.71 -5.00 -31.98
N GLY D 106 -21.63 -6.26 -31.52
CA GLY D 106 -21.30 -7.34 -32.42
C GLY D 106 -22.31 -7.50 -33.53
N MET D 107 -23.59 -7.24 -33.25
CA MET D 107 -24.61 -7.28 -34.28
C MET D 107 -24.36 -6.21 -35.33
N GLN D 108 -23.84 -5.05 -34.93
CA GLN D 108 -23.59 -3.97 -35.88
C GLN D 108 -22.39 -4.26 -36.76
N GLN D 109 -21.38 -4.98 -36.24
CA GLN D 109 -20.24 -5.37 -37.06
C GLN D 109 -20.69 -6.20 -38.26
N ILE D 110 -21.61 -7.14 -38.04
CA ILE D 110 -22.10 -7.98 -39.12
C ILE D 110 -23.04 -7.19 -40.02
N ALA D 111 -23.82 -6.28 -39.44
CA ALA D 111 -24.78 -5.51 -40.24
C ALA D 111 -24.07 -4.58 -41.21
N THR D 112 -22.98 -3.96 -40.78
CA THR D 112 -22.20 -3.08 -41.65
C THR D 112 -21.26 -3.83 -42.59
N GLY D 113 -21.22 -5.16 -42.51
CA GLY D 113 -20.38 -5.94 -43.40
C GLY D 113 -18.91 -6.01 -43.02
N ASP D 114 -18.54 -5.50 -41.85
CA ASP D 114 -17.16 -5.51 -41.42
C ASP D 114 -16.74 -6.82 -40.76
N ALA D 115 -17.67 -7.76 -40.59
CA ALA D 115 -17.36 -9.06 -40.00
C ALA D 115 -18.46 -10.04 -40.37
N SER D 116 -18.16 -11.32 -40.19
CA SER D 116 -19.11 -12.40 -40.48
C SER D 116 -19.56 -13.15 -39.25
N ILE D 117 -18.66 -13.45 -38.31
CA ILE D 117 -18.98 -14.21 -37.11
C ILE D 117 -18.35 -13.50 -35.92
N ILE D 118 -19.16 -13.14 -34.93
CA ILE D 118 -18.71 -12.42 -33.74
C ILE D 118 -19.06 -13.24 -32.51
N VAL D 119 -18.14 -13.26 -31.55
CA VAL D 119 -18.40 -13.78 -30.21
C VAL D 119 -18.47 -12.57 -29.28
N ALA D 120 -19.65 -12.35 -28.70
CA ALA D 120 -19.90 -11.19 -27.86
C ALA D 120 -20.46 -11.62 -26.52
N GLY D 121 -20.15 -10.84 -25.49
CA GLY D 121 -20.61 -11.16 -24.14
C GLY D 121 -19.97 -10.29 -23.08
N GLY D 122 -19.73 -10.85 -21.90
CA GLY D 122 -19.11 -10.11 -20.83
C GLY D 122 -18.51 -11.04 -19.80
N MET D 123 -17.61 -10.48 -18.98
CA MET D 123 -16.95 -11.23 -17.93
C MET D 123 -16.62 -10.29 -16.78
N GLU D 124 -16.71 -10.81 -15.57
CA GLU D 124 -16.44 -10.01 -14.38
C GLU D 124 -15.98 -10.92 -13.25
N SER D 125 -14.93 -10.49 -12.54
CA SER D 125 -14.44 -11.18 -11.34
C SER D 125 -14.26 -10.12 -10.26
N MET D 126 -15.36 -9.78 -9.59
CA MET D 126 -15.31 -8.76 -8.54
C MET D 126 -14.50 -9.22 -7.33
N SER D 127 -14.31 -10.53 -7.14
CA SER D 127 -13.46 -11.00 -6.07
C SER D 127 -11.99 -10.63 -6.31
N MET D 128 -11.57 -10.59 -7.57
CA MET D 128 -10.18 -10.29 -7.92
C MET D 128 -9.90 -8.80 -8.04
N ALA D 129 -10.87 -7.95 -7.77
CA ALA D 129 -10.64 -6.50 -7.86
C ALA D 129 -9.69 -6.07 -6.75
N PRO D 130 -8.65 -5.32 -7.07
CA PRO D 130 -7.65 -4.97 -6.06
C PRO D 130 -7.95 -3.63 -5.38
N HIS D 131 -7.18 -3.34 -4.35
CA HIS D 131 -7.14 -2.01 -3.75
C HIS D 131 -5.99 -1.21 -4.36
N CYS D 132 -6.23 0.07 -4.60
CA CYS D 132 -5.27 0.89 -5.33
C CYS D 132 -5.15 2.26 -4.67
N ALA D 133 -4.06 2.96 -5.01
CA ALA D 133 -3.81 4.31 -4.55
C ALA D 133 -2.79 4.95 -5.50
N HIS D 134 -2.99 6.22 -5.80
CA HIS D 134 -2.07 6.97 -6.65
C HIS D 134 -0.88 7.43 -5.82
N LEU D 135 0.31 6.92 -6.14
CA LEU D 135 1.49 7.12 -5.31
C LEU D 135 2.67 7.72 -6.07
N ARG D 136 2.47 8.18 -7.31
CA ARG D 136 3.58 8.69 -8.09
C ARG D 136 4.12 10.00 -7.55
N GLY D 137 3.22 10.92 -7.18
CA GLY D 137 3.66 12.20 -6.63
C GLY D 137 4.33 12.06 -5.27
N GLY D 138 3.96 11.04 -4.51
CA GLY D 138 4.55 10.83 -3.21
C GLY D 138 3.77 11.49 -2.08
N VAL D 139 3.66 10.81 -0.95
CA VAL D 139 2.96 11.32 0.23
C VAL D 139 4.05 11.83 1.18
N LYS D 140 4.25 13.15 1.19
CA LYS D 140 5.29 13.72 2.05
C LYS D 140 4.97 13.54 3.52
N MET D 141 3.69 13.58 3.89
CA MET D 141 3.28 13.47 5.29
C MET D 141 1.79 13.19 5.35
N GLY D 142 1.38 12.50 6.41
CA GLY D 142 -0.02 12.23 6.66
C GLY D 142 -0.47 10.88 6.11
N ASP D 143 -1.70 10.52 6.47
CA ASP D 143 -2.29 9.26 6.05
C ASP D 143 -3.04 9.43 4.73
N PHE D 144 -3.17 8.31 4.01
CA PHE D 144 -3.96 8.26 2.80
C PHE D 144 -4.72 6.94 2.77
N LYS D 145 -5.70 6.84 1.88
CA LYS D 145 -6.59 5.70 1.80
C LYS D 145 -6.30 4.83 0.59
N MET D 146 -6.27 3.51 0.81
CA MET D 146 -6.27 2.56 -0.29
C MET D 146 -7.70 2.34 -0.75
N ILE D 147 -7.95 2.60 -2.04
CA ILE D 147 -9.31 2.63 -2.57
C ILE D 147 -9.67 1.25 -3.11
N ASP D 148 -10.84 0.75 -2.72
CA ASP D 148 -11.39 -0.48 -3.27
C ASP D 148 -11.91 -0.19 -4.67
N THR D 149 -11.24 -0.75 -5.68
CA THR D 149 -11.61 -0.47 -7.07
C THR D 149 -13.01 -0.98 -7.39
N MET D 150 -13.46 -2.01 -6.67
CA MET D 150 -14.82 -2.52 -6.89
C MET D 150 -15.86 -1.50 -6.46
N ILE D 151 -15.66 -0.89 -5.29
CA ILE D 151 -16.59 0.12 -4.81
C ILE D 151 -16.47 1.39 -5.65
N LYS D 152 -15.24 1.83 -5.93
CA LYS D 152 -15.04 3.12 -6.58
C LYS D 152 -15.52 3.11 -8.02
N ASP D 153 -15.02 2.17 -8.83
CA ASP D 153 -15.30 2.17 -10.25
C ASP D 153 -16.53 1.35 -10.62
N GLY D 154 -17.20 0.73 -9.65
CA GLY D 154 -18.33 -0.11 -9.97
C GLY D 154 -19.61 0.25 -9.25
N LEU D 155 -19.54 0.57 -7.96
CA LEU D 155 -20.71 0.71 -7.11
C LEU D 155 -20.88 2.11 -6.52
N THR D 156 -20.13 3.09 -6.98
CA THR D 156 -20.22 4.45 -6.43
C THR D 156 -20.54 5.43 -7.55
N ASP D 157 -21.58 6.23 -7.35
CA ASP D 157 -21.93 7.26 -8.32
C ASP D 157 -20.87 8.35 -8.31
N ALA D 158 -20.35 8.68 -9.48
CA ALA D 158 -19.26 9.64 -9.57
C ALA D 158 -19.75 11.07 -9.32
N PHE D 159 -21.02 11.36 -9.58
CA PHE D 159 -21.50 12.73 -9.49
C PHE D 159 -21.92 13.09 -8.07
N TYR D 160 -22.56 12.16 -7.36
CA TYR D 160 -23.08 12.44 -6.03
C TYR D 160 -22.31 11.76 -4.91
N GLY D 161 -21.54 10.72 -5.20
CA GLY D 161 -20.61 10.16 -4.24
C GLY D 161 -21.14 9.02 -3.41
N TYR D 162 -22.46 8.80 -3.38
CA TYR D 162 -22.99 7.73 -2.55
C TYR D 162 -23.09 6.43 -3.33
N HIS D 163 -23.40 5.35 -2.61
CA HIS D 163 -23.50 4.03 -3.19
C HIS D 163 -24.68 3.95 -4.15
N MET D 164 -24.63 2.95 -5.03
CA MET D 164 -25.74 2.72 -5.94
C MET D 164 -27.03 2.37 -5.20
N GLY D 165 -26.91 1.78 -4.01
CA GLY D 165 -28.09 1.49 -3.20
C GLY D 165 -28.86 2.72 -2.79
N THR D 166 -28.16 3.86 -2.66
CA THR D 166 -28.84 5.11 -2.34
C THR D 166 -29.75 5.56 -3.48
N THR D 167 -29.36 5.26 -4.73
CA THR D 167 -30.22 5.56 -5.87
C THR D 167 -31.51 4.73 -5.81
N ALA D 168 -31.41 3.49 -5.33
CA ALA D 168 -32.61 2.68 -5.15
C ALA D 168 -33.52 3.27 -4.07
N GLU D 169 -32.93 3.86 -3.02
CA GLU D 169 -33.72 4.56 -2.02
C GLU D 169 -34.46 5.74 -2.64
N ASN D 170 -33.83 6.41 -3.62
CA ASN D 170 -34.51 7.50 -4.31
C ASN D 170 -35.68 6.98 -5.14
N VAL D 171 -35.52 5.80 -5.76
CA VAL D 171 -36.62 5.20 -6.49
C VAL D 171 -37.75 4.82 -5.53
N ALA D 172 -37.39 4.34 -4.34
CA ALA D 172 -38.39 3.98 -3.35
C ALA D 172 -39.21 5.19 -2.88
N LYS D 173 -38.57 6.36 -2.77
CA LYS D 173 -39.30 7.54 -2.30
C LYS D 173 -40.26 8.07 -3.36
N GLN D 174 -39.78 8.23 -4.60
CA GLN D 174 -40.61 8.80 -5.65
C GLN D 174 -41.78 7.89 -6.00
N TRP D 175 -41.58 6.57 -5.93
CA TRP D 175 -42.61 5.60 -6.26
C TRP D 175 -43.36 5.10 -5.03
N GLN D 176 -43.01 5.57 -3.84
CA GLN D 176 -43.68 5.19 -2.58
C GLN D 176 -43.65 3.67 -2.41
N LEU D 177 -42.45 3.13 -2.34
CA LEU D 177 -42.22 1.69 -2.21
C LEU D 177 -41.85 1.38 -0.77
N SER D 178 -42.70 0.62 -0.09
CA SER D 178 -42.45 0.25 1.30
C SER D 178 -41.46 -0.91 1.36
N ARG D 179 -40.94 -1.16 2.57
CA ARG D 179 -40.06 -2.31 2.75
C ARG D 179 -40.79 -3.63 2.50
N ASP D 180 -42.10 -3.68 2.79
CA ASP D 180 -42.83 -4.93 2.64
C ASP D 180 -42.98 -5.32 1.17
N GLU D 181 -43.22 -4.34 0.29
CA GLU D 181 -43.34 -4.68 -1.13
C GLU D 181 -41.99 -5.06 -1.72
N GLN D 182 -40.90 -4.51 -1.19
CA GLN D 182 -39.58 -4.85 -1.70
C GLN D 182 -39.14 -6.23 -1.20
N ASP D 183 -39.45 -6.56 0.05
CA ASP D 183 -39.12 -7.88 0.55
C ASP D 183 -39.97 -8.96 -0.11
N ALA D 184 -41.23 -8.64 -0.39
CA ALA D 184 -42.10 -9.60 -1.09
C ALA D 184 -41.59 -9.87 -2.50
N PHE D 185 -41.08 -8.84 -3.18
CA PHE D 185 -40.49 -9.05 -4.49
C PHE D 185 -39.21 -9.87 -4.39
N ALA D 186 -38.42 -9.64 -3.34
CA ALA D 186 -37.17 -10.38 -3.16
C ALA D 186 -37.44 -11.85 -2.87
N VAL D 187 -38.37 -12.14 -1.95
CA VAL D 187 -38.71 -13.52 -1.64
C VAL D 187 -39.26 -14.23 -2.87
N ALA D 188 -40.11 -13.54 -3.63
CA ALA D 188 -40.64 -14.12 -4.87
C ALA D 188 -39.52 -14.39 -5.87
N SER D 189 -38.47 -13.57 -5.85
CA SER D 189 -37.35 -13.79 -6.77
C SER D 189 -36.52 -15.00 -6.34
N TYR D 190 -36.30 -15.16 -5.03
CA TYR D 190 -35.58 -16.34 -4.54
C TYR D 190 -36.34 -17.62 -4.84
N ASN D 191 -37.66 -17.61 -4.63
CA ASN D 191 -38.45 -18.82 -4.81
C ASN D 191 -38.50 -19.26 -6.27
N LYS D 192 -38.61 -18.32 -7.20
CA LYS D 192 -38.61 -18.68 -8.61
C LYS D 192 -37.25 -19.24 -9.05
N ALA D 193 -36.16 -18.74 -8.44
CA ALA D 193 -34.84 -19.24 -8.80
C ALA D 193 -34.59 -20.61 -8.17
N GLU D 194 -35.06 -20.80 -6.94
CA GLU D 194 -34.90 -22.10 -6.28
C GLU D 194 -35.70 -23.17 -6.99
N ALA D 195 -36.88 -22.82 -7.50
CA ALA D 195 -37.69 -23.79 -8.24
C ALA D 195 -37.08 -24.12 -9.60
N ALA D 196 -36.54 -23.11 -10.29
CA ALA D 196 -35.97 -23.34 -11.61
C ALA D 196 -34.71 -24.19 -11.53
N GLN D 197 -33.91 -24.04 -10.47
CA GLN D 197 -32.68 -24.80 -10.35
C GLN D 197 -32.95 -26.27 -10.08
N LYS D 198 -33.92 -26.56 -9.21
CA LYS D 198 -34.26 -27.95 -8.93
C LYS D 198 -34.87 -28.64 -10.15
N ASP D 199 -35.65 -27.91 -10.94
CA ASP D 199 -36.23 -28.47 -12.15
C ASP D 199 -35.24 -28.58 -13.31
N GLY D 200 -34.01 -28.10 -13.13
CA GLY D 200 -33.00 -28.21 -14.15
C GLY D 200 -33.13 -27.26 -15.32
N ARG D 201 -33.84 -26.14 -15.15
CA ARG D 201 -33.99 -25.18 -16.23
C ARG D 201 -32.74 -24.33 -16.46
N PHE D 202 -31.69 -24.51 -15.65
CA PHE D 202 -30.44 -23.79 -15.82
C PHE D 202 -29.32 -24.65 -16.39
N LYS D 203 -29.54 -25.96 -16.55
CA LYS D 203 -28.46 -26.85 -16.97
C LYS D 203 -28.05 -26.61 -18.42
N ASP D 204 -28.99 -26.25 -19.29
CA ASP D 204 -28.68 -26.04 -20.70
C ASP D 204 -27.76 -24.84 -20.91
N GLU D 205 -28.01 -23.74 -20.21
CA GLU D 205 -27.25 -22.52 -20.44
C GLU D 205 -25.90 -22.55 -19.75
N ILE D 206 -25.79 -23.23 -18.62
CA ILE D 206 -24.55 -23.25 -17.84
C ILE D 206 -23.58 -24.22 -18.48
N VAL D 207 -22.35 -23.77 -18.71
CA VAL D 207 -21.23 -24.64 -19.05
C VAL D 207 -20.40 -24.84 -17.79
N PRO D 208 -20.03 -26.07 -17.45
CA PRO D 208 -19.24 -26.28 -16.22
C PRO D 208 -17.86 -25.65 -16.35
N PHE D 209 -17.34 -25.20 -15.20
CA PHE D 209 -16.03 -24.59 -15.11
C PHE D 209 -15.16 -25.36 -14.14
N ILE D 210 -13.94 -25.67 -14.54
CA ILE D 210 -13.01 -26.44 -13.73
C ILE D 210 -12.10 -25.46 -12.99
N VAL D 211 -12.27 -25.39 -11.67
CA VAL D 211 -11.41 -24.58 -10.81
C VAL D 211 -10.22 -25.45 -10.41
N LYS D 212 -9.08 -25.22 -11.06
CA LYS D 212 -7.87 -25.98 -10.77
C LYS D 212 -7.23 -25.45 -9.49
N GLY D 213 -7.11 -26.31 -8.48
CA GLY D 213 -6.51 -25.94 -7.22
C GLY D 213 -5.32 -26.82 -6.89
N ARG D 214 -4.59 -26.42 -5.84
CA ARG D 214 -3.40 -27.17 -5.45
C ARG D 214 -3.74 -28.50 -4.81
N LYS D 215 -4.87 -28.59 -4.11
CA LYS D 215 -5.25 -29.84 -3.45
C LYS D 215 -6.46 -30.45 -4.14
N GLY D 216 -6.38 -30.64 -5.44
CA GLY D 216 -7.46 -31.25 -6.21
C GLY D 216 -8.30 -30.21 -6.93
N ASP D 217 -8.79 -30.56 -8.11
CA ASP D 217 -9.61 -29.67 -8.92
C ASP D 217 -11.07 -29.76 -8.51
N ILE D 218 -11.80 -28.67 -8.73
CA ILE D 218 -13.21 -28.55 -8.36
C ILE D 218 -14.00 -28.12 -9.58
N THR D 219 -15.11 -28.80 -9.85
CA THR D 219 -16.01 -28.48 -10.96
C THR D 219 -17.17 -27.65 -10.43
N VAL D 220 -17.30 -26.43 -10.91
CA VAL D 220 -18.38 -25.52 -10.53
C VAL D 220 -19.45 -25.58 -11.61
N ASP D 221 -20.64 -26.06 -11.27
CA ASP D 221 -21.69 -26.28 -12.25
C ASP D 221 -23.02 -25.62 -11.90
N ALA D 222 -23.18 -25.14 -10.67
CA ALA D 222 -24.44 -24.55 -10.23
C ALA D 222 -24.18 -23.22 -9.55
N ASP D 223 -25.15 -22.32 -9.67
CA ASP D 223 -25.05 -21.01 -9.04
C ASP D 223 -25.10 -21.18 -7.52
N GLU D 224 -24.02 -20.77 -6.85
CA GLU D 224 -23.92 -20.96 -5.41
C GLU D 224 -24.68 -19.90 -4.62
N GLU D 225 -25.24 -18.90 -5.29
CA GLU D 225 -26.00 -17.86 -4.61
C GLU D 225 -27.47 -18.21 -4.44
N ILE D 226 -27.98 -19.18 -5.19
CA ILE D 226 -29.38 -19.56 -5.09
C ILE D 226 -29.62 -20.26 -3.76
N ARG D 227 -30.46 -19.67 -2.92
CA ARG D 227 -30.73 -20.16 -1.58
C ARG D 227 -32.22 -20.03 -1.31
N GLY D 228 -32.70 -20.72 -0.28
CA GLY D 228 -34.10 -20.62 0.09
C GLY D 228 -34.29 -19.44 1.02
N ALA D 229 -35.25 -18.59 0.68
CA ALA D 229 -35.52 -17.38 1.46
C ALA D 229 -36.94 -17.41 1.99
N THR D 230 -37.10 -16.91 3.22
CA THR D 230 -38.40 -16.77 3.85
C THR D 230 -38.64 -15.29 4.16
N LEU D 231 -39.91 -14.89 4.08
CA LEU D 231 -40.25 -13.49 4.33
C LEU D 231 -39.93 -13.08 5.76
N ASP D 232 -39.88 -14.05 6.69
CA ASP D 232 -39.56 -13.72 8.08
C ASP D 232 -38.09 -13.34 8.23
N LYS D 233 -37.19 -14.10 7.59
CA LYS D 233 -35.77 -13.75 7.63
C LYS D 233 -35.48 -12.43 6.92
N MET D 234 -36.30 -12.07 5.93
CA MET D 234 -36.08 -10.83 5.21
C MET D 234 -36.39 -9.61 6.08
N ALA D 235 -37.43 -9.69 6.90
CA ALA D 235 -37.84 -8.54 7.71
C ALA D 235 -36.90 -8.27 8.88
N LYS D 236 -36.03 -9.22 9.23
CA LYS D 236 -35.09 -9.04 10.33
C LYS D 236 -33.80 -8.36 9.90
N LEU D 237 -33.57 -8.19 8.60
CA LEU D 237 -32.33 -7.62 8.12
C LEU D 237 -32.27 -6.12 8.37
N ARG D 238 -31.08 -5.63 8.70
CA ARG D 238 -30.89 -4.20 8.90
C ARG D 238 -30.70 -3.50 7.56
N PRO D 239 -31.07 -2.21 7.48
CA PRO D 239 -30.84 -1.46 6.24
C PRO D 239 -29.35 -1.36 5.95
N ALA D 240 -28.99 -1.50 4.67
CA ALA D 240 -27.59 -1.58 4.30
C ALA D 240 -26.98 -0.26 3.87
N PHE D 241 -27.79 0.75 3.56
CA PHE D 241 -27.28 2.03 3.07
C PHE D 241 -27.75 3.20 3.92
N ASP D 242 -29.02 3.58 3.84
CA ASP D 242 -29.55 4.63 4.69
C ASP D 242 -29.83 4.07 6.08
N LYS D 243 -29.44 4.83 7.11
CA LYS D 243 -29.66 4.39 8.49
C LYS D 243 -31.13 4.21 8.80
N GLU D 244 -32.01 4.91 8.09
CA GLU D 244 -33.46 4.75 8.20
C GLU D 244 -34.06 4.53 6.83
N GLY D 245 -33.54 3.53 6.12
CA GLY D 245 -33.97 3.29 4.75
C GLY D 245 -34.68 1.97 4.56
N THR D 246 -34.92 1.59 3.30
CA THR D 246 -35.67 0.39 2.98
C THR D 246 -34.85 -0.71 2.31
N VAL D 247 -33.77 -0.36 1.61
CA VAL D 247 -32.96 -1.34 0.90
C VAL D 247 -32.03 -2.03 1.90
N THR D 248 -32.09 -3.36 1.92
CA THR D 248 -31.23 -4.19 2.77
C THR D 248 -30.40 -5.11 1.89
N ALA D 249 -29.52 -5.89 2.53
CA ALA D 249 -28.72 -6.87 1.80
C ALA D 249 -29.56 -7.98 1.20
N GLY D 250 -30.76 -8.22 1.73
CA GLY D 250 -31.62 -9.27 1.23
C GLY D 250 -32.38 -8.91 -0.03
N ASN D 251 -32.88 -7.68 -0.10
CA ASN D 251 -33.66 -7.23 -1.25
C ASN D 251 -32.81 -6.51 -2.29
N ALA D 252 -31.49 -6.55 -2.15
CA ALA D 252 -30.57 -6.02 -3.14
C ALA D 252 -29.74 -7.15 -3.73
N SER D 253 -29.33 -6.98 -4.98
CA SER D 253 -28.47 -7.97 -5.62
C SER D 253 -27.12 -8.03 -4.92
N THR D 254 -26.40 -9.13 -5.13
CA THR D 254 -25.14 -9.36 -4.45
C THR D 254 -23.97 -9.10 -5.41
N LEU D 255 -22.76 -9.19 -4.87
CA LEU D 255 -21.53 -9.07 -5.65
C LEU D 255 -21.07 -10.46 -6.05
N ASN D 256 -20.75 -10.65 -7.33
CA ASN D 256 -20.58 -11.99 -7.85
C ASN D 256 -19.53 -12.00 -8.95
N ASP D 257 -19.13 -13.21 -9.33
CA ASP D 257 -18.18 -13.45 -10.42
C ASP D 257 -18.84 -14.37 -11.45
N GLY D 258 -18.45 -14.19 -12.70
CA GLY D 258 -19.00 -15.02 -13.76
C GLY D 258 -18.75 -14.43 -15.13
N ALA D 259 -19.17 -15.19 -16.14
CA ALA D 259 -19.00 -14.79 -17.53
C ALA D 259 -20.13 -15.39 -18.36
N ALA D 260 -20.43 -14.73 -19.47
CA ALA D 260 -21.49 -15.17 -20.37
C ALA D 260 -21.19 -14.59 -21.76
N ALA D 261 -21.65 -15.30 -22.78
CA ALA D 261 -21.34 -14.90 -24.15
C ALA D 261 -22.38 -15.46 -25.10
N ALA D 262 -22.36 -14.94 -26.33
CA ALA D 262 -23.22 -15.41 -27.40
C ALA D 262 -22.43 -15.42 -28.71
N LEU D 263 -22.93 -16.19 -29.67
CA LEU D 263 -22.31 -16.30 -30.99
C LEU D 263 -23.26 -15.70 -32.01
N LEU D 264 -22.78 -14.69 -32.73
CA LEU D 264 -23.61 -13.95 -33.67
C LEU D 264 -23.16 -14.18 -35.11
N MET D 265 -24.13 -14.20 -36.02
CA MET D 265 -23.90 -14.35 -37.45
C MET D 265 -25.19 -13.95 -38.16
N SER D 266 -25.09 -13.79 -39.48
CA SER D 266 -26.25 -13.46 -40.27
C SER D 266 -27.16 -14.67 -40.41
N GLU D 267 -28.44 -14.42 -40.72
CA GLU D 267 -29.38 -15.52 -40.85
C GLU D 267 -29.03 -16.42 -42.03
N ALA D 268 -28.54 -15.84 -43.13
CA ALA D 268 -28.12 -16.65 -44.26
C ALA D 268 -26.87 -17.46 -43.93
N GLU D 269 -25.96 -16.89 -43.13
CA GLU D 269 -24.78 -17.64 -42.72
C GLU D 269 -25.15 -18.83 -41.85
N ALA D 270 -26.08 -18.62 -40.91
CA ALA D 270 -26.54 -19.73 -40.07
C ALA D 270 -27.20 -20.81 -40.91
N SER D 271 -27.95 -20.42 -41.94
CA SER D 271 -28.59 -21.39 -42.81
C SER D 271 -27.57 -22.17 -43.63
N ARG D 272 -26.52 -21.49 -44.10
CA ARG D 272 -25.51 -22.17 -44.91
C ARG D 272 -24.72 -23.17 -44.08
N ARG D 273 -24.57 -22.94 -42.78
CA ARG D 273 -23.88 -23.86 -41.89
C ARG D 273 -24.82 -24.86 -41.23
N GLY D 274 -26.12 -24.85 -41.58
CA GLY D 274 -27.06 -25.77 -40.98
C GLY D 274 -27.29 -25.55 -39.49
N ILE D 275 -27.06 -24.33 -39.00
CA ILE D 275 -27.25 -24.02 -37.59
C ILE D 275 -28.70 -23.61 -37.37
N GLN D 276 -29.30 -24.14 -36.29
CA GLN D 276 -30.64 -23.74 -35.89
C GLN D 276 -30.50 -22.69 -34.79
N PRO D 277 -30.72 -21.42 -35.10
CA PRO D 277 -30.36 -20.35 -34.17
C PRO D 277 -31.32 -20.28 -32.99
N LEU D 278 -30.81 -19.71 -31.89
CA LEU D 278 -31.63 -19.52 -30.70
C LEU D 278 -32.67 -18.43 -30.91
N GLY D 279 -32.33 -17.38 -31.64
CA GLY D 279 -33.25 -16.29 -31.87
C GLY D 279 -32.63 -15.25 -32.78
N ARG D 280 -33.48 -14.33 -33.23
CA ARG D 280 -33.08 -13.25 -34.11
C ARG D 280 -33.14 -11.92 -33.36
N ILE D 281 -32.06 -11.15 -33.44
CA ILE D 281 -32.06 -9.80 -32.88
C ILE D 281 -32.86 -8.90 -33.80
N VAL D 282 -33.99 -8.38 -33.30
CA VAL D 282 -34.87 -7.55 -34.10
C VAL D 282 -34.72 -6.07 -33.83
N SER D 283 -34.33 -5.67 -32.62
CA SER D 283 -34.13 -4.26 -32.30
C SER D 283 -33.34 -4.15 -31.00
N TRP D 284 -32.89 -2.92 -30.73
CA TRP D 284 -32.19 -2.60 -29.49
C TRP D 284 -32.21 -1.09 -29.31
N ALA D 285 -31.96 -0.65 -28.09
CA ALA D 285 -31.95 0.77 -27.79
C ALA D 285 -31.21 1.02 -26.49
N THR D 286 -30.65 2.22 -26.37
CA THR D 286 -30.00 2.66 -25.15
C THR D 286 -30.36 4.11 -24.90
N VAL D 287 -30.78 4.42 -23.68
CA VAL D 287 -31.25 5.76 -23.32
C VAL D 287 -30.61 6.13 -21.98
N GLY D 288 -30.45 7.43 -21.76
CA GLY D 288 -29.94 7.95 -20.51
C GLY D 288 -31.03 8.59 -19.68
N VAL D 289 -30.87 8.51 -18.37
CA VAL D 289 -31.79 9.11 -17.41
C VAL D 289 -30.98 9.86 -16.36
N ASP D 290 -31.69 10.42 -15.38
CA ASP D 290 -31.01 11.14 -14.31
C ASP D 290 -30.24 10.15 -13.44
N PRO D 291 -28.98 10.44 -13.10
CA PRO D 291 -28.22 9.51 -12.25
C PRO D 291 -28.81 9.32 -10.86
N LYS D 292 -29.59 10.31 -10.38
CA LYS D 292 -30.22 10.17 -9.07
C LYS D 292 -31.20 9.01 -9.03
N VAL D 293 -31.83 8.70 -10.17
CA VAL D 293 -32.85 7.67 -10.25
C VAL D 293 -32.48 6.72 -11.39
N MET D 294 -31.25 6.21 -11.35
CA MET D 294 -30.74 5.36 -12.42
C MET D 294 -31.56 4.09 -12.61
N GLY D 295 -32.31 3.66 -11.59
CA GLY D 295 -33.09 2.44 -11.69
C GLY D 295 -34.20 2.48 -12.72
N THR D 296 -34.65 3.67 -13.11
CA THR D 296 -35.70 3.82 -14.11
C THR D 296 -35.17 3.76 -15.54
N GLY D 297 -33.89 3.46 -15.72
CA GLY D 297 -33.29 3.31 -17.03
C GLY D 297 -34.04 2.40 -17.99
N PRO D 298 -34.43 1.20 -17.53
CA PRO D 298 -35.11 0.28 -18.45
C PRO D 298 -36.44 0.77 -18.98
N ILE D 299 -37.05 1.80 -18.39
CA ILE D 299 -38.37 2.24 -18.82
C ILE D 299 -38.30 2.90 -20.19
N PRO D 300 -37.52 3.96 -20.41
CA PRO D 300 -37.46 4.53 -21.76
C PRO D 300 -36.69 3.68 -22.75
N ALA D 301 -35.73 2.88 -22.28
CA ALA D 301 -34.96 2.03 -23.18
C ALA D 301 -35.83 0.92 -23.77
N SER D 302 -36.66 0.30 -22.94
CA SER D 302 -37.55 -0.75 -23.44
C SER D 302 -38.60 -0.20 -24.39
N ARG D 303 -39.14 0.99 -24.09
CA ARG D 303 -40.14 1.58 -24.95
C ARG D 303 -39.56 1.91 -26.32
N LYS D 304 -38.31 2.37 -26.37
CA LYS D 304 -37.69 2.67 -27.66
C LYS D 304 -37.37 1.41 -28.44
N ALA D 305 -36.91 0.36 -27.75
CA ALA D 305 -36.63 -0.90 -28.43
C ALA D 305 -37.91 -1.51 -29.00
N LEU D 306 -39.00 -1.49 -28.23
CA LEU D 306 -40.28 -1.99 -28.73
C LEU D 306 -40.77 -1.15 -29.91
N GLU D 307 -40.60 0.16 -29.84
CA GLU D 307 -40.99 1.02 -30.95
C GLU D 307 -40.16 0.73 -32.20
N ARG D 308 -38.84 0.54 -32.02
CA ARG D 308 -38.00 0.23 -33.17
C ARG D 308 -38.36 -1.13 -33.77
N ALA D 309 -38.78 -2.08 -32.94
CA ALA D 309 -39.16 -3.39 -33.45
C ALA D 309 -40.58 -3.42 -34.00
N GLY D 310 -41.39 -2.41 -33.68
CA GLY D 310 -42.78 -2.41 -34.10
C GLY D 310 -43.68 -3.27 -33.24
N TRP D 311 -43.28 -3.56 -32.00
CA TRP D 311 -44.06 -4.38 -31.09
C TRP D 311 -44.74 -3.52 -30.03
N LYS D 312 -45.91 -3.99 -29.59
CA LYS D 312 -46.55 -3.46 -28.40
C LYS D 312 -46.13 -4.29 -27.19
N ILE D 313 -46.34 -3.71 -26.00
CA ILE D 313 -46.00 -4.43 -24.77
C ILE D 313 -46.80 -5.72 -24.67
N GLY D 314 -48.02 -5.74 -25.20
CA GLY D 314 -48.82 -6.95 -25.20
C GLY D 314 -48.33 -8.04 -26.13
N ASP D 315 -47.38 -7.74 -27.02
CA ASP D 315 -46.85 -8.75 -27.92
C ASP D 315 -45.80 -9.64 -27.26
N LEU D 316 -45.20 -9.17 -26.17
CA LEU D 316 -44.12 -9.90 -25.52
C LEU D 316 -44.65 -11.16 -24.83
N ASP D 317 -44.03 -12.29 -25.13
CA ASP D 317 -44.35 -13.56 -24.47
C ASP D 317 -43.46 -13.85 -23.28
N LEU D 318 -42.27 -13.26 -23.21
CA LEU D 318 -41.32 -13.50 -22.14
C LEU D 318 -40.46 -12.25 -21.99
N VAL D 319 -40.17 -11.88 -20.74
CA VAL D 319 -39.42 -10.66 -20.44
C VAL D 319 -38.38 -10.96 -19.37
N GLU D 320 -37.17 -10.45 -19.59
CA GLU D 320 -36.08 -10.53 -18.61
C GLU D 320 -35.65 -9.11 -18.26
N ALA D 321 -36.02 -8.66 -17.06
CA ALA D 321 -35.64 -7.35 -16.55
C ALA D 321 -34.71 -7.55 -15.36
N ASN D 322 -33.51 -6.98 -15.44
CA ASN D 322 -32.50 -7.20 -14.41
C ASN D 322 -32.91 -6.56 -13.09
N GLU D 323 -32.91 -7.36 -12.03
CA GLU D 323 -33.30 -6.90 -10.70
C GLU D 323 -32.05 -6.48 -9.93
N ALA D 324 -31.57 -5.28 -10.23
CA ALA D 324 -30.47 -4.72 -9.44
C ALA D 324 -30.90 -4.52 -8.00
N PHE D 325 -32.10 -3.97 -7.80
CA PHE D 325 -32.68 -3.79 -6.48
C PHE D 325 -34.17 -4.10 -6.56
N ALA D 326 -34.74 -4.54 -5.44
CA ALA D 326 -36.17 -4.82 -5.40
C ALA D 326 -36.99 -3.56 -5.67
N ALA D 327 -36.52 -2.42 -5.18
CA ALA D 327 -37.24 -1.16 -5.42
C ALA D 327 -37.23 -0.78 -6.89
N GLN D 328 -36.09 -0.99 -7.57
CA GLN D 328 -35.99 -0.62 -8.97
C GLN D 328 -36.88 -1.50 -9.84
N ALA D 329 -36.94 -2.80 -9.56
CA ALA D 329 -37.74 -3.71 -10.38
C ALA D 329 -39.23 -3.47 -10.21
N CYS D 330 -39.65 -3.08 -9.01
CA CYS D 330 -41.07 -2.77 -8.79
C CYS D 330 -41.50 -1.56 -9.60
N ALA D 331 -40.64 -0.53 -9.67
CA ALA D 331 -40.99 0.66 -10.43
C ALA D 331 -41.06 0.38 -11.94
N VAL D 332 -40.19 -0.50 -12.44
CA VAL D 332 -40.20 -0.81 -13.86
C VAL D 332 -41.47 -1.57 -14.23
N ASN D 333 -41.86 -2.55 -13.41
CA ASN D 333 -43.07 -3.31 -13.70
C ASN D 333 -44.32 -2.44 -13.61
N LYS D 334 -44.34 -1.48 -12.68
CA LYS D 334 -45.51 -0.63 -12.53
C LYS D 334 -45.65 0.34 -13.70
N ASP D 335 -44.54 0.93 -14.13
CA ASP D 335 -44.61 1.92 -15.20
C ASP D 335 -44.91 1.26 -16.55
N LEU D 336 -44.11 0.26 -16.94
CA LEU D 336 -44.33 -0.39 -18.22
C LEU D 336 -45.62 -1.19 -18.25
N GLY D 337 -46.07 -1.69 -17.10
CA GLY D 337 -47.35 -2.35 -17.02
C GLY D 337 -47.46 -3.68 -17.73
N TRP D 338 -46.35 -4.38 -17.92
CA TRP D 338 -46.42 -5.71 -18.52
C TRP D 338 -46.81 -6.75 -17.47
N ASP D 339 -47.20 -7.92 -17.96
CA ASP D 339 -47.67 -9.00 -17.08
C ASP D 339 -46.52 -9.49 -16.21
N PRO D 340 -46.59 -9.35 -14.89
CA PRO D 340 -45.48 -9.80 -14.03
C PRO D 340 -45.26 -11.30 -14.04
N SER D 341 -46.20 -12.08 -14.55
CA SER D 341 -46.03 -13.53 -14.62
C SER D 341 -45.10 -13.96 -15.75
N ILE D 342 -44.77 -13.06 -16.68
CA ILE D 342 -43.84 -13.34 -17.76
C ILE D 342 -42.50 -12.64 -17.56
N VAL D 343 -42.29 -12.02 -16.41
CA VAL D 343 -41.09 -11.26 -16.12
C VAL D 343 -40.21 -12.06 -15.18
N ASN D 344 -39.02 -12.45 -15.66
CA ASN D 344 -38.03 -13.18 -14.87
C ASN D 344 -38.61 -14.45 -14.27
N VAL D 345 -39.13 -15.30 -15.16
CA VAL D 345 -39.84 -16.51 -14.72
C VAL D 345 -38.94 -17.48 -13.98
N ASN D 346 -37.61 -17.35 -14.12
CA ASN D 346 -36.66 -18.23 -13.46
C ASN D 346 -35.88 -17.52 -12.35
N GLY D 347 -36.35 -16.35 -11.91
CA GLY D 347 -35.66 -15.58 -10.91
C GLY D 347 -34.82 -14.47 -11.52
N GLY D 348 -34.17 -13.71 -10.64
CA GLY D 348 -33.39 -12.58 -11.07
C GLY D 348 -32.08 -12.41 -10.33
N ALA D 349 -31.44 -11.24 -10.49
CA ALA D 349 -30.13 -11.01 -9.90
C ALA D 349 -30.17 -10.95 -8.38
N ILE D 350 -31.35 -10.74 -7.79
CA ILE D 350 -31.46 -10.71 -6.34
C ILE D 350 -31.14 -12.08 -5.75
N ALA D 351 -31.47 -13.14 -6.47
CA ALA D 351 -31.21 -14.51 -6.03
C ALA D 351 -30.08 -15.18 -6.78
N ILE D 352 -29.94 -14.93 -8.08
CA ILE D 352 -28.93 -15.61 -8.87
C ILE D 352 -27.56 -14.95 -8.70
N GLY D 353 -27.53 -13.63 -8.64
CA GLY D 353 -26.30 -12.88 -8.54
C GLY D 353 -26.18 -11.83 -9.64
N HIS D 354 -25.20 -10.97 -9.45
CA HIS D 354 -25.00 -9.80 -10.34
C HIS D 354 -23.53 -9.60 -10.65
N PRO D 355 -22.97 -10.38 -11.58
CA PRO D 355 -21.63 -10.06 -12.12
C PRO D 355 -21.75 -8.91 -13.11
N ILE D 356 -21.22 -7.74 -12.71
CA ILE D 356 -21.57 -6.48 -13.38
C ILE D 356 -21.30 -6.55 -14.88
N GLY D 357 -20.06 -6.87 -15.26
CA GLY D 357 -19.71 -6.89 -16.67
C GLY D 357 -20.46 -7.93 -17.46
N ALA D 358 -20.79 -9.05 -16.83
CA ALA D 358 -21.43 -10.17 -17.51
C ALA D 358 -22.95 -10.19 -17.34
N SER D 359 -23.51 -9.31 -16.52
CA SER D 359 -24.95 -9.37 -16.23
C SER D 359 -25.78 -9.15 -17.47
N GLY D 360 -25.33 -8.30 -18.40
CA GLY D 360 -26.09 -8.08 -19.62
C GLY D 360 -26.20 -9.32 -20.47
N ALA D 361 -25.11 -10.05 -20.63
CA ALA D 361 -25.12 -11.30 -21.38
C ALA D 361 -25.72 -12.45 -20.57
N ARG D 362 -25.67 -12.37 -19.24
CA ARG D 362 -26.23 -13.42 -18.41
C ARG D 362 -27.74 -13.51 -18.57
N ILE D 363 -28.43 -12.37 -18.42
CA ILE D 363 -29.89 -12.38 -18.56
C ILE D 363 -30.29 -12.68 -20.01
N LEU D 364 -29.41 -12.42 -20.97
CA LEU D 364 -29.69 -12.80 -22.35
C LEU D 364 -29.63 -14.32 -22.52
N ASN D 365 -28.76 -14.99 -21.76
CA ASN D 365 -28.72 -16.45 -21.81
C ASN D 365 -30.01 -17.06 -21.28
N THR D 366 -30.45 -16.61 -20.10
CA THR D 366 -31.69 -17.14 -19.52
C THR D 366 -32.88 -16.87 -20.43
N LEU D 367 -32.91 -15.68 -21.05
CA LEU D 367 -34.02 -15.34 -21.93
C LEU D 367 -34.06 -16.22 -23.17
N LEU D 368 -32.89 -16.55 -23.72
CA LEU D 368 -32.85 -17.34 -24.95
C LEU D 368 -33.23 -18.78 -24.72
N PHE D 369 -32.69 -19.41 -23.66
CA PHE D 369 -32.97 -20.82 -23.42
C PHE D 369 -34.40 -21.03 -22.92
N GLU D 370 -34.91 -20.10 -22.12
CA GLU D 370 -36.29 -20.23 -21.63
C GLU D 370 -37.29 -19.98 -22.76
N MET D 371 -36.97 -19.12 -23.72
CA MET D 371 -37.87 -18.90 -24.85
C MET D 371 -38.06 -20.17 -25.67
N LYS D 372 -36.97 -20.91 -25.92
CA LYS D 372 -37.07 -22.13 -26.69
C LYS D 372 -37.73 -23.25 -25.88
N ARG D 373 -37.59 -23.20 -24.55
CA ARG D 373 -38.13 -24.27 -23.72
C ARG D 373 -39.66 -24.25 -23.74
N ARG D 374 -40.25 -23.06 -23.73
CA ARG D 374 -41.69 -22.91 -23.68
C ARG D 374 -42.30 -22.42 -25.00
N GLY D 375 -41.49 -22.24 -26.04
CA GLY D 375 -42.03 -21.86 -27.33
C GLY D 375 -42.47 -20.43 -27.43
N ALA D 376 -41.87 -19.54 -26.65
CA ALA D 376 -42.20 -18.12 -26.73
C ALA D 376 -41.69 -17.54 -28.04
N ARG D 377 -42.46 -16.63 -28.63
CA ARG D 377 -42.10 -16.06 -29.92
C ARG D 377 -41.33 -14.75 -29.78
N LYS D 378 -41.77 -13.86 -28.91
CA LYS D 378 -41.20 -12.53 -28.77
C LYS D 378 -40.72 -12.31 -27.33
N GLY D 379 -39.45 -11.90 -27.20
CA GLY D 379 -38.87 -11.67 -25.89
C GLY D 379 -38.19 -10.32 -25.84
N LEU D 380 -37.87 -9.90 -24.61
CA LEU D 380 -37.19 -8.63 -24.39
C LEU D 380 -36.31 -8.73 -23.16
N ALA D 381 -35.06 -8.29 -23.30
CA ALA D 381 -34.13 -8.18 -22.19
C ALA D 381 -33.78 -6.71 -21.97
N THR D 382 -33.64 -6.31 -20.71
CA THR D 382 -33.37 -4.92 -20.39
C THR D 382 -32.67 -4.82 -19.04
N LEU D 383 -31.84 -3.79 -18.89
CA LEU D 383 -31.10 -3.56 -17.66
C LEU D 383 -31.04 -2.08 -17.36
N CYS D 384 -30.77 -1.76 -16.10
CA CYS D 384 -30.44 -0.41 -15.68
C CYS D 384 -28.92 -0.28 -15.59
N ILE D 385 -28.42 0.93 -15.84
CA ILE D 385 -27.00 1.19 -15.93
C ILE D 385 -26.65 2.33 -14.99
N GLY D 386 -25.56 2.16 -14.23
CA GLY D 386 -25.09 3.23 -13.37
C GLY D 386 -24.77 4.48 -14.14
N GLY D 387 -24.85 5.61 -13.45
CA GLY D 387 -24.72 6.91 -14.09
C GLY D 387 -25.98 7.37 -14.80
N GLY D 388 -27.07 6.60 -14.72
CA GLY D 388 -28.33 7.00 -15.30
C GLY D 388 -28.49 6.61 -16.75
N MET D 389 -28.49 5.30 -17.02
CA MET D 389 -28.67 4.80 -18.38
C MET D 389 -29.46 3.51 -18.36
N GLY D 390 -30.03 3.17 -19.50
CA GLY D 390 -30.72 1.90 -19.67
C GLY D 390 -30.48 1.34 -21.05
N VAL D 391 -30.58 0.03 -21.15
CA VAL D 391 -30.36 -0.67 -22.42
C VAL D 391 -31.39 -1.80 -22.52
N ALA D 392 -31.88 -2.04 -23.74
CA ALA D 392 -32.88 -3.07 -23.97
C ALA D 392 -32.68 -3.67 -25.35
N MET D 393 -33.08 -4.94 -25.48
CA MET D 393 -32.98 -5.67 -26.73
C MET D 393 -34.22 -6.54 -26.90
N CYS D 394 -34.72 -6.62 -28.11
CA CYS D 394 -35.90 -7.42 -28.44
C CYS D 394 -35.45 -8.64 -29.23
N ILE D 395 -35.95 -9.82 -28.83
CA ILE D 395 -35.53 -11.08 -29.43
C ILE D 395 -36.77 -11.80 -29.96
N GLU D 396 -36.65 -12.35 -31.16
CA GLU D 396 -37.69 -13.15 -31.79
C GLU D 396 -37.16 -14.56 -32.02
N SER D 397 -37.98 -15.56 -31.70
CA SER D 397 -37.52 -16.94 -31.82
C SER D 397 -37.51 -17.36 -33.29
N LEU D 398 -36.74 -18.42 -33.56
CA LEU D 398 -36.63 -18.95 -34.91
C LEU D 398 -36.95 -20.43 -34.93
S SO4 E . 37.87 2.23 37.48
O1 SO4 E . 36.55 1.96 38.06
O2 SO4 E . 38.89 2.04 38.51
O3 SO4 E . 38.12 1.30 36.38
O4 SO4 E . 37.91 3.60 36.99
S SO4 F . 15.85 10.60 45.51
O1 SO4 F . 16.88 10.92 46.50
O2 SO4 F . 15.57 9.17 45.55
O3 SO4 F . 16.33 10.98 44.18
O4 SO4 F . 14.63 11.34 45.82
S SO4 G . 35.69 15.63 12.63
O1 SO4 G . 35.32 14.22 12.73
O2 SO4 G . 36.89 15.88 13.42
O3 SO4 G . 35.96 15.96 11.23
O4 SO4 G . 34.60 16.47 13.12
N1A COA H . 9.80 31.62 8.86
C2A COA H . 8.89 32.05 8.01
N3A COA H . 8.05 31.26 7.36
C4A COA H . 8.10 29.93 7.57
C5A COA H . 9.06 29.45 8.46
C6A COA H . 9.91 30.32 9.11
N6A COA H . 10.81 29.75 9.97
N7A COA H . 8.96 28.11 8.54
C8A COA H . 8.01 27.74 7.76
N9A COA H . 7.44 28.81 7.13
C1B COA H . 6.34 28.71 6.17
C2B COA H . 6.72 27.76 4.99
O2B COA H . 7.40 28.38 3.88
C3B COA H . 5.33 27.23 4.58
O3B COA H . 4.57 28.21 3.86
P3B COA H . 4.37 27.77 2.33
O7A COA H . 3.14 28.42 1.84
O8A COA H . 5.64 28.25 1.45
O9A COA H . 4.18 26.15 2.24
C4B COA H . 4.70 27.00 5.96
O4B COA H . 5.18 28.07 6.78
C5B COA H . 5.19 25.67 6.56
O5B COA H . 5.26 24.62 5.59
P1A COA H . 6.40 23.59 6.10
O1A COA H . 7.66 24.35 6.29
O2A COA H . 6.64 22.47 4.95
O3A COA H . 6.06 22.90 7.53
P2A COA H . 4.75 21.95 7.50
O4A COA H . 3.58 22.81 7.22
O5A COA H . 4.90 20.84 6.34
O6A COA H . 4.55 21.19 8.91
CBP COA H . 4.78 21.28 11.32
CCP COA H . 5.06 22.00 9.99
CDP COA H . 4.81 22.30 12.47
CEP COA H . 3.38 20.69 11.24
CAP COA H . 5.83 20.19 11.58
OAP COA H . 7.13 20.78 11.55
C9P COA H . 5.66 19.44 12.89
O9P COA H . 4.82 18.58 12.99
N8P COA H . 6.44 19.70 13.96
C7P COA H . 6.24 18.94 15.20
C6P COA H . 7.48 19.01 16.10
C5P COA H . 7.35 18.08 17.27
O5P COA H . 6.29 17.54 17.51
N4P COA H . 8.42 17.83 18.07
C3P COA H . 8.33 16.93 19.22
C2P COA H . 7.55 17.58 20.37
S1P COA H . 8.25 17.10 21.96
N NH4 I . 10.62 26.52 12.94
S SO4 J . 33.92 -8.33 34.41
O1 SO4 J . 34.72 -8.46 35.63
O2 SO4 J . 33.92 -6.94 33.99
O3 SO4 J . 34.50 -9.17 33.36
O4 SO4 J . 32.55 -8.76 34.69
S SO4 K . 17.28 0.71 50.75
O1 SO4 K . 17.58 0.71 52.18
O2 SO4 K . 18.46 1.18 50.02
O3 SO4 K . 16.97 -0.66 50.33
O4 SO4 K . 16.15 1.58 50.48
S SO4 L . -3.71 -14.04 39.38
O1 SO4 L . -4.17 -14.57 40.67
O2 SO4 L . -3.27 -12.66 39.56
O3 SO4 L . -2.61 -14.84 38.89
O4 SO4 L . -4.81 -14.08 38.42
N1A COA M . 4.02 -31.28 14.88
C2A COA M . 3.47 -31.76 13.76
N3A COA M . 3.19 -31.01 12.72
C4A COA M . 3.45 -29.69 12.75
C5A COA M . 4.03 -29.17 13.92
C6A COA M . 4.30 -30.00 14.98
N6A COA M . 4.88 -29.39 16.08
N7A COA M . 4.21 -27.85 13.75
C8A COA M . 3.80 -27.52 12.59
N9A COA M . 3.33 -28.61 11.92
C1B COA M . 2.76 -28.56 10.56
C2B COA M . 1.56 -27.56 10.52
O2B COA M . 0.29 -28.09 10.94
C3B COA M . 1.54 -27.23 9.00
O3B COA M . 1.01 -28.35 8.29
P3B COA M . 0.48 -27.89 6.84
O7A COA M . -0.49 -28.92 6.38
O8A COA M . -0.25 -26.45 6.91
O9A COA M . 1.73 -27.86 5.81
C4B COA M . 3.05 -27.04 8.76
O4B COA M . 3.71 -27.99 9.61
C5B COA M . 3.52 -25.65 9.21
O5B COA M . 2.51 -24.65 9.09
P1A COA M . 2.76 -23.56 10.26
O1A COA M . 2.57 -24.22 11.56
O2A COA M . 1.64 -22.38 10.13
O3A COA M . 4.26 -22.94 10.26
P2A COA M . 4.54 -21.90 9.07
O4A COA M . 4.76 -22.68 7.83
O5A COA M . 3.27 -20.89 8.85
O6A COA M . 5.85 -21.00 9.37
CBP COA M . 7.94 -20.86 10.59
CCP COA M . 6.63 -21.64 10.39
CDP COA M . 9.06 -21.83 10.98
CEP COA M . 8.32 -20.20 9.27
CAP COA M . 7.76 -19.78 11.68
OAP COA M . 7.08 -20.35 12.79
C9P COA M . 9.10 -19.24 12.14
O9P COA M . 9.72 -18.44 11.47
N8P COA M . 9.61 -19.61 13.34
C7P COA M . 10.90 -19.09 13.78
C6P COA M . 10.80 -17.71 14.44
C5P COA M . 12.11 -17.45 15.14
O5P COA M . 13.14 -17.38 14.50
N4P COA M . 12.14 -17.29 16.48
C3P COA M . 13.39 -17.05 17.19
C2P COA M . 13.94 -15.65 16.92
S1P COA M . 15.75 -15.73 17.06
N NH4 N . 7.22 -25.87 16.79
S SO4 O . -29.90 11.67 -42.76
O1 SO4 O . -30.53 12.66 -41.89
O2 SO4 O . -29.76 10.40 -42.04
O3 SO4 O . -28.58 12.14 -43.16
O4 SO4 O . -30.72 11.46 -43.94
N1A COA P . 17.46 12.77 -26.60
C2A COA P . 18.49 12.69 -25.78
N3A COA P . 18.42 12.08 -24.60
C4A COA P . 17.28 11.53 -24.21
C5A COA P . 16.17 11.61 -25.06
C6A COA P . 16.29 12.25 -26.28
N6A COA P . 15.16 12.28 -27.05
N7A COA P . 15.12 11.00 -24.48
C8A COA P . 15.49 10.54 -23.35
N9A COA P . 16.81 10.83 -23.12
C1B COA P . 17.54 10.46 -21.89
C2B COA P . 16.89 11.10 -20.63
O2B COA P . 17.28 12.45 -20.31
C3B COA P . 17.38 10.10 -19.54
O3B COA P . 18.78 10.23 -19.32
P3B COA P . 19.05 10.94 -17.90
O7A COA P . 20.52 10.94 -17.70
O8A COA P . 18.49 12.47 -17.94
O9A COA P . 18.33 10.10 -16.71
C4B COA P . 17.13 8.77 -20.28
O4B COA P . 17.43 9.02 -21.65
C5B COA P . 15.64 8.37 -20.18
O5B COA P . 15.04 8.71 -18.93
P1A COA P . 13.51 9.06 -19.28
O1A COA P . 13.49 10.08 -20.34
O2A COA P . 12.79 9.69 -17.95
O3A COA P . 12.67 7.79 -19.85
P2A COA P . 12.63 6.55 -18.83
O4A COA P . 14.02 6.10 -18.59
O5A COA P . 11.96 6.99 -17.43
O6A COA P . 11.77 5.32 -19.45
CBP COA P . 11.01 4.19 -21.42
CCP COA P . 11.77 5.39 -20.87
CDP COA P . 11.46 3.86 -22.84
CEP COA P . 11.30 2.99 -20.52
CAP COA P . 9.49 4.49 -21.44
OAP COA P . 9.28 5.78 -22.00
C9P COA P . 8.67 3.46 -22.19
O9P COA P . 8.59 2.31 -21.80
N8P COA P . 7.98 3.80 -23.31
C7P COA P . 7.19 2.77 -23.99
C6P COA P . 5.96 3.34 -24.68
C5P COA P . 5.10 2.21 -25.19
O5P COA P . 5.30 1.07 -24.81
N4P COA P . 4.11 2.43 -26.08
C3P COA P . 3.32 1.29 -26.54
C2P COA P . 3.02 1.44 -28.03
S1P COA P . 2.40 -0.12 -28.72
S SO4 Q . -13.95 -7.96 -46.75
O1 SO4 Q . -13.34 -6.67 -46.41
O2 SO4 Q . -13.61 -8.94 -45.72
O3 SO4 Q . -13.46 -8.41 -48.05
O4 SO4 Q . -15.40 -7.81 -46.80
S SO4 R . -24.87 -13.18 -45.98
O1 SO4 R . -25.08 -14.04 -44.81
O2 SO4 R . -23.49 -12.70 -45.98
O3 SO4 R . -25.78 -12.05 -45.92
O4 SO4 R . -25.11 -13.95 -47.20
N1A COA S . -32.02 -13.87 3.44
C2A COA S . -31.76 -13.90 4.74
N3A COA S . -30.70 -13.33 5.28
C4A COA S . -29.82 -12.69 4.52
C5A COA S . -30.08 -12.62 3.14
C6A COA S . -31.20 -13.23 2.62
N6A COA S . -31.35 -13.12 1.26
N7A COA S . -29.10 -11.93 2.54
C8A COA S . -28.26 -11.56 3.43
N9A COA S . -28.65 -11.98 4.67
C1B COA S . -27.88 -11.72 5.92
C2B COA S . -26.54 -12.52 5.94
O2B COA S . -26.61 -13.84 6.49
C3B COA S . -25.64 -11.62 6.85
O3B COA S . -25.87 -11.94 8.22
P3B COA S . -24.68 -11.37 9.15
O7A COA S . -23.84 -10.40 8.43
O8A COA S . -25.34 -10.66 10.44
O9A COA S . -23.74 -12.62 9.62
C4B COA S . -26.15 -10.19 6.48
O4B COA S . -27.46 -10.32 5.94
C5B COA S . -25.25 -9.46 5.45
O5B COA S . -24.92 -10.29 4.34
P1A COA S . -23.73 -9.58 3.50
O1A COA S . -22.45 -10.25 3.82
O2A COA S . -24.06 -9.75 1.92
O3A COA S . -23.61 -8.00 3.84
P2A COA S . -22.51 -7.23 2.94
O4A COA S . -22.41 -5.86 3.50
O5A COA S . -21.04 -7.94 3.06
O6A COA S . -22.90 -7.12 1.37
CBP COA S . -24.27 -5.37 0.29
CCP COA S . -24.21 -6.55 1.27
CDP COA S . -25.73 -4.93 0.15
CEP COA S . -23.47 -4.21 0.88
CAP COA S . -23.71 -5.72 -1.10
OAP COA S . -24.10 -7.03 -1.48
C9P COA S . -24.18 -4.74 -2.15
O9P COA S . -23.77 -3.60 -2.17
N8P COA S . -25.06 -5.11 -3.09
C7P COA S . -25.53 -4.17 -4.11
C6P COA S . -24.55 -4.06 -5.28
C5P COA S . -25.25 -3.41 -6.44
O5P COA S . -25.40 -2.20 -6.46
N4P COA S . -25.71 -4.16 -7.45
C3P COA S . -26.41 -3.57 -8.59
C2P COA S . -25.44 -2.81 -9.50
S1P COA S . -26.16 -1.19 -9.88
S SO4 T . -21.83 -28.04 -22.40
O1 SO4 T . -22.80 -27.67 -21.37
O2 SO4 T . -20.88 -29.00 -21.85
O3 SO4 T . -21.13 -26.85 -22.86
O4 SO4 T . -22.54 -28.66 -23.52
N NH4 U . -29.47 -10.78 -2.06
C1 GOL V . -19.90 -22.00 -46.04
O1 GOL V . -20.97 -22.89 -45.94
C2 GOL V . -20.09 -20.94 -44.94
O2 GOL V . -19.58 -21.37 -43.73
C3 GOL V . -19.35 -19.68 -45.47
O3 GOL V . -17.98 -19.96 -45.38
#